data_6XGM
# 
_entry.id   6XGM 
# 
_audit_conform.dict_name       mmcif_pdbx.dic 
_audit_conform.dict_version    5.380 
_audit_conform.dict_location   http://mmcif.pdb.org/dictionaries/ascii/mmcif_pdbx.dic 
# 
loop_
_database_2.database_id 
_database_2.database_code 
_database_2.pdbx_database_accession 
_database_2.pdbx_DOI 
PDB   6XGM         pdb_00006xgm 10.2210/pdb6xgm/pdb 
WWPDB D_1000249232 ?            ?                   
# 
_pdbx_database_status.status_code                     REL 
_pdbx_database_status.status_code_sf                  REL 
_pdbx_database_status.status_code_mr                  ? 
_pdbx_database_status.entry_id                        6XGM 
_pdbx_database_status.recvd_initial_deposition_date   2020-06-17 
_pdbx_database_status.SG_entry                        N 
_pdbx_database_status.deposit_site                    RCSB 
_pdbx_database_status.process_site                    RCSB 
_pdbx_database_status.status_code_cs                  ? 
_pdbx_database_status.status_code_nmr_data            ? 
_pdbx_database_status.methods_development_category    ? 
_pdbx_database_status.pdb_format_compatible           Y 
# 
loop_
_audit_author.name 
_audit_author.pdbx_ordinal 
_audit_author.identifier_ORCID 
'Simmons, C.R.'      1 0000-0002-2290-6132 
'MacCulloch, T.'     2 0000-0001-5875-3361 
'Stephanopoulos, N.' 3 0000-0001-7859-410X 
'Yan, H.'            4 0000-0001-7397-9852 
# 
_citation.abstract                  ? 
_citation.abstract_id_CAS           ? 
_citation.book_id_ISBN              ? 
_citation.book_publisher            ? 
_citation.book_publisher_city       ? 
_citation.book_title                ? 
_citation.coordinate_linkage        ? 
_citation.country                   UK 
_citation.database_id_Medline       ? 
_citation.details                   ? 
_citation.id                        primary 
_citation.journal_abbrev            'Nat Commun' 
_citation.journal_id_ASTM           ? 
_citation.journal_id_CSD            ? 
_citation.journal_id_ISSN           2041-1723 
_citation.journal_full              ? 
_citation.journal_issue             ? 
_citation.journal_volume            13 
_citation.language                  ? 
_citation.page_first                3112 
_citation.page_last                 3112 
_citation.title                     'The influence of Holliday junction sequence and dynamics on DNA crystal self-assembly.' 
_citation.year                      2022 
_citation.database_id_CSD           ? 
_citation.pdbx_database_id_DOI      10.1038/s41467-022-30779-6 
_citation.pdbx_database_id_PubMed   35662248 
_citation.unpublished_flag          ? 
# 
loop_
_citation_author.citation_id 
_citation_author.name 
_citation_author.ordinal 
_citation_author.identifier_ORCID 
primary 'Simmons, C.R.'      1  ?                   
primary 'MacCulloch, T.'     2  ?                   
primary 'Krepl, M.'          3  0000-0002-9833-4281 
primary 'Matthies, M.'       4  ?                   
primary 'Buchberger, A.'     5  ?                   
primary 'Crawford, I.'       6  ?                   
primary 'Sponer, J.'         7  0000-0001-6558-6186 
primary 'Sulc, P.'           8  0000-0003-1565-6769 
primary 'Stephanopoulos, N.' 9  0000-0001-7859-410X 
primary 'Yan, H.'            10 0000-0001-7397-9852 
# 
_cell.angle_alpha                  90.000 
_cell.angle_alpha_esd              ? 
_cell.angle_beta                   90.000 
_cell.angle_beta_esd               ? 
_cell.angle_gamma                  120.000 
_cell.angle_gamma_esd              ? 
_cell.entry_id                     6XGM 
_cell.details                      ? 
_cell.formula_units_Z              ? 
_cell.length_a                     69.023 
_cell.length_a_esd                 ? 
_cell.length_b                     69.023 
_cell.length_b_esd                 ? 
_cell.length_c                     59.453 
_cell.length_c_esd                 ? 
_cell.volume                       ? 
_cell.volume_esd                   ? 
_cell.Z_PDB                        3 
_cell.reciprocal_angle_alpha       ? 
_cell.reciprocal_angle_beta        ? 
_cell.reciprocal_angle_gamma       ? 
_cell.reciprocal_angle_alpha_esd   ? 
_cell.reciprocal_angle_beta_esd    ? 
_cell.reciprocal_angle_gamma_esd   ? 
_cell.reciprocal_length_a          ? 
_cell.reciprocal_length_b          ? 
_cell.reciprocal_length_c          ? 
_cell.reciprocal_length_a_esd      ? 
_cell.reciprocal_length_b_esd      ? 
_cell.reciprocal_length_c_esd      ? 
_cell.pdbx_unique_axis             ? 
# 
_symmetry.entry_id                         6XGM 
_symmetry.cell_setting                     ? 
_symmetry.Int_Tables_number                145 
_symmetry.space_group_name_Hall            ? 
_symmetry.space_group_name_H-M             'P 32' 
_symmetry.pdbx_full_space_group_name_H-M   ? 
# 
loop_
_entity.id 
_entity.type 
_entity.src_method 
_entity.pdbx_description 
_entity.formula_weight 
_entity.pdbx_number_of_molecules 
_entity.pdbx_ec 
_entity.pdbx_mutation 
_entity.pdbx_fragment 
_entity.details 
1 polymer     syn 
;DNA (5'-D(*GP*AP*GP*CP*AP*GP*AP*CP*GP*AP*G)-3')
;
3432.262 1 ? ? ? ? 
2 polymer     syn 
;DNA (5'-D(P*AP*CP*CP*GP*CP*AP*CP*TP*CP*A)-3')
;
2973.971 1 ? ? ? ? 
3 polymer     syn 
;DNA (5'-D(P*CP*TP*GP*GP*T)-3')
;
1511.022 1 ? ? ? ? 
4 polymer     syn 
;DNA (5'-D(*TP*CP*TP*GP*AP*GP*TP*GP*CP*CP*GP*TP*CP*TP*GP*C)-3')
;
4881.151 1 ? ? ? ? 
5 non-polymer syn 'COBALT (II) ION'                                                58.933   2 ? ? ? ? 
# 
loop_
_entity_poly.entity_id 
_entity_poly.type 
_entity_poly.nstd_linkage 
_entity_poly.nstd_monomer 
_entity_poly.pdbx_seq_one_letter_code 
_entity_poly.pdbx_seq_one_letter_code_can 
_entity_poly.pdbx_strand_id 
_entity_poly.pdbx_target_identifier 
1 polydeoxyribonucleotide no no '(DG)(DA)(DG)(DC)(DA)(DG)(DA)(DC)(DG)(DA)(DG)'                     GAGCAGACGAG      A ? 
2 polydeoxyribonucleotide no no '(DA)(DC)(DC)(DG)(DC)(DA)(DC)(DT)(DC)(DA)'                         ACCGCACTCA       B ? 
3 polydeoxyribonucleotide no no '(DC)(DT)(DG)(DG)(DT)'                                             CTGGT            C ? 
4 polydeoxyribonucleotide no no '(DT)(DC)(DT)(DG)(DA)(DG)(DT)(DG)(DC)(DC)(DG)(DT)(DC)(DT)(DG)(DC)' TCTGAGTGCCGTCTGC D ? 
# 
loop_
_entity_poly_seq.entity_id 
_entity_poly_seq.num 
_entity_poly_seq.mon_id 
_entity_poly_seq.hetero 
1 1  DG n 
1 2  DA n 
1 3  DG n 
1 4  DC n 
1 5  DA n 
1 6  DG n 
1 7  DA n 
1 8  DC n 
1 9  DG n 
1 10 DA n 
1 11 DG n 
2 1  DA n 
2 2  DC n 
2 3  DC n 
2 4  DG n 
2 5  DC n 
2 6  DA n 
2 7  DC n 
2 8  DT n 
2 9  DC n 
2 10 DA n 
3 1  DC n 
3 2  DT n 
3 3  DG n 
3 4  DG n 
3 5  DT n 
4 1  DT n 
4 2  DC n 
4 3  DT n 
4 4  DG n 
4 5  DA n 
4 6  DG n 
4 7  DT n 
4 8  DG n 
4 9  DC n 
4 10 DC n 
4 11 DG n 
4 12 DT n 
4 13 DC n 
4 14 DT n 
4 15 DG n 
4 16 DC n 
# 
loop_
_pdbx_entity_src_syn.entity_id 
_pdbx_entity_src_syn.pdbx_src_id 
_pdbx_entity_src_syn.pdbx_alt_source_flag 
_pdbx_entity_src_syn.pdbx_beg_seq_num 
_pdbx_entity_src_syn.pdbx_end_seq_num 
_pdbx_entity_src_syn.organism_scientific 
_pdbx_entity_src_syn.organism_common_name 
_pdbx_entity_src_syn.ncbi_taxonomy_id 
_pdbx_entity_src_syn.details 
1 1 sample 1 11 'synthetic construct' ? 32630 ? 
2 1 sample 1 10 'synthetic construct' ? 32630 ? 
3 1 sample 1 5  'synthetic construct' ? 32630 ? 
4 1 sample 1 16 'synthetic construct' ? 32630 ? 
# 
loop_
_struct_ref.id 
_struct_ref.db_name 
_struct_ref.db_code 
_struct_ref.pdbx_db_accession 
_struct_ref.pdbx_db_isoform 
_struct_ref.entity_id 
_struct_ref.pdbx_seq_one_letter_code 
_struct_ref.pdbx_align_begin 
1 PDB 6XGM 6XGM ? 1 ? 1 
2 PDB 6XGM 6XGM ? 2 ? 1 
3 PDB 6XGM 6XGM ? 3 ? 1 
4 PDB 6XGM 6XGM ? 4 ? 1 
# 
loop_
_struct_ref_seq.align_id 
_struct_ref_seq.ref_id 
_struct_ref_seq.pdbx_PDB_id_code 
_struct_ref_seq.pdbx_strand_id 
_struct_ref_seq.seq_align_beg 
_struct_ref_seq.pdbx_seq_align_beg_ins_code 
_struct_ref_seq.seq_align_end 
_struct_ref_seq.pdbx_seq_align_end_ins_code 
_struct_ref_seq.pdbx_db_accession 
_struct_ref_seq.db_align_beg 
_struct_ref_seq.pdbx_db_align_beg_ins_code 
_struct_ref_seq.db_align_end 
_struct_ref_seq.pdbx_db_align_end_ins_code 
_struct_ref_seq.pdbx_auth_seq_align_beg 
_struct_ref_seq.pdbx_auth_seq_align_end 
1 1 6XGM A 1 ? 11 ? 6XGM 1  ? 11 ? 1  11 
2 2 6XGM B 1 ? 10 ? 6XGM 12 ? 21 ? 12 21 
3 3 6XGM C 1 ? 5  ? 6XGM 1  ? 5  ? 1  5  
4 4 6XGM D 1 ? 16 ? 6XGM 1  ? 16 ? 1  16 
# 
loop_
_chem_comp.id 
_chem_comp.type 
_chem_comp.mon_nstd_flag 
_chem_comp.name 
_chem_comp.pdbx_synonyms 
_chem_comp.formula 
_chem_comp.formula_weight 
CO non-polymer   . 'COBALT (II) ION'                    ? 'Co 2'            58.933  
DA 'DNA linking' y "2'-DEOXYADENOSINE-5'-MONOPHOSPHATE" ? 'C10 H14 N5 O6 P' 331.222 
DC 'DNA linking' y "2'-DEOXYCYTIDINE-5'-MONOPHOSPHATE"  ? 'C9 H14 N3 O7 P'  307.197 
DG 'DNA linking' y "2'-DEOXYGUANOSINE-5'-MONOPHOSPHATE" ? 'C10 H14 N5 O7 P' 347.221 
DT 'DNA linking' y "THYMIDINE-5'-MONOPHOSPHATE"         ? 'C10 H15 N2 O8 P' 322.208 
# 
_exptl.absorpt_coefficient_mu     ? 
_exptl.absorpt_correction_T_max   ? 
_exptl.absorpt_correction_T_min   ? 
_exptl.absorpt_correction_type    ? 
_exptl.absorpt_process_details    ? 
_exptl.entry_id                   6XGM 
_exptl.crystals_number            1 
_exptl.details                    ? 
_exptl.method                     'X-RAY DIFFRACTION' 
_exptl.method_details             ? 
# 
_exptl_crystal.colour                      ? 
_exptl_crystal.density_diffrn              ? 
_exptl_crystal.density_Matthews            6.39 
_exptl_crystal.density_method              ? 
_exptl_crystal.density_percent_sol         80.75 
_exptl_crystal.description                 ? 
_exptl_crystal.F_000                       ? 
_exptl_crystal.id                          1 
_exptl_crystal.preparation                 ? 
_exptl_crystal.size_max                    ? 
_exptl_crystal.size_mid                    ? 
_exptl_crystal.size_min                    ? 
_exptl_crystal.size_rad                    ? 
_exptl_crystal.colour_lustre               ? 
_exptl_crystal.colour_modifier             ? 
_exptl_crystal.colour_primary              ? 
_exptl_crystal.density_meas                ? 
_exptl_crystal.density_meas_esd            ? 
_exptl_crystal.density_meas_gt             ? 
_exptl_crystal.density_meas_lt             ? 
_exptl_crystal.density_meas_temp           ? 
_exptl_crystal.density_meas_temp_esd       ? 
_exptl_crystal.density_meas_temp_gt        ? 
_exptl_crystal.density_meas_temp_lt        ? 
_exptl_crystal.pdbx_crystal_image_url      ? 
_exptl_crystal.pdbx_crystal_image_format   ? 
_exptl_crystal.pdbx_mosaicity              ? 
_exptl_crystal.pdbx_mosaicity_esd          ? 
# 
_exptl_crystal_grow.apparatus       ? 
_exptl_crystal_grow.atmosphere      ? 
_exptl_crystal_grow.crystal_id      1 
_exptl_crystal_grow.details         ? 
_exptl_crystal_grow.method          'VAPOR DIFFUSION, SITTING DROP' 
_exptl_crystal_grow.method_ref      ? 
_exptl_crystal_grow.pH              ? 
_exptl_crystal_grow.pressure        ? 
_exptl_crystal_grow.pressure_esd    ? 
_exptl_crystal_grow.seeding         ? 
_exptl_crystal_grow.seeding_ref     ? 
_exptl_crystal_grow.temp            298 
_exptl_crystal_grow.temp_details    'temperature gradient generated from 60 to 25 C at 0.3 degrees per hour' 
_exptl_crystal_grow.temp_esd        ? 
_exptl_crystal_grow.time            ? 
_exptl_crystal_grow.pdbx_details    
;0.5 mL of 0.05 M TRIS pH 8.0 with 10 mM MgCl2, 1.0 mM CoH18N6, and 20% Ethanol  was added to the reservoir with 2 uL added to the drop containing 4 uL of DNA stock
;
_exptl_crystal_grow.pdbx_pH_range   ? 
# 
_diffrn.ambient_environment              ? 
_diffrn.ambient_temp                     100 
_diffrn.ambient_temp_details             ? 
_diffrn.ambient_temp_esd                 ? 
_diffrn.crystal_id                       1 
_diffrn.crystal_support                  ? 
_diffrn.crystal_treatment                ? 
_diffrn.details                          ? 
_diffrn.id                               1 
_diffrn.ambient_pressure                 ? 
_diffrn.ambient_pressure_esd             ? 
_diffrn.ambient_pressure_gt              ? 
_diffrn.ambient_pressure_lt              ? 
_diffrn.ambient_temp_gt                  ? 
_diffrn.ambient_temp_lt                  ? 
_diffrn.pdbx_serial_crystal_experiment   N 
# 
_diffrn_detector.details                      ? 
_diffrn_detector.detector                     PIXEL 
_diffrn_detector.diffrn_id                    1 
_diffrn_detector.type                         'DECTRIS PILATUS3 6M' 
_diffrn_detector.area_resol_mean              ? 
_diffrn_detector.dtime                        ? 
_diffrn_detector.pdbx_frames_total            ? 
_diffrn_detector.pdbx_collection_time_total   ? 
_diffrn_detector.pdbx_collection_date         2019-08-15 
_diffrn_detector.pdbx_frequency               ? 
# 
_diffrn_radiation.collimation                      ? 
_diffrn_radiation.diffrn_id                        1 
_diffrn_radiation.filter_edge                      ? 
_diffrn_radiation.inhomogeneity                    ? 
_diffrn_radiation.monochromator                    ? 
_diffrn_radiation.polarisn_norm                    ? 
_diffrn_radiation.polarisn_ratio                   ? 
_diffrn_radiation.probe                            ? 
_diffrn_radiation.type                             ? 
_diffrn_radiation.xray_symbol                      ? 
_diffrn_radiation.wavelength_id                    1 
_diffrn_radiation.pdbx_monochromatic_or_laue_m_l   M 
_diffrn_radiation.pdbx_wavelength_list             ? 
_diffrn_radiation.pdbx_wavelength                  ? 
_diffrn_radiation.pdbx_diffrn_protocol             'SINGLE WAVELENGTH' 
_diffrn_radiation.pdbx_analyzer                    ? 
_diffrn_radiation.pdbx_scattering_type             x-ray 
# 
_diffrn_radiation_wavelength.id           1 
_diffrn_radiation_wavelength.wavelength   1 
_diffrn_radiation_wavelength.wt           1.0 
# 
_diffrn_source.current                     ? 
_diffrn_source.details                     ? 
_diffrn_source.diffrn_id                   1 
_diffrn_source.power                       ? 
_diffrn_source.size                        ? 
_diffrn_source.source                      SYNCHROTRON 
_diffrn_source.target                      ? 
_diffrn_source.type                        'APS BEAMLINE 19-ID' 
_diffrn_source.voltage                     ? 
_diffrn_source.take-off_angle              ? 
_diffrn_source.pdbx_wavelength_list        1 
_diffrn_source.pdbx_wavelength             ? 
_diffrn_source.pdbx_synchrotron_beamline   19-ID 
_diffrn_source.pdbx_synchrotron_site       APS 
# 
_reflns.B_iso_Wilson_estimate            ? 
_reflns.entry_id                         6XGM 
_reflns.data_reduction_details           ? 
_reflns.data_reduction_method            ? 
_reflns.d_resolution_high                3.100 
_reflns.d_resolution_low                 59.78 
_reflns.details                          ? 
_reflns.limit_h_max                      ? 
_reflns.limit_h_min                      ? 
_reflns.limit_k_max                      ? 
_reflns.limit_k_min                      ? 
_reflns.limit_l_max                      ? 
_reflns.limit_l_min                      ? 
_reflns.number_all                       ? 
_reflns.number_obs                       5321 
_reflns.observed_criterion               ? 
_reflns.observed_criterion_F_max         ? 
_reflns.observed_criterion_F_min         ? 
_reflns.observed_criterion_I_max         ? 
_reflns.observed_criterion_I_min         ? 
_reflns.observed_criterion_sigma_F       ? 
_reflns.observed_criterion_sigma_I       ? 
_reflns.percent_possible_obs             93.100 
_reflns.R_free_details                   ? 
_reflns.Rmerge_F_all                     ? 
_reflns.Rmerge_F_obs                     ? 
_reflns.Friedel_coverage                 ? 
_reflns.number_gt                        ? 
_reflns.threshold_expression             ? 
_reflns.pdbx_redundancy                  8.400 
_reflns.pdbx_Rmerge_I_obs                0.240 
_reflns.pdbx_Rmerge_I_all                ? 
_reflns.pdbx_Rsym_value                  ? 
_reflns.pdbx_netI_over_av_sigmaI         ? 
_reflns.pdbx_netI_over_sigmaI            5.100 
_reflns.pdbx_res_netI_over_av_sigmaI_2   ? 
_reflns.pdbx_res_netI_over_sigmaI_2      ? 
_reflns.pdbx_chi_squared                 5.324 
_reflns.pdbx_scaling_rejects             ? 
_reflns.pdbx_d_res_high_opt              ? 
_reflns.pdbx_d_res_low_opt               ? 
_reflns.pdbx_d_res_opt_method            ? 
_reflns.phase_calculation_details        ? 
_reflns.pdbx_Rrim_I_all                  0.254 
_reflns.pdbx_Rpim_I_all                  0.081 
_reflns.pdbx_d_opt                       ? 
_reflns.pdbx_number_measured_all         ? 
_reflns.pdbx_diffrn_id                   1 
_reflns.pdbx_ordinal                     1 
_reflns.pdbx_CC_half                     ? 
_reflns.pdbx_CC_star                     ? 
_reflns.pdbx_R_split                     ? 
# 
loop_
_reflns_shell.d_res_high 
_reflns_shell.d_res_low 
_reflns_shell.meanI_over_sigI_all 
_reflns_shell.meanI_over_sigI_obs 
_reflns_shell.number_measured_all 
_reflns_shell.number_measured_obs 
_reflns_shell.number_possible 
_reflns_shell.number_unique_all 
_reflns_shell.number_unique_obs 
_reflns_shell.percent_possible_all 
_reflns_shell.percent_possible_obs 
_reflns_shell.Rmerge_F_all 
_reflns_shell.Rmerge_F_obs 
_reflns_shell.Rmerge_I_all 
_reflns_shell.Rmerge_I_obs 
_reflns_shell.meanI_over_sigI_gt 
_reflns_shell.meanI_over_uI_all 
_reflns_shell.meanI_over_uI_gt 
_reflns_shell.number_measured_gt 
_reflns_shell.number_unique_gt 
_reflns_shell.percent_possible_gt 
_reflns_shell.Rmerge_F_gt 
_reflns_shell.Rmerge_I_gt 
_reflns_shell.pdbx_redundancy 
_reflns_shell.pdbx_Rsym_value 
_reflns_shell.pdbx_chi_squared 
_reflns_shell.pdbx_netI_over_sigmaI_all 
_reflns_shell.pdbx_netI_over_sigmaI_obs 
_reflns_shell.pdbx_Rrim_I_all 
_reflns_shell.pdbx_Rpim_I_all 
_reflns_shell.pdbx_rejects 
_reflns_shell.pdbx_ordinal 
_reflns_shell.pdbx_diffrn_id 
_reflns_shell.pdbx_CC_half 
_reflns_shell.pdbx_CC_star 
_reflns_shell.pdbx_R_split 
3.100 3.150  ? ? ? ? ? ? 190 65.700  ? ? ? ? 1.151 ? ? ? ? ? ? ? ? 5.000  ? 0.465  ? ? 1.243 0.459 ? 1  1 0.822 ? ? 
3.150 3.210  ? ? ? ? ? ? 187 68.800  ? ? ? ? 0.465 ? ? ? ? ? ? ? ? 4.700  ? 0.839  ? ? 0.504 0.189 ? 2  1 0.978 ? ? 
3.210 3.270  ? ? ? ? ? ? 242 80.100  ? ? ? ? 0.285 ? ? ? ? ? ? ? ? 5.200  ? 1.747  ? ? 0.304 0.105 ? 3  1 0.986 ? ? 
3.270 3.340  ? ? ? ? ? ? 209 76.300  ? ? ? ? 0.538 ? ? ? ? ? ? ? ? 5.200  ? 0.669  ? ? 0.581 0.217 ? 4  1 0.985 ? ? 
3.340 3.410  ? ? ? ? ? ? 266 87.500  ? ? ? ? 0.570 ? ? ? ? ? ? ? ? 5.700  ? 0.687  ? ? 0.615 0.228 ? 5  1 0.946 ? ? 
3.410 3.490  ? ? ? ? ? ? 271 93.400  ? ? ? ? 0.634 ? ? ? ? ? ? ? ? 5.500  ? 0.684  ? ? 0.687 0.258 ? 6  1 0.977 ? ? 
3.490 3.580  ? ? ? ? ? ? 255 94.100  ? ? ? ? 0.583 ? ? ? ? ? ? ? ? 6.100  ? 0.749  ? ? 0.627 0.226 ? 7  1 0.959 ? ? 
3.580 3.680  ? ? ? ? ? ? 281 97.600  ? ? ? ? 0.718 ? ? ? ? ? ? ? ? 6.200  ? 0.641  ? ? 0.773 0.280 ? 8  1 0.954 ? ? 
3.680 3.780  ? ? ? ? ? ? 274 98.600  ? ? ? ? 1.092 ? ? ? ? ? ? ? ? 7.500  ? 0.475  ? ? 1.169 0.409 ? 9  1 0.869 ? ? 
3.780 3.910  ? ? ? ? ? ? 297 100.000 ? ? ? ? 0.885 ? ? ? ? ? ? ? ? 9.000  ? 0.578  ? ? 0.936 0.300 ? 10 1 0.945 ? ? 
3.910 4.040  ? ? ? ? ? ? 296 100.000 ? ? ? ? 0.619 ? ? ? ? ? ? ? ? 10.100 ? 0.737  ? ? 0.651 0.200 ? 11 1 0.952 ? ? 
4.040 4.210  ? ? ? ? ? ? 258 100.000 ? ? ? ? 0.545 ? ? ? ? ? ? ? ? 10.200 ? 0.905  ? ? 0.573 0.176 ? 12 1 0.962 ? ? 
4.210 4.400  ? ? ? ? ? ? 287 100.000 ? ? ? ? 0.457 ? ? ? ? ? ? ? ? 10.500 ? 0.880  ? ? 0.480 0.146 ? 13 1 0.967 ? ? 
4.400 4.630  ? ? ? ? ? ? 290 100.000 ? ? ? ? 0.370 ? ? ? ? ? ? ? ? 10.500 ? 0.961  ? ? 0.389 0.119 ? 14 1 0.976 ? ? 
4.630 4.920  ? ? ? ? ? ? 297 100.000 ? ? ? ? 0.272 ? ? ? ? ? ? ? ? 9.300  ? 1.678  ? ? 0.288 0.095 ? 15 1 0.964 ? ? 
4.920 5.300  ? ? ? ? ? ? 284 100.000 ? ? ? ? 0.221 ? ? ? ? ? ? ? ? 11.000 ? 3.006  ? ? 0.232 0.070 ? 16 1 0.983 ? ? 
5.300 5.830  ? ? ? ? ? ? 270 99.600  ? ? ? ? 0.194 ? ? ? ? ? ? ? ? 11.000 ? 5.006  ? ? 0.204 0.061 ? 17 1 0.982 ? ? 
5.830 6.670  ? ? ? ? ? ? 293 99.700  ? ? ? ? 0.175 ? ? ? ? ? ? ? ? 10.600 ? 5.870  ? ? 0.184 0.056 ? 18 1 0.976 ? ? 
6.670 8.400  ? ? ? ? ? ? 284 99.600  ? ? ? ? 0.116 ? ? ? ? ? ? ? ? 10.000 ? 12.143 ? ? 0.121 0.037 ? 19 1 0.993 ? ? 
8.400 50.000 ? ? ? ? ? ? 290 100.000 ? ? ? ? 0.230 ? ? ? ? ? ? ? ? 10.500 ? 42.940 ? ? 0.243 0.077 ? 20 1 0.965 ? ? 
# 
_refine.aniso_B[1][1]                            -0.2500 
_refine.aniso_B[1][2]                            -0.1200 
_refine.aniso_B[1][3]                            0.0000 
_refine.aniso_B[2][2]                            -0.2500 
_refine.aniso_B[2][3]                            0.0000 
_refine.aniso_B[3][3]                            0.8000 
_refine.B_iso_max                                308.940 
_refine.B_iso_mean                               126.2880 
_refine.B_iso_min                                51.320 
_refine.correlation_coeff_Fo_to_Fc               0.9760 
_refine.correlation_coeff_Fo_to_Fc_free          0.9650 
_refine.details                                  
'HYDROGENS HAVE BEEN ADDED IN THE RIDING POSITIONS U VALUES      : REFINED INDIVIDUALLY' 
_refine.diff_density_max                         ? 
_refine.diff_density_max_esd                     ? 
_refine.diff_density_min                         ? 
_refine.diff_density_min_esd                     ? 
_refine.diff_density_rms                         ? 
_refine.diff_density_rms_esd                     ? 
_refine.entry_id                                 6XGM 
_refine.pdbx_refine_id                           'X-RAY DIFFRACTION' 
_refine.ls_abs_structure_details                 ? 
_refine.ls_abs_structure_Flack                   ? 
_refine.ls_abs_structure_Flack_esd               ? 
_refine.ls_abs_structure_Rogers                  ? 
_refine.ls_abs_structure_Rogers_esd              ? 
_refine.ls_d_res_high                            3.1100 
_refine.ls_d_res_low                             50.0 
_refine.ls_extinction_coef                       ? 
_refine.ls_extinction_coef_esd                   ? 
_refine.ls_extinction_expression                 ? 
_refine.ls_extinction_method                     ? 
_refine.ls_goodness_of_fit_all                   ? 
_refine.ls_goodness_of_fit_all_esd               ? 
_refine.ls_goodness_of_fit_obs                   ? 
_refine.ls_goodness_of_fit_obs_esd               ? 
_refine.ls_hydrogen_treatment                    ? 
_refine.ls_matrix_type                           ? 
_refine.ls_number_constraints                    ? 
_refine.ls_number_parameters                     ? 
_refine.ls_number_reflns_all                     ? 
_refine.ls_number_reflns_obs                     4948 
_refine.ls_number_reflns_R_free                  272 
_refine.ls_number_reflns_R_work                  ? 
_refine.ls_number_restraints                     ? 
_refine.ls_percent_reflns_obs                    91.5600 
_refine.ls_percent_reflns_R_free                 5.2000 
_refine.ls_R_factor_all                          ? 
_refine.ls_R_factor_obs                          0.2199 
_refine.ls_R_factor_R_free                       0.2345 
_refine.ls_R_factor_R_free_error                 ? 
_refine.ls_R_factor_R_free_error_details         ? 
_refine.ls_R_factor_R_work                       0.2190 
_refine.ls_R_Fsqd_factor_obs                     ? 
_refine.ls_R_I_factor_obs                        ? 
_refine.ls_redundancy_reflns_all                 ? 
_refine.ls_redundancy_reflns_obs                 ? 
_refine.ls_restrained_S_all                      ? 
_refine.ls_restrained_S_obs                      ? 
_refine.ls_shift_over_esd_max                    ? 
_refine.ls_shift_over_esd_mean                   ? 
_refine.ls_structure_factor_coef                 ? 
_refine.ls_weighting_details                     ? 
_refine.ls_weighting_scheme                      ? 
_refine.ls_wR_factor_all                         ? 
_refine.ls_wR_factor_obs                         ? 
_refine.ls_wR_factor_R_free                      ? 
_refine.ls_wR_factor_R_work                      ? 
_refine.occupancy_max                            ? 
_refine.occupancy_min                            ? 
_refine.solvent_model_details                    MASK 
_refine.solvent_model_param_bsol                 ? 
_refine.solvent_model_param_ksol                 ? 
_refine.pdbx_R_complete                          ? 
_refine.ls_R_factor_gt                           ? 
_refine.ls_goodness_of_fit_gt                    ? 
_refine.ls_goodness_of_fit_ref                   ? 
_refine.ls_shift_over_su_max                     ? 
_refine.ls_shift_over_su_max_lt                  ? 
_refine.ls_shift_over_su_mean                    ? 
_refine.ls_shift_over_su_mean_lt                 ? 
_refine.pdbx_ls_sigma_I                          ? 
_refine.pdbx_ls_sigma_F                          0.000 
_refine.pdbx_ls_sigma_Fsqd                       ? 
_refine.pdbx_data_cutoff_high_absF               ? 
_refine.pdbx_data_cutoff_high_rms_absF           ? 
_refine.pdbx_data_cutoff_low_absF                ? 
_refine.pdbx_isotropic_thermal_model             ? 
_refine.pdbx_ls_cross_valid_method               THROUGHOUT 
_refine.pdbx_method_to_determine_struct          'MOLECULAR REPLACEMENT' 
_refine.pdbx_starting_model                      6x8c 
_refine.pdbx_stereochemistry_target_values       'MAXIMUM LIKELIHOOD' 
_refine.pdbx_R_Free_selection_details            RANDOM 
_refine.pdbx_stereochem_target_val_spec_case     ? 
_refine.pdbx_overall_ESU_R                       0.5360 
_refine.pdbx_overall_ESU_R_Free                  0.3180 
_refine.pdbx_solvent_vdw_probe_radii             1.2000 
_refine.pdbx_solvent_ion_probe_radii             0.8000 
_refine.pdbx_solvent_shrinkage_radii             0.8000 
_refine.pdbx_real_space_R                        ? 
_refine.pdbx_density_correlation                 ? 
_refine.pdbx_pd_number_of_powder_patterns        ? 
_refine.pdbx_pd_number_of_points                 ? 
_refine.pdbx_pd_meas_number_of_points            ? 
_refine.pdbx_pd_proc_ls_prof_R_factor            ? 
_refine.pdbx_pd_proc_ls_prof_wR_factor           ? 
_refine.pdbx_pd_Marquardt_correlation_coeff      ? 
_refine.pdbx_pd_Fsqrd_R_factor                   ? 
_refine.pdbx_pd_ls_matrix_band_width             ? 
_refine.pdbx_overall_phase_error                 ? 
_refine.pdbx_overall_SU_R_free_Cruickshank_DPI   ? 
_refine.pdbx_overall_SU_R_free_Blow_DPI          ? 
_refine.pdbx_overall_SU_R_Blow_DPI               ? 
_refine.pdbx_TLS_residual_ADP_flag               ? 
_refine.pdbx_diffrn_id                           1 
_refine.overall_SU_B                             21.6620 
_refine.overall_SU_ML                            0.3490 
_refine.overall_SU_R_Cruickshank_DPI             ? 
_refine.overall_SU_R_free                        ? 
_refine.overall_FOM_free_R_set                   ? 
_refine.overall_FOM_work_R_set                   ? 
_refine.pdbx_average_fsc_overall                 ? 
_refine.pdbx_average_fsc_work                    ? 
_refine.pdbx_average_fsc_free                    ? 
# 
_refine_hist.pdbx_refine_id                   'X-RAY DIFFRACTION' 
_refine_hist.cycle_id                         final 
_refine_hist.details                          ? 
_refine_hist.d_res_high                       3.1100 
_refine_hist.d_res_low                        50.0 
_refine_hist.number_atoms_solvent             0 
_refine_hist.number_atoms_total               857 
_refine_hist.number_reflns_all                ? 
_refine_hist.number_reflns_obs                ? 
_refine_hist.number_reflns_R_free             ? 
_refine_hist.number_reflns_R_work             ? 
_refine_hist.R_factor_all                     ? 
_refine_hist.R_factor_obs                     ? 
_refine_hist.R_factor_R_free                  ? 
_refine_hist.R_factor_R_work                  ? 
_refine_hist.pdbx_number_residues_total       42 
_refine_hist.pdbx_B_iso_mean_ligand           104.98 
_refine_hist.pdbx_B_iso_mean_solvent          ? 
_refine_hist.pdbx_number_atoms_protein        0 
_refine_hist.pdbx_number_atoms_nucleic_acid   855 
_refine_hist.pdbx_number_atoms_ligand         2 
_refine_hist.pdbx_number_atoms_lipid          ? 
_refine_hist.pdbx_number_atoms_carb           ? 
_refine_hist.pdbx_pseudo_atom_details         ? 
# 
_refine_ls_shell.pdbx_refine_id                   'X-RAY DIFFRACTION' 
_refine_ls_shell.d_res_high                       3.1100 
_refine_ls_shell.d_res_low                        3.1910 
_refine_ls_shell.number_reflns_all                269 
_refine_ls_shell.number_reflns_obs                ? 
_refine_ls_shell.number_reflns_R_free             14 
_refine_ls_shell.number_reflns_R_work             255 
_refine_ls_shell.percent_reflns_obs               63.0000 
_refine_ls_shell.percent_reflns_R_free            ? 
_refine_ls_shell.R_factor_all                     ? 
_refine_ls_shell.R_factor_obs                     ? 
_refine_ls_shell.R_factor_R_free                  0.4350 
_refine_ls_shell.R_factor_R_free_error            0.0000 
_refine_ls_shell.R_factor_R_work                  0.3360 
_refine_ls_shell.redundancy_reflns_all            ? 
_refine_ls_shell.redundancy_reflns_obs            ? 
_refine_ls_shell.wR_factor_all                    ? 
_refine_ls_shell.wR_factor_obs                    ? 
_refine_ls_shell.wR_factor_R_free                 ? 
_refine_ls_shell.wR_factor_R_work                 ? 
_refine_ls_shell.pdbx_R_complete                  ? 
_refine_ls_shell.pdbx_total_number_of_bins_used   20 
_refine_ls_shell.pdbx_phase_error                 ? 
_refine_ls_shell.pdbx_fsc_work                    ? 
_refine_ls_shell.pdbx_fsc_free                    ? 
# 
_struct.entry_id                     6XGM 
_struct.title                        
'Self-assembly of a 3D DNA crystal lattice (4x5 junction version) containing the J25 immobile Holliday junction' 
_struct.pdbx_model_details           ? 
_struct.pdbx_formula_weight          ? 
_struct.pdbx_formula_weight_method   ? 
_struct.pdbx_model_type_details      ? 
_struct.pdbx_CASP_flag               N 
# 
_struct_keywords.entry_id        6XGM 
_struct_keywords.text            
'Structural DNA nanotechnology, immobile Holliday junctions, 3D DNA self-assembly, designer DNA crystals, DNA' 
_struct_keywords.pdbx_keywords   DNA 
# 
loop_
_struct_asym.id 
_struct_asym.pdbx_blank_PDB_chainid_flag 
_struct_asym.pdbx_modified 
_struct_asym.entity_id 
_struct_asym.details 
A N N 1 ? 
B N N 2 ? 
C N N 3 ? 
D N N 4 ? 
E N N 5 ? 
F N N 5 ? 
# 
loop_
_struct_conn.id 
_struct_conn.conn_type_id 
_struct_conn.pdbx_leaving_atom_flag 
_struct_conn.pdbx_PDB_id 
_struct_conn.ptnr1_label_asym_id 
_struct_conn.ptnr1_label_comp_id 
_struct_conn.ptnr1_label_seq_id 
_struct_conn.ptnr1_label_atom_id 
_struct_conn.pdbx_ptnr1_label_alt_id 
_struct_conn.pdbx_ptnr1_PDB_ins_code 
_struct_conn.pdbx_ptnr1_standard_comp_id 
_struct_conn.ptnr1_symmetry 
_struct_conn.ptnr2_label_asym_id 
_struct_conn.ptnr2_label_comp_id 
_struct_conn.ptnr2_label_seq_id 
_struct_conn.ptnr2_label_atom_id 
_struct_conn.pdbx_ptnr2_label_alt_id 
_struct_conn.pdbx_ptnr2_PDB_ins_code 
_struct_conn.ptnr1_auth_asym_id 
_struct_conn.ptnr1_auth_comp_id 
_struct_conn.ptnr1_auth_seq_id 
_struct_conn.ptnr2_auth_asym_id 
_struct_conn.ptnr2_auth_comp_id 
_struct_conn.ptnr2_auth_seq_id 
_struct_conn.ptnr2_symmetry 
_struct_conn.pdbx_ptnr3_label_atom_id 
_struct_conn.pdbx_ptnr3_label_seq_id 
_struct_conn.pdbx_ptnr3_label_comp_id 
_struct_conn.pdbx_ptnr3_label_asym_id 
_struct_conn.pdbx_ptnr3_label_alt_id 
_struct_conn.pdbx_ptnr3_PDB_ins_code 
_struct_conn.details 
_struct_conn.pdbx_dist_value 
_struct_conn.pdbx_value_order 
_struct_conn.pdbx_role 
hydrog1  hydrog ? ? A DG 3  N1 ? ? ? 1_555 D DG 15 O6 ? ? A DG 3  D DG 15 1_555 ? ? ? ? ? ? 'DG-DG MISPAIR' ? ? ? 
hydrog2  hydrog ? ? A DG 3  N2 ? ? ? 1_555 D DC 16 N3 ? ? A DG 3  D DC 16 1_555 ? ? ? ? ? ? 'DG-DC PAIR'    ? ? ? 
hydrog3  hydrog ? ? A DC 4  N3 ? ? ? 1_555 D DG 15 N1 ? ? A DC 4  D DG 15 1_555 ? ? ? ? ? ? WATSON-CRICK    ? ? ? 
hydrog4  hydrog ? ? A DC 4  N4 ? ? ? 1_555 D DG 15 O6 ? ? A DC 4  D DG 15 1_555 ? ? ? ? ? ? WATSON-CRICK    ? ? ? 
hydrog5  hydrog ? ? A DC 4  O2 ? ? ? 1_555 D DG 15 N2 ? ? A DC 4  D DG 15 1_555 ? ? ? ? ? ? WATSON-CRICK    ? ? ? 
hydrog6  hydrog ? ? A DG 6  N1 ? ? ? 1_555 D DC 13 N3 ? ? A DG 6  D DC 13 1_555 ? ? ? ? ? ? WATSON-CRICK    ? ? ? 
hydrog7  hydrog ? ? A DG 6  N2 ? ? ? 1_555 D DC 13 O2 ? ? A DG 6  D DC 13 1_555 ? ? ? ? ? ? WATSON-CRICK    ? ? ? 
hydrog8  hydrog ? ? A DG 6  O6 ? ? ? 1_555 D DC 13 N4 ? ? A DG 6  D DC 13 1_555 ? ? ? ? ? ? WATSON-CRICK    ? ? ? 
hydrog9  hydrog ? ? A DA 7  N1 ? ? ? 1_555 D DT 12 N3 ? ? A DA 7  D DT 12 1_555 ? ? ? ? ? ? WATSON-CRICK    ? ? ? 
hydrog10 hydrog ? ? A DA 7  N6 ? ? ? 1_555 D DT 12 O4 ? ? A DA 7  D DT 12 1_555 ? ? ? ? ? ? WATSON-CRICK    ? ? ? 
hydrog11 hydrog ? ? A DC 8  N3 ? ? ? 1_555 D DG 11 N2 ? ? A DC 8  D DG 11 1_555 ? ? ? ? ? ? 'DC-DG PAIR'    ? ? ? 
hydrog12 hydrog ? ? A DG 9  N1 ? ? ? 1_555 D DC 10 N3 ? ? A DG 9  D DC 10 1_555 ? ? ? ? ? ? WATSON-CRICK    ? ? ? 
hydrog13 hydrog ? ? A DG 9  N2 ? ? ? 1_555 D DC 10 O2 ? ? A DG 9  D DC 10 1_555 ? ? ? ? ? ? WATSON-CRICK    ? ? ? 
hydrog14 hydrog ? ? A DG 9  O6 ? ? ? 1_555 D DC 10 N4 ? ? A DG 9  D DC 10 1_555 ? ? ? ? ? ? WATSON-CRICK    ? ? ? 
hydrog15 hydrog ? ? A DA 10 N1 ? ? ? 1_555 C DT 2  N3 ? ? A DA 10 C DT 2  1_555 ? ? ? ? ? ? WATSON-CRICK    ? ? ? 
hydrog16 hydrog ? ? A DA 10 N6 ? ? ? 1_555 C DT 2  O4 ? ? A DA 10 C DT 2  1_555 ? ? ? ? ? ? WATSON-CRICK    ? ? ? 
hydrog17 hydrog ? ? A DG 11 N1 ? ? ? 1_555 C DC 1  N3 ? ? A DG 11 C DC 1  1_555 ? ? ? ? ? ? WATSON-CRICK    ? ? ? 
hydrog18 hydrog ? ? A DG 11 N2 ? ? ? 1_555 C DC 1  O2 ? ? A DG 11 C DC 1  1_555 ? ? ? ? ? ? WATSON-CRICK    ? ? ? 
hydrog19 hydrog ? ? A DG 11 O6 ? ? ? 1_555 C DC 1  N4 ? ? A DG 11 C DC 1  1_555 ? ? ? ? ? ? WATSON-CRICK    ? ? ? 
hydrog20 hydrog ? ? B DA 1  N1 ? ? ? 1_555 C DT 5  N3 ? ? B DA 12 C DT 5  1_555 ? ? ? ? ? ? WATSON-CRICK    ? ? ? 
hydrog21 hydrog ? ? B DA 1  N6 ? ? ? 1_555 C DT 5  O4 ? ? B DA 12 C DT 5  1_555 ? ? ? ? ? ? WATSON-CRICK    ? ? ? 
hydrog22 hydrog ? ? B DC 2  N3 ? ? ? 1_555 C DG 4  N1 ? ? B DC 13 C DG 4  1_555 ? ? ? ? ? ? WATSON-CRICK    ? ? ? 
hydrog23 hydrog ? ? B DC 2  N4 ? ? ? 1_555 C DG 4  O6 ? ? B DC 13 C DG 4  1_555 ? ? ? ? ? ? WATSON-CRICK    ? ? ? 
hydrog24 hydrog ? ? B DC 2  O2 ? ? ? 1_555 C DG 4  N2 ? ? B DC 13 C DG 4  1_555 ? ? ? ? ? ? WATSON-CRICK    ? ? ? 
hydrog25 hydrog ? ? B DC 3  N3 ? ? ? 1_555 C DG 3  N1 ? ? B DC 14 C DG 3  1_555 ? ? ? ? ? ? WATSON-CRICK    ? ? ? 
hydrog26 hydrog ? ? B DC 3  N4 ? ? ? 1_555 C DG 3  O6 ? ? B DC 14 C DG 3  1_555 ? ? ? ? ? ? WATSON-CRICK    ? ? ? 
hydrog27 hydrog ? ? B DC 3  O2 ? ? ? 1_555 C DG 3  N2 ? ? B DC 14 C DG 3  1_555 ? ? ? ? ? ? WATSON-CRICK    ? ? ? 
hydrog28 hydrog ? ? B DG 4  N1 ? ? ? 1_555 D DC 9  N3 ? ? B DG 15 D DC 9  1_555 ? ? ? ? ? ? WATSON-CRICK    ? ? ? 
hydrog29 hydrog ? ? B DG 4  N2 ? ? ? 1_555 D DC 9  O2 ? ? B DG 15 D DC 9  1_555 ? ? ? ? ? ? WATSON-CRICK    ? ? ? 
hydrog30 hydrog ? ? B DG 4  O6 ? ? ? 1_555 D DC 9  N4 ? ? B DG 15 D DC 9  1_555 ? ? ? ? ? ? WATSON-CRICK    ? ? ? 
hydrog31 hydrog ? ? B DC 5  N3 ? ? ? 1_555 D DG 8  N1 ? ? B DC 16 D DG 8  1_555 ? ? ? ? ? ? WATSON-CRICK    ? ? ? 
hydrog32 hydrog ? ? B DC 5  N4 ? ? ? 1_555 D DG 8  O6 ? ? B DC 16 D DG 8  1_555 ? ? ? ? ? ? WATSON-CRICK    ? ? ? 
hydrog33 hydrog ? ? B DC 5  O2 ? ? ? 1_555 D DG 8  N2 ? ? B DC 16 D DG 8  1_555 ? ? ? ? ? ? WATSON-CRICK    ? ? ? 
hydrog34 hydrog ? ? B DA 6  N1 ? ? ? 1_555 D DT 7  N3 ? ? B DA 17 D DT 7  1_555 ? ? ? ? ? ? WATSON-CRICK    ? ? ? 
hydrog35 hydrog ? ? B DA 6  N6 ? ? ? 1_555 D DT 7  O4 ? ? B DA 17 D DT 7  1_555 ? ? ? ? ? ? WATSON-CRICK    ? ? ? 
hydrog36 hydrog ? ? B DC 7  N3 ? ? ? 1_555 D DG 6  N1 ? ? B DC 18 D DG 6  1_555 ? ? ? ? ? ? WATSON-CRICK    ? ? ? 
hydrog37 hydrog ? ? B DC 7  N4 ? ? ? 1_555 D DG 6  O6 ? ? B DC 18 D DG 6  1_555 ? ? ? ? ? ? WATSON-CRICK    ? ? ? 
hydrog38 hydrog ? ? B DC 7  O2 ? ? ? 1_555 D DG 6  N2 ? ? B DC 18 D DG 6  1_555 ? ? ? ? ? ? WATSON-CRICK    ? ? ? 
hydrog39 hydrog ? ? B DT 8  N3 ? ? ? 1_555 D DA 5  N1 ? ? B DT 19 D DA 5  1_555 ? ? ? ? ? ? WATSON-CRICK    ? ? ? 
hydrog40 hydrog ? ? B DT 8  O4 ? ? ? 1_555 D DA 5  N6 ? ? B DT 19 D DA 5  1_555 ? ? ? ? ? ? WATSON-CRICK    ? ? ? 
hydrog41 hydrog ? ? B DC 9  N3 ? ? ? 1_555 D DG 4  N1 ? ? B DC 20 D DG 4  1_555 ? ? ? ? ? ? WATSON-CRICK    ? ? ? 
hydrog42 hydrog ? ? B DC 9  N4 ? ? ? 1_555 D DG 4  O6 ? ? B DC 20 D DG 4  1_555 ? ? ? ? ? ? WATSON-CRICK    ? ? ? 
hydrog43 hydrog ? ? B DC 9  O2 ? ? ? 1_555 D DG 4  N2 ? ? B DC 20 D DG 4  1_555 ? ? ? ? ? ? WATSON-CRICK    ? ? ? 
hydrog44 hydrog ? ? B DA 10 N1 ? ? ? 1_555 D DT 3  N3 ? ? B DA 21 D DT 3  1_555 ? ? ? ? ? ? WATSON-CRICK    ? ? ? 
hydrog45 hydrog ? ? B DA 10 N6 ? ? ? 1_555 D DT 3  O4 ? ? B DA 21 D DT 3  1_555 ? ? ? ? ? ? WATSON-CRICK    ? ? ? 
# 
_struct_conn_type.id          hydrog 
_struct_conn_type.criteria    ? 
_struct_conn_type.reference   ? 
# 
loop_
_struct_site.id 
_struct_site.pdbx_evidence_code 
_struct_site.pdbx_auth_asym_id 
_struct_site.pdbx_auth_comp_id 
_struct_site.pdbx_auth_seq_id 
_struct_site.pdbx_auth_ins_code 
_struct_site.pdbx_num_residues 
_struct_site.details 
AC1 Software C CO 101 ? 1 'binding site for residue CO C 101' 
AC2 Software D CO 101 ? 1 'binding site for residue CO D 101' 
# 
loop_
_struct_site_gen.id 
_struct_site_gen.site_id 
_struct_site_gen.pdbx_num_res 
_struct_site_gen.label_comp_id 
_struct_site_gen.label_asym_id 
_struct_site_gen.label_seq_id 
_struct_site_gen.pdbx_auth_ins_code 
_struct_site_gen.auth_comp_id 
_struct_site_gen.auth_asym_id 
_struct_site_gen.auth_seq_id 
_struct_site_gen.label_atom_id 
_struct_site_gen.label_alt_id 
_struct_site_gen.symmetry 
_struct_site_gen.details 
1 AC1 1 DG C 4  ? DG C 4  . ? 1_555 ? 
2 AC2 1 DG D 11 ? DG D 11 . ? 1_555 ? 
# 
_atom_sites.entry_id                    6XGM 
_atom_sites.Cartn_transf_matrix[1][1]   ? 
_atom_sites.Cartn_transf_matrix[1][2]   ? 
_atom_sites.Cartn_transf_matrix[1][3]   ? 
_atom_sites.Cartn_transf_matrix[2][1]   ? 
_atom_sites.Cartn_transf_matrix[2][2]   ? 
_atom_sites.Cartn_transf_matrix[2][3]   ? 
_atom_sites.Cartn_transf_matrix[3][1]   ? 
_atom_sites.Cartn_transf_matrix[3][2]   ? 
_atom_sites.Cartn_transf_matrix[3][3]   ? 
_atom_sites.Cartn_transf_vector[1]      ? 
_atom_sites.Cartn_transf_vector[2]      ? 
_atom_sites.Cartn_transf_vector[3]      ? 
_atom_sites.fract_transf_matrix[1][1]   -0.00100190 
_atom_sites.fract_transf_matrix[1][2]   -0.00535013 
_atom_sites.fract_transf_matrix[1][3]   -0.01581922 
_atom_sites.fract_transf_matrix[2][1]   0.00146055 
_atom_sites.fract_transf_matrix[2][2]   -0.01630990 
_atom_sites.fract_transf_matrix[2][3]   -0.00342250 
_atom_sites.fract_transf_matrix[3][1]   -0.01663465 
_atom_sites.fract_transf_matrix[3][2]   -0.00184140 
_atom_sites.fract_transf_matrix[3][3]   0.00167631 
_atom_sites.fract_transf_vector[1]      -0.162476 
_atom_sites.fract_transf_vector[2]      -0.286186 
_atom_sites.fract_transf_vector[3]      -0.106920 
_atom_sites.solution_primary            ? 
_atom_sites.solution_secondary          ? 
_atom_sites.solution_hydrogens          ? 
_atom_sites.special_details             ? 
# 
loop_
_atom_type.symbol 
C  
CO 
N  
O  
P  
# 
loop_
_atom_site.group_PDB 
_atom_site.id 
_atom_site.type_symbol 
_atom_site.label_atom_id 
_atom_site.label_alt_id 
_atom_site.label_comp_id 
_atom_site.label_asym_id 
_atom_site.label_entity_id 
_atom_site.label_seq_id 
_atom_site.pdbx_PDB_ins_code 
_atom_site.Cartn_x 
_atom_site.Cartn_y 
_atom_site.Cartn_z 
_atom_site.occupancy 
_atom_site.B_iso_or_equiv 
_atom_site.pdbx_formal_charge 
_atom_site.auth_seq_id 
_atom_site.auth_comp_id 
_atom_site.auth_asym_id 
_atom_site.auth_atom_id 
_atom_site.pdbx_PDB_model_num 
ATOM   1   O  "O5'" . DG A 1 1  ? 13.436  8.242   19.118  1.00 195.02 ? 1   DG A "O5'" 1 
ATOM   2   C  "C5'" . DG A 1 1  ? 13.783  9.627   19.306  1.00 176.95 ? 1   DG A "C5'" 1 
ATOM   3   C  "C4'" . DG A 1 1  ? 12.603  10.410  19.836  1.00 175.61 ? 1   DG A "C4'" 1 
ATOM   4   O  "O4'" . DG A 1 1  ? 12.939  11.811  19.778  1.00 161.34 ? 1   DG A "O4'" 1 
ATOM   5   C  "C3'" . DG A 1 1  ? 11.308  10.268  19.036  1.00 183.81 ? 1   DG A "C3'" 1 
ATOM   6   O  "O3'" . DG A 1 1  ? 10.391  9.330   19.609  1.00 215.71 ? 1   DG A "O3'" 1 
ATOM   7   C  "C2'" . DG A 1 1  ? 10.668  11.636  19.166  1.00 160.84 ? 1   DG A "C2'" 1 
ATOM   8   C  "C1'" . DG A 1 1  ? 11.874  12.550  19.198  1.00 158.60 ? 1   DG A "C1'" 1 
ATOM   9   N  N9    . DG A 1 1  ? 12.321  13.063  17.903  1.00 153.38 ? 1   DG A N9    1 
ATOM   10  C  C8    . DG A 1 1  ? 13.596  13.081  17.378  1.00 142.69 ? 1   DG A C8    1 
ATOM   11  N  N7    . DG A 1 1  ? 13.665  13.681  16.221  1.00 128.28 ? 1   DG A N7    1 
ATOM   12  C  C5    . DG A 1 1  ? 12.360  14.085  15.966  1.00 141.12 ? 1   DG A C5    1 
ATOM   13  C  C6    . DG A 1 1  ? 11.812  14.791  14.860  1.00 143.52 ? 1   DG A C6    1 
ATOM   14  O  O6    . DG A 1 1  ? 12.389  15.196  13.843  1.00 138.11 ? 1   DG A O6    1 
ATOM   15  N  N1    . DG A 1 1  ? 10.442  15.001  15.016  1.00 138.20 ? 1   DG A N1    1 
ATOM   16  C  C2    . DG A 1 1  ? 9.693   14.588  16.097  1.00 134.54 ? 1   DG A C2    1 
ATOM   17  N  N2    . DG A 1 1  ? 8.383   14.878  16.063  1.00 119.89 ? 1   DG A N2    1 
ATOM   18  N  N3    . DG A 1 1  ? 10.194  13.938  17.134  1.00 123.88 ? 1   DG A N3    1 
ATOM   19  C  C4    . DG A 1 1  ? 11.521  13.716  17.000  1.00 141.13 ? 1   DG A C4    1 
ATOM   20  P  P     . DA A 1 2  ? 10.228  7.842   19.019  1.00 224.11 ? 2   DA A P     1 
ATOM   21  O  OP1   . DA A 1 2  ? 10.720  6.890   20.050  1.00 242.73 ? 2   DA A OP1   1 
ATOM   22  O  OP2   . DA A 1 2  ? 10.829  7.800   17.661  1.00 211.23 ? 2   DA A OP2   1 
ATOM   23  O  "O5'" . DA A 1 2  ? 8.646   7.632   18.934  1.00 197.58 ? 2   DA A "O5'" 1 
ATOM   24  C  "C5'" . DA A 1 2  ? 7.682   8.623   19.358  1.00 176.56 ? 2   DA A "C5'" 1 
ATOM   25  C  "C4'" . DA A 1 2  ? 7.175   9.402   18.166  1.00 171.03 ? 2   DA A "C4'" 1 
ATOM   26  O  "O4'" . DA A 1 2  ? 8.249   10.158  17.567  1.00 165.38 ? 2   DA A "O4'" 1 
ATOM   27  C  "C3'" . DA A 1 2  ? 6.615   8.531   17.042  1.00 170.09 ? 2   DA A "C3'" 1 
ATOM   28  O  "O3'" . DA A 1 2  ? 5.199   8.625   16.934  1.00 182.70 ? 2   DA A "O3'" 1 
ATOM   29  C  "C2'" . DA A 1 2  ? 7.252   9.076   15.774  1.00 154.22 ? 2   DA A "C2'" 1 
ATOM   30  C  "C1'" . DA A 1 2  ? 7.924   10.349  16.206  1.00 142.31 ? 2   DA A "C1'" 1 
ATOM   31  N  N9    . DA A 1 2  ? 9.158   10.626  15.479  1.00 129.99 ? 2   DA A N9    1 
ATOM   32  C  C8    . DA A 1 2  ? 10.398  10.054  15.644  1.00 120.60 ? 2   DA A C8    1 
ATOM   33  N  N7    . DA A 1 2  ? 11.311  10.527  14.831  1.00 111.50 ? 2   DA A N7    1 
ATOM   34  C  C5    . DA A 1 2  ? 10.623  11.464  14.069  1.00 129.87 ? 2   DA A C5    1 
ATOM   35  C  C6    . DA A 1 2  ? 11.028  12.314  13.022  1.00 139.87 ? 2   DA A C6    1 
ATOM   36  N  N6    . DA A 1 2  ? 12.276  12.361  12.550  1.00 143.21 ? 2   DA A N6    1 
ATOM   37  N  N1    . DA A 1 2  ? 10.094  13.134  12.480  1.00 130.82 ? 2   DA A N1    1 
ATOM   38  C  C2    . DA A 1 2  ? 8.841   13.085  12.959  1.00 128.09 ? 2   DA A C2    1 
ATOM   39  N  N3    . DA A 1 2  ? 8.340   12.324  13.935  1.00 126.09 ? 2   DA A N3    1 
ATOM   40  C  C4    . DA A 1 2  ? 9.294   11.529  14.455  1.00 127.71 ? 2   DA A C4    1 
ATOM   41  P  P     . DG A 1 3  ? 4.430   7.612   15.973  1.00 189.91 ? 3   DG A P     1 
ATOM   42  O  OP1   . DG A 1 3  ? 3.008   7.580   16.378  1.00 192.70 ? 3   DG A OP1   1 
ATOM   43  O  OP2   . DG A 1 3  ? 5.215   6.353   15.906  1.00 194.40 ? 3   DG A OP2   1 
ATOM   44  O  "O5'" . DG A 1 3  ? 4.474   8.338   14.559  1.00 167.95 ? 3   DG A "O5'" 1 
ATOM   45  C  "C5'" . DG A 1 3  ? 3.692   9.511   14.313  1.00 151.56 ? 3   DG A "C5'" 1 
ATOM   46  C  "C4'" . DG A 1 3  ? 4.078   10.068  12.968  1.00 152.36 ? 3   DG A "C4'" 1 
ATOM   47  O  "O4'" . DG A 1 3  ? 5.486   10.354  12.971  1.00 146.56 ? 3   DG A "O4'" 1 
ATOM   48  C  "C3'" . DG A 1 3  ? 3.874   9.091   11.818  1.00 145.65 ? 3   DG A "C3'" 1 
ATOM   49  O  "O3'" . DG A 1 3  ? 2.611   9.369   11.227  1.00 166.19 ? 3   DG A "O3'" 1 
ATOM   50  C  "C2'" . DG A 1 3  ? 5.016   9.394   10.864  1.00 133.51 ? 3   DG A "C2'" 1 
ATOM   51  C  "C1'" . DG A 1 3  ? 5.969   10.288  11.643  1.00 125.33 ? 3   DG A "C1'" 1 
ATOM   52  N  N9    . DG A 1 3  ? 7.340   9.800   11.699  1.00 109.66 ? 3   DG A N9    1 
ATOM   53  C  C8    . DG A 1 3  ? 7.847   8.845   12.549  1.00 117.54 ? 3   DG A C8    1 
ATOM   54  N  N7    . DG A 1 3  ? 9.123   8.629   12.378  1.00 115.58 ? 3   DG A N7    1 
ATOM   55  C  C5    . DG A 1 3  ? 9.483   9.498   11.356  1.00 109.76 ? 3   DG A C5    1 
ATOM   56  C  C6    . DG A 1 3  ? 10.740  9.713   10.739  1.00 113.44 ? 3   DG A C6    1 
ATOM   57  O  O6    . DG A 1 3  ? 11.821  9.153   10.980  1.00 120.27 ? 3   DG A O6    1 
ATOM   58  N  N1    . DG A 1 3  ? 10.661  10.690  9.746   1.00 105.50 ? 3   DG A N1    1 
ATOM   59  C  C2    . DG A 1 3  ? 9.514   11.372  9.391   1.00 103.92 ? 3   DG A C2    1 
ATOM   60  N  N2    . DG A 1 3  ? 9.637   12.277  8.400   1.00 95.94  ? 3   DG A N2    1 
ATOM   61  N  N3    . DG A 1 3  ? 8.333   11.173  9.959   1.00 90.86  ? 3   DG A N3    1 
ATOM   62  C  C4    . DG A 1 3  ? 8.392   10.232  10.929  1.00 101.84 ? 3   DG A C4    1 
ATOM   63  P  P     . DC A 1 4  ? 1.989   8.350   10.198  1.00 197.35 ? 4   DC A P     1 
ATOM   64  O  OP1   . DC A 1 4  ? 0.570   8.732   10.003  1.00 206.57 ? 4   DC A OP1   1 
ATOM   65  O  OP2   . DC A 1 4  ? 2.338   6.977   10.643  1.00 195.64 ? 4   DC A OP2   1 
ATOM   66  O  "O5'" . DC A 1 4  ? 2.767   8.680   8.850   1.00 184.13 ? 4   DC A "O5'" 1 
ATOM   67  C  "C5'" . DC A 1 4  ? 2.529   9.934   8.196   1.00 180.77 ? 4   DC A "C5'" 1 
ATOM   68  C  "C4'" . DC A 1 4  ? 3.577   10.188  7.138   1.00 187.85 ? 4   DC A "C4'" 1 
ATOM   69  O  "O4'" . DC A 1 4  ? 4.903   10.017  7.669   1.00 169.61 ? 4   DC A "O4'" 1 
ATOM   70  C  "C3'" . DC A 1 4  ? 3.506   9.273   5.913   1.00 187.76 ? 4   DC A "C3'" 1 
ATOM   71  O  "O3'" . DC A 1 4  ? 2.884   10.010  4.856   1.00 221.11 ? 4   DC A "O3'" 1 
ATOM   72  C  "C2'" . DC A 1 4  ? 4.960   8.938   5.609   1.00 167.27 ? 4   DC A "C2'" 1 
ATOM   73  C  "C1'" . DC A 1 4  ? 5.758   9.804   6.568   1.00 152.79 ? 4   DC A "C1'" 1 
ATOM   74  N  N1    . DC A 1 4  ? 6.992   9.181   7.069   1.00 131.79 ? 4   DC A N1    1 
ATOM   75  C  C2    . DC A 1 4  ? 8.233   9.550   6.518   1.00 125.44 ? 4   DC A C2    1 
ATOM   76  O  O2    . DC A 1 4  ? 8.263   10.395  5.603   1.00 107.58 ? 4   DC A O2    1 
ATOM   77  N  N3    . DC A 1 4  ? 9.365   8.970   6.993   1.00 110.83 ? 4   DC A N3    1 
ATOM   78  C  C4    . DC A 1 4  ? 9.289   8.061   7.973   1.00 113.70 ? 4   DC A C4    1 
ATOM   79  N  N4    . DC A 1 4  ? 10.424  7.508   8.410   1.00 119.07 ? 4   DC A N4    1 
ATOM   80  C  C5    . DC A 1 4  ? 8.042   7.673   8.549   1.00 114.10 ? 4   DC A C5    1 
ATOM   81  C  C6    . DC A 1 4  ? 6.930   8.250   8.069   1.00 115.92 ? 4   DC A C6    1 
ATOM   82  P  P     . DA A 1 5  ? 2.620   9.333   3.444   1.00 228.17 ? 5   DA A P     1 
ATOM   83  O  OP1   . DA A 1 5  ? 1.279   9.772   2.960   1.00 234.27 ? 5   DA A OP1   1 
ATOM   84  O  OP2   . DA A 1 5  ? 2.930   7.889   3.566   1.00 215.31 ? 5   DA A OP2   1 
ATOM   85  O  "O5'" . DA A 1 5  ? 3.722   10.011  2.521   1.00 194.11 ? 5   DA A "O5'" 1 
ATOM   86  C  "C5'" . DA A 1 5  ? 3.512   10.075  1.109   1.00 190.71 ? 5   DA A "C5'" 1 
ATOM   87  C  "C4'" . DA A 1 5  ? 4.819   10.345  0.405   1.00 193.90 ? 5   DA A "C4'" 1 
ATOM   88  O  "O4'" . DA A 1 5  ? 5.935   10.166  1.312   1.00 168.44 ? 5   DA A "O4'" 1 
ATOM   89  C  "C3'" . DA A 1 5  ? 5.092   9.437   -0.792  1.00 200.03 ? 5   DA A "C3'" 1 
ATOM   90  O  "O3'" . DA A 1 5  ? 5.649   10.234  -1.838  1.00 236.56 ? 5   DA A "O3'" 1 
ATOM   91  C  "C2'" . DA A 1 5  ? 6.018   8.375   -0.225  1.00 183.14 ? 5   DA A "C2'" 1 
ATOM   92  C  "C1'" . DA A 1 5  ? 6.775   9.110   0.869   1.00 170.50 ? 5   DA A "C1'" 1 
ATOM   93  N  N9    . DA A 1 5  ? 7.041   8.254   2.017   1.00 153.30 ? 5   DA A N9    1 
ATOM   94  C  C8    . DA A 1 5  ? 6.108   7.659   2.831   1.00 140.73 ? 5   DA A C8    1 
ATOM   95  N  N7    . DA A 1 5  ? 6.628   6.922   3.781   1.00 129.47 ? 5   DA A N7    1 
ATOM   96  C  C5    . DA A 1 5  ? 7.996   7.028   3.573   1.00 136.06 ? 5   DA A C5    1 
ATOM   97  C  C6    . DA A 1 5  ? 9.100   6.476   4.248   1.00 126.69 ? 5   DA A C6    1 
ATOM   98  N  N6    . DA A 1 5  ? 8.991   5.675   5.311   1.00 110.29 ? 5   DA A N6    1 
ATOM   99  N  N1    . DA A 1 5  ? 10.336  6.787   3.790   1.00 135.50 ? 5   DA A N1    1 
ATOM   100 C  C2    . DA A 1 5  ? 10.441  7.595   2.720   1.00 137.28 ? 5   DA A C2    1 
ATOM   101 N  N3    . DA A 1 5  ? 9.477   8.169   1.999   1.00 119.89 ? 5   DA A N3    1 
ATOM   102 C  C4    . DA A 1 5  ? 8.265   7.844   2.486   1.00 141.07 ? 5   DA A C4    1 
ATOM   103 P  P     . DG A 1 6  ? 6.140   9.560   -3.191  1.00 256.94 ? 6   DG A P     1 
ATOM   104 O  OP1   . DG A 1 6  ? 6.153   10.607  -4.250  1.00 263.51 ? 6   DG A OP1   1 
ATOM   105 O  OP2   . DG A 1 6  ? 5.346   8.322   -3.398  1.00 285.70 ? 6   DG A OP2   1 
ATOM   106 O  "O5'" . DG A 1 6  ? 7.644   9.171   -2.842  1.00 207.76 ? 6   DG A "O5'" 1 
ATOM   107 C  "C5'" . DG A 1 6  ? 8.355   8.221   -3.639  1.00 179.60 ? 6   DG A "C5'" 1 
ATOM   108 C  "C4'" . DG A 1 6  ? 9.736   7.994   -3.076  1.00 170.94 ? 6   DG A "C4'" 1 
ATOM   109 O  "O4'" . DG A 1 6  ? 9.639   7.626   -1.675  1.00 171.81 ? 6   DG A "O4'" 1 
ATOM   110 C  "C3'" . DG A 1 6  ? 10.484  6.849   -3.765  1.00 171.63 ? 6   DG A "C3'" 1 
ATOM   111 O  "O3'" . DG A 1 6  ? 11.850  7.162   -4.063  1.00 179.72 ? 6   DG A "O3'" 1 
ATOM   112 C  "C2'" . DG A 1 6  ? 10.416  5.736   -2.744  1.00 173.12 ? 6   DG A "C2'" 1 
ATOM   113 C  "C1'" . DG A 1 6  ? 10.499  6.525   -1.469  1.00 170.38 ? 6   DG A "C1'" 1 
ATOM   114 N  N9    . DG A 1 6  ? 10.026  5.767   -0.323  1.00 172.70 ? 6   DG A N9    1 
ATOM   115 C  C8    . DG A 1 6  ? 8.728   5.484   0.031   1.00 156.70 ? 6   DG A C8    1 
ATOM   116 N  N7    . DG A 1 6  ? 8.641   4.719   1.086   1.00 148.99 ? 6   DG A N7    1 
ATOM   117 C  C5    . DG A 1 6  ? 9.960   4.460   1.432   1.00 160.85 ? 6   DG A C5    1 
ATOM   118 C  C6    . DG A 1 6  ? 10.500  3.697   2.501   1.00 165.76 ? 6   DG A C6    1 
ATOM   119 O  O6    . DG A 1 6  ? 9.898   3.069   3.382   1.00 161.97 ? 6   DG A O6    1 
ATOM   120 N  N1    . DG A 1 6  ? 11.893  3.699   2.480   1.00 179.22 ? 6   DG A N1    1 
ATOM   121 C  C2    . DG A 1 6  ? 12.668  4.361   1.557   1.00 185.93 ? 6   DG A C2    1 
ATOM   122 N  N2    . DG A 1 6  ? 13.997  4.245   1.703   1.00 192.75 ? 6   DG A N2    1 
ATOM   123 N  N3    . DG A 1 6  ? 12.177  5.078   0.560   1.00 175.68 ? 6   DG A N3    1 
ATOM   124 C  C4    . DG A 1 6  ? 10.827  5.084   0.558   1.00 173.85 ? 6   DG A C4    1 
ATOM   125 P  P     . DA A 1 7  ? 12.743  6.149   -4.945  1.00 187.52 ? 7   DA A P     1 
ATOM   126 O  OP1   . DA A 1 7  ? 13.936  6.880   -5.436  1.00 205.43 ? 7   DA A OP1   1 
ATOM   127 O  OP2   . DA A 1 7  ? 11.856  5.485   -5.927  1.00 190.41 ? 7   DA A OP2   1 
ATOM   128 O  "O5'" . DA A 1 7  ? 13.246  5.089   -3.869  1.00 169.03 ? 7   DA A "O5'" 1 
ATOM   129 C  "C5'" . DA A 1 7  ? 14.003  5.511   -2.721  1.00 177.25 ? 7   DA A "C5'" 1 
ATOM   130 C  "C4'" . DA A 1 7  ? 15.284  4.717   -2.603  1.00 185.32 ? 7   DA A "C4'" 1 
ATOM   131 O  "O4'" . DA A 1 7  ? 15.146  3.798   -1.502  1.00 183.98 ? 7   DA A "O4'" 1 
ATOM   132 C  "C3'" . DA A 1 7  ? 15.650  3.838   -3.797  1.00 182.55 ? 7   DA A "C3'" 1 
ATOM   133 O  "O3'" . DA A 1 7  ? 17.075  3.651   -3.837  1.00 194.83 ? 7   DA A "O3'" 1 
ATOM   134 C  "C2'" . DA A 1 7  ? 14.861  2.568   -3.523  1.00 172.72 ? 7   DA A "C2'" 1 
ATOM   135 C  "C1'" . DA A 1 7  ? 14.741  2.527   -1.997  1.00 174.14 ? 7   DA A "C1'" 1 
ATOM   136 N  N9    . DA A 1 7  ? 13.407  2.249   -1.469  1.00 163.86 ? 7   DA A N9    1 
ATOM   137 C  C8    . DA A 1 7  ? 12.183  2.606   -1.978  1.00 147.76 ? 7   DA A C8    1 
ATOM   138 N  N7    . DA A 1 7  ? 11.169  2.205   -1.250  1.00 145.94 ? 7   DA A N7    1 
ATOM   139 C  C5    . DA A 1 7  ? 11.767  1.553   -0.179  1.00 169.27 ? 7   DA A C5    1 
ATOM   140 C  C6    . DA A 1 7  ? 11.236  0.897   0.949   1.00 173.78 ? 7   DA A C6    1 
ATOM   141 N  N6    . DA A 1 7  ? 9.929   0.796   1.200   1.00 178.96 ? 7   DA A N6    1 
ATOM   142 N  N1    . DA A 1 7  ? 12.109  0.351   1.826   1.00 166.33 ? 7   DA A N1    1 
ATOM   143 C  C2    . DA A 1 7  ? 13.422  0.454   1.573   1.00 172.60 ? 7   DA A C2    1 
ATOM   144 N  N3    . DA A 1 7  ? 14.039  1.039   0.548   1.00 178.31 ? 7   DA A N3    1 
ATOM   145 C  C4    . DA A 1 7  ? 13.145  1.580   -0.299  1.00 172.59 ? 7   DA A C4    1 
ATOM   146 P  P     . DC A 1 8  ? 17.760  2.670   -4.920  1.00 196.28 ? 8   DC A P     1 
ATOM   147 O  OP1   . DC A 1 8  ? 19.195  3.036   -5.040  1.00 191.43 ? 8   DC A OP1   1 
ATOM   148 O  OP2   . DC A 1 8  ? 16.908  2.647   -6.133  1.00 207.62 ? 8   DC A OP2   1 
ATOM   149 O  "O5'" . DC A 1 8  ? 17.695  1.250   -4.201  1.00 191.70 ? 8   DC A "O5'" 1 
ATOM   150 C  "C5'" . DC A 1 8  ? 18.110  1.117   -2.830  1.00 183.38 ? 8   DC A "C5'" 1 
ATOM   151 C  "C4'" . DC A 1 8  ? 17.902  -0.292  -2.321  1.00 178.02 ? 8   DC A "C4'" 1 
ATOM   152 O  "O4'" . DC A 1 8  ? 16.624  -0.423  -1.662  1.00 167.09 ? 8   DC A "O4'" 1 
ATOM   153 C  "C3'" . DC A 1 8  ? 17.962  -1.406  -3.371  1.00 165.71 ? 8   DC A "C3'" 1 
ATOM   154 O  "O3'" . DC A 1 8  ? 19.110  -2.178  -3.022  1.00 182.17 ? 8   DC A "O3'" 1 
ATOM   155 C  "C2'" . DC A 1 8  ? 16.621  -2.113  -3.244  1.00 148.96 ? 8   DC A "C2'" 1 
ATOM   156 C  "C1'" . DC A 1 8  ? 16.172  -1.747  -1.843  1.00 151.05 ? 8   DC A "C1'" 1 
ATOM   157 N  N1    . DC A 1 8  ? 14.715  -1.746  -1.647  1.00 144.09 ? 8   DC A N1    1 
ATOM   158 C  C2    . DC A 1 8  ? 14.135  -2.626  -0.719  1.00 139.14 ? 8   DC A C2    1 
ATOM   159 O  O2    . DC A 1 8  ? 14.863  -3.419  -0.103  1.00 126.98 ? 8   DC A O2    1 
ATOM   160 N  N3    . DC A 1 8  ? 12.792  -2.611  -0.547  1.00 133.17 ? 8   DC A N3    1 
ATOM   161 C  C4    . DC A 1 8  ? 12.039  -1.756  -1.245  1.00 135.81 ? 8   DC A C4    1 
ATOM   162 N  N4    . DC A 1 8  ? 10.721  -1.769  -1.043  1.00 134.01 ? 8   DC A N4    1 
ATOM   163 C  C5    . DC A 1 8  ? 12.606  -0.850  -2.191  1.00 126.97 ? 8   DC A C5    1 
ATOM   164 C  C6    . DC A 1 8  ? 13.935  -0.870  -2.347  1.00 130.52 ? 8   DC A C6    1 
ATOM   165 P  P     . DG A 1 9  ? 19.379  -3.566  -3.710  1.00 195.02 ? 9   DG A P     1 
ATOM   166 O  OP1   . DG A 1 9  ? 20.842  -3.849  -3.576  1.00 191.99 ? 9   DG A OP1   1 
ATOM   167 O  OP2   . DG A 1 9  ? 18.760  -3.518  -5.059  1.00 195.40 ? 9   DG A OP2   1 
ATOM   168 O  "O5'" . DG A 1 9  ? 18.540  -4.564  -2.790  1.00 162.68 ? 9   DG A "O5'" 1 
ATOM   169 C  "C5'" . DG A 1 9  ? 18.769  -4.569  -1.372  1.00 145.26 ? 9   DG A "C5'" 1 
ATOM   170 C  "C4'" . DG A 1 9  ? 17.988  -5.653  -0.663  1.00 140.14 ? 9   DG A "C4'" 1 
ATOM   171 O  "O4'" . DG A 1 9  ? 16.584  -5.342  -0.581  1.00 133.15 ? 9   DG A "O4'" 1 
ATOM   172 C  "C3'" . DG A 1 9  ? 18.045  -7.057  -1.252  1.00 137.15 ? 9   DG A "C3'" 1 
ATOM   173 O  "O3'" . DG A 1 9  ? 17.987  -7.886  -0.104  1.00 133.44 ? 9   DG A "O3'" 1 
ATOM   174 C  "C2'" . DG A 1 9  ? 16.718  -7.188  -1.971  1.00 132.19 ? 9   DG A "C2'" 1 
ATOM   175 C  "C1'" . DG A 1 9  ? 15.845  -6.496  -0.963  1.00 134.59 ? 9   DG A "C1'" 1 
ATOM   176 N  N9    . DG A 1 9  ? 14.561  -6.027  -1.433  1.00 136.31 ? 9   DG A N9    1 
ATOM   177 C  C8    . DG A 1 9  ? 14.350  -5.079  -2.402  1.00 143.62 ? 9   DG A C8    1 
ATOM   178 N  N7    . DG A 1 9  ? 13.094  -4.756  -2.534  1.00 141.61 ? 9   DG A N7    1 
ATOM   179 C  C5    . DG A 1 9  ? 12.444  -5.503  -1.564  1.00 127.65 ? 9   DG A C5    1 
ATOM   180 C  C6    . DG A 1 9  ? 11.071  -5.570  -1.228  1.00 116.27 ? 9   DG A C6    1 
ATOM   181 O  O6    . DG A 1 9  ? 10.128  -4.955  -1.730  1.00 100.08 ? 9   DG A O6    1 
ATOM   182 N  N1    . DG A 1 9  ? 10.835  -6.480  -0.200  1.00 117.26 ? 9   DG A N1    1 
ATOM   183 C  C2    . DG A 1 9  ? 11.803  -7.216  0.435   1.00 127.88 ? 9   DG A C2    1 
ATOM   184 N  N2    . DG A 1 9  ? 11.377  -8.035  1.409   1.00 118.68 ? 9   DG A N2    1 
ATOM   185 N  N3    . DG A 1 9  ? 13.093  -7.155  0.138   1.00 140.91 ? 9   DG A N3    1 
ATOM   186 C  C4    . DG A 1 9  ? 13.339  -6.281  -0.864  1.00 136.42 ? 9   DG A C4    1 
ATOM   187 P  P     . DA A 1 10 ? 18.535  -9.342  -0.162  1.00 167.63 ? 10  DA A P     1 
ATOM   188 O  OP1   . DA A 1 10 ? 19.991  -9.316  0.196   1.00 175.02 ? 10  DA A OP1   1 
ATOM   189 O  OP2   . DA A 1 10 ? 18.047  -9.958  -1.418  1.00 171.81 ? 10  DA A OP2   1 
ATOM   190 O  "O5'" . DA A 1 10 ? 17.713  -10.046 0.992   1.00 153.45 ? 10  DA A "O5'" 1 
ATOM   191 C  "C5'" . DA A 1 10 ? 16.314  -9.825  1.055   1.00 127.75 ? 10  DA A "C5'" 1 
ATOM   192 C  "C4'" . DA A 1 10 ? 15.667  -11.035 1.677   1.00 136.13 ? 10  DA A "C4'" 1 
ATOM   193 O  "O4'" . DA A 1 10 ? 14.244  -10.907 1.496   1.00 139.20 ? 10  DA A "O4'" 1 
ATOM   194 C  "C3'" . DA A 1 10 ? 16.047  -12.373 1.047   1.00 144.30 ? 10  DA A "C3'" 1 
ATOM   195 O  "O3'" . DA A 1 10 ? 16.123  -13.385 2.078   1.00 153.48 ? 10  DA A "O3'" 1 
ATOM   196 C  "C2'" . DA A 1 10 ? 15.039  -12.486 -0.086  1.00 157.19 ? 10  DA A "C2'" 1 
ATOM   197 C  "C1'" . DA A 1 10 ? 13.823  -11.690 0.396   1.00 141.74 ? 10  DA A "C1'" 1 
ATOM   198 N  N9    . DA A 1 10 ? 13.231  -10.788 -0.594  1.00 128.64 ? 10  DA A N9    1 
ATOM   199 C  C8    . DA A 1 10 ? 13.857  -9.978  -1.511  1.00 121.87 ? 10  DA A C8    1 
ATOM   200 N  N7    . DA A 1 10 ? 13.029  -9.299  -2.267  1.00 109.53 ? 10  DA A N7    1 
ATOM   201 C  C5    . DA A 1 10 ? 11.775  -9.689  -1.820  1.00 97.71  ? 10  DA A C5    1 
ATOM   202 C  C6    . DA A 1 10 ? 10.480  -9.304  -2.197  1.00 89.81  ? 10  DA A C6    1 
ATOM   203 N  N6    . DA A 1 10 ? 10.225  -8.435  -3.172  1.00 95.51  ? 10  DA A N6    1 
ATOM   204 N  N1    . DA A 1 10 ? 9.442   -9.850  -1.532  1.00 81.22  ? 10  DA A N1    1 
ATOM   205 C  C2    . DA A 1 10 ? 9.701   -10.732 -0.557  1.00 103.43 ? 10  DA A C2    1 
ATOM   206 N  N3    . DA A 1 10 ? 10.874  -11.174 -0.110  1.00 104.47 ? 10  DA A N3    1 
ATOM   207 C  C4    . DA A 1 10 ? 11.884  -10.599 -0.785  1.00 110.65 ? 10  DA A C4    1 
ATOM   208 P  P     . DG A 1 11 ? 15.538  -14.881 1.872   1.00 150.41 ? 11  DG A P     1 
ATOM   209 O  OP1   . DG A 1 11 ? 15.867  -15.680 3.082   1.00 157.97 ? 11  DG A OP1   1 
ATOM   210 O  OP2   . DG A 1 11 ? 16.010  -15.377 0.553   1.00 166.58 ? 11  DG A OP2   1 
ATOM   211 O  "O5'" . DG A 1 11 ? 13.963  -14.625 1.847   1.00 129.58 ? 11  DG A "O5'" 1 
ATOM   212 C  "C5'" . DG A 1 11 ? 13.007  -15.517 2.464   1.00 121.27 ? 11  DG A "C5'" 1 
ATOM   213 C  "C4'" . DG A 1 11 ? 11.935  -15.910 1.471   1.00 110.56 ? 11  DG A "C4'" 1 
ATOM   214 O  "O4'" . DG A 1 11 ? 11.563  -14.774 0.658   1.00 114.36 ? 11  DG A "O4'" 1 
ATOM   215 C  "C3'" . DG A 1 11 ? 12.398  -16.968 0.478   1.00 99.08  ? 11  DG A "C3'" 1 
ATOM   216 O  "O3'" . DG A 1 11 ? 12.019  -18.289 0.840   1.00 97.23  ? 11  DG A "O3'" 1 
ATOM   217 C  "C2'" . DG A 1 11 ? 11.723  -16.573 -0.819  1.00 98.73  ? 11  DG A "C2'" 1 
ATOM   218 C  "C1'" . DG A 1 11 ? 11.009  -15.269 -0.540  1.00 88.23  ? 11  DG A "C1'" 1 
ATOM   219 N  N9    . DG A 1 11 ? 11.241  -14.290 -1.597  1.00 84.60  ? 11  DG A N9    1 
ATOM   220 C  C8    . DG A 1 11 ? 12.436  -14.024 -2.225  1.00 90.43  ? 11  DG A C8    1 
ATOM   221 N  N7    . DG A 1 11 ? 12.327  -13.140 -3.181  1.00 89.15  ? 11  DG A N7    1 
ATOM   222 C  C5    . DG A 1 11 ? 10.980  -12.813 -3.193  1.00 80.30  ? 11  DG A C5    1 
ATOM   223 C  C6    . DG A 1 11 ? 10.265  -11.924 -4.026  1.00 86.06  ? 11  DG A C6    1 
ATOM   224 O  O6    . DG A 1 11 ? 10.695  -11.210 -4.936  1.00 98.93  ? 11  DG A O6    1 
ATOM   225 N  N1    . DG A 1 11 ? 8.911   -11.906 -3.712  1.00 83.26  ? 11  DG A N1    1 
ATOM   226 C  C2    . DG A 1 11 ? 8.323   -12.654 -2.725  1.00 92.22  ? 11  DG A C2    1 
ATOM   227 N  N2    . DG A 1 11 ? 7.002   -12.492 -2.569  1.00 114.27 ? 11  DG A N2    1 
ATOM   228 N  N3    . DG A 1 11 ? 8.978   -13.504 -1.951  1.00 77.59  ? 11  DG A N3    1 
ATOM   229 C  C4    . DG A 1 11 ? 10.293  -13.529 -2.235  1.00 76.49  ? 11  DG A C4    1 
ATOM   230 P  P     . DA B 2 1  ? -11.046 -21.779 -10.509 1.00 145.80 ? 12  DA B P     1 
ATOM   231 O  OP1   . DA B 2 1  ? -10.349 -20.912 -11.505 1.00 150.85 ? 12  DA B OP1   1 
ATOM   232 O  OP2   . DA B 2 1  ? -10.577 -23.161 -10.238 1.00 124.55 ? 12  DA B OP2   1 
ATOM   233 O  "O5'" . DA B 2 1  ? -10.720 -21.006 -9.167  1.00 109.58 ? 12  DA B "O5'" 1 
ATOM   234 C  "C5'" . DA B 2 1  ? -11.369 -19.774 -8.927  1.00 104.19 ? 12  DA B "C5'" 1 
ATOM   235 C  "C4'" . DA B 2 1  ? -12.608 -20.028 -8.103  1.00 110.98 ? 12  DA B "C4'" 1 
ATOM   236 O  "O4'" . DA B 2 1  ? -12.262 -20.382 -6.739  1.00 121.81 ? 12  DA B "O4'" 1 
ATOM   237 C  "C3'" . DA B 2 1  ? -13.463 -18.782 -8.007  1.00 117.28 ? 12  DA B "C3'" 1 
ATOM   238 O  "O3'" . DA B 2 1  ? -14.861 -18.992 -8.061  1.00 124.01 ? 12  DA B "O3'" 1 
ATOM   239 C  "C2'" . DA B 2 1  ? -13.079 -18.173 -6.675  1.00 116.61 ? 12  DA B "C2'" 1 
ATOM   240 C  "C1'" . DA B 2 1  ? -12.588 -19.332 -5.832  1.00 104.16 ? 12  DA B "C1'" 1 
ATOM   241 N  N9    . DA B 2 1  ? -11.380 -18.983 -5.072  1.00 88.21  ? 12  DA B N9    1 
ATOM   242 C  C8    . DA B 2 1  ? -10.101 -18.854 -5.559  1.00 87.75  ? 12  DA B C8    1 
ATOM   243 N  N7    . DA B 2 1  ? -9.229  -18.461 -4.662  1.00 78.00  ? 12  DA B N7    1 
ATOM   244 C  C5    . DA B 2 1  ? -9.984  -18.306 -3.511  1.00 74.20  ? 12  DA B C5    1 
ATOM   245 C  C6    . DA B 2 1  ? -9.637  -17.945 -2.208  1.00 75.64  ? 12  DA B C6    1 
ATOM   246 N  N6    . DA B 2 1  ? -8.396  -17.637 -1.841  1.00 88.36  ? 12  DA B N6    1 
ATOM   247 N  N1    . DA B 2 1  ? -10.619 -17.896 -1.284  1.00 84.64  ? 12  DA B N1    1 
ATOM   248 C  C2    . DA B 2 1  ? -11.870 -18.207 -1.661  1.00 95.29  ? 12  DA B C2    1 
ATOM   249 N  N3    . DA B 2 1  ? -12.321 -18.566 -2.862  1.00 90.58  ? 12  DA B N3    1 
ATOM   250 C  C4    . DA B 2 1  ? -11.314 -18.607 -3.752  1.00 82.80  ? 12  DA B C4    1 
ATOM   251 P  P     . DC B 2 2  ? -15.749 -17.732 -8.417  1.00 151.82 ? 13  DC B P     1 
ATOM   252 O  OP1   . DC B 2 2  ? -16.894 -18.207 -9.221  1.00 157.45 ? 13  DC B OP1   1 
ATOM   253 O  OP2   . DC B 2 2  ? -14.841 -16.672 -8.962  1.00 111.35 ? 13  DC B OP2   1 
ATOM   254 O  "O5'" . DC B 2 2  ? -16.264 -17.243 -6.993  1.00 133.41 ? 13  DC B "O5'" 1 
ATOM   255 C  "C5'" . DC B 2 2  ? -16.104 -15.876 -6.589  1.00 120.51 ? 13  DC B "C5'" 1 
ATOM   256 C  "C4'" . DC B 2 2  ? -15.760 -15.826 -5.123  1.00 120.84 ? 13  DC B "C4'" 1 
ATOM   257 O  "O4'" . DC B 2 2  ? -14.371 -16.135 -4.928  1.00 118.45 ? 13  DC B "O4'" 1 
ATOM   258 C  "C3'" . DC B 2 2  ? -15.913 -14.455 -4.490  1.00 122.04 ? 13  DC B "C3'" 1 
ATOM   259 O  "O3'" . DC B 2 2  ? -17.286 -14.195 -4.181  1.00 128.45 ? 13  DC B "O3'" 1 
ATOM   260 C  "C2'" . DC B 2 2  ? -14.968 -14.530 -3.300  1.00 119.76 ? 13  DC B "C2'" 1 
ATOM   261 C  "C1'" . DC B 2 2  ? -13.998 -15.672 -3.631  1.00 110.90 ? 13  DC B "C1'" 1 
ATOM   262 N  N1    . DC B 2 2  ? -12.550 -15.331 -3.651  1.00 84.58  ? 13  DC B N1    1 
ATOM   263 C  C2    . DC B 2 2  ? -11.887 -15.031 -2.450  1.00 93.43  ? 13  DC B C2    1 
ATOM   264 O  O2    . DC B 2 2  ? -12.524 -15.052 -1.389  1.00 103.57 ? 13  DC B O2    1 
ATOM   265 N  N3    . DC B 2 2  ? -10.568 -14.730 -2.478  1.00 86.27  ? 13  DC B N3    1 
ATOM   266 C  C4    . DC B 2 2  ? -9.907  -14.743 -3.638  1.00 85.50  ? 13  DC B C4    1 
ATOM   267 N  N4    . DC B 2 2  ? -8.610  -14.441 -3.627  1.00 102.89 ? 13  DC B N4    1 
ATOM   268 C  C5    . DC B 2 2  ? -10.551 -15.061 -4.866  1.00 80.73  ? 13  DC B C5    1 
ATOM   269 C  C6    . DC B 2 2  ? -11.861 -15.344 -4.828  1.00 80.13  ? 13  DC B C6    1 
ATOM   270 P  P     . DC B 2 3  ? -17.850 -12.693 -4.269  1.00 130.91 ? 14  DC B P     1 
ATOM   271 O  OP1   . DC B 2 3  ? -19.334 -12.762 -4.242  1.00 148.71 ? 14  DC B OP1   1 
ATOM   272 O  OP2   . DC B 2 3  ? -17.185 -12.005 -5.389  1.00 112.69 ? 14  DC B OP2   1 
ATOM   273 O  "O5'" . DC B 2 3  ? -17.315 -12.054 -2.918  1.00 99.62  ? 14  DC B "O5'" 1 
ATOM   274 C  "C5'" . DC B 2 3  ? -17.590 -12.733 -1.684  1.00 103.75 ? 14  DC B "C5'" 1 
ATOM   275 C  "C4'" . DC B 2 3  ? -16.784 -12.122 -0.565  1.00 118.09 ? 14  DC B "C4'" 1 
ATOM   276 O  "O4'" . DC B 2 3  ? -15.360 -12.380 -0.709  1.00 120.02 ? 14  DC B "O4'" 1 
ATOM   277 C  "C3'" . DC B 2 3  ? -16.920 -10.606 -0.441  1.00 117.90 ? 14  DC B "C3'" 1 
ATOM   278 O  "O3'" . DC B 2 3  ? -17.257 -10.301 0.905   1.00 128.16 ? 14  DC B "O3'" 1 
ATOM   279 C  "C2'" . DC B 2 3  ? -15.524 -10.091 -0.756  1.00 121.78 ? 14  DC B "C2'" 1 
ATOM   280 C  "C1'" . DC B 2 3  ? -14.646 -11.234 -0.271  1.00 110.11 ? 14  DC B "C1'" 1 
ATOM   281 N  N1    . DC B 2 3  ? -13.313 -11.263 -0.901  1.00 91.40  ? 14  DC B N1    1 
ATOM   282 C  C2    . DC B 2 3  ? -12.137 -11.049 -0.157  1.00 89.31  ? 14  DC B C2    1 
ATOM   283 O  O2    . DC B 2 3  ? -12.219 -10.880 1.070   1.00 94.79  ? 14  DC B O2    1 
ATOM   284 N  N3    . DC B 2 3  ? -10.945 -11.055 -0.796  1.00 86.63  ? 14  DC B N3    1 
ATOM   285 C  C4    . DC B 2 3  ? -10.899 -11.267 -2.115  1.00 98.30  ? 14  DC B C4    1 
ATOM   286 N  N4    . DC B 2 3  ? -9.711  -11.280 -2.716  1.00 100.84 ? 14  DC B N4    1 
ATOM   287 C  C5    . DC B 2 3  ? -12.075 -11.461 -2.890  1.00 104.10 ? 14  DC B C5    1 
ATOM   288 C  C6    . DC B 2 3  ? -13.246 -11.451 -2.251  1.00 96.54  ? 14  DC B C6    1 
ATOM   289 P  P     . DG B 2 4  ? -17.785 -8.872  1.274   1.00 135.17 ? 15  DG B P     1 
ATOM   290 O  OP1   . DG B 2 4  ? -18.692 -9.055  2.438   1.00 118.23 ? 15  DG B OP1   1 
ATOM   291 O  OP2   . DG B 2 4  ? -18.297 -8.248  0.018   1.00 130.51 ? 15  DG B OP2   1 
ATOM   292 O  "O5'" . DG B 2 4  ? -16.462 -8.054  1.649   1.00 110.04 ? 15  DG B "O5'" 1 
ATOM   293 C  "C5'" . DG B 2 4  ? -15.319 -8.671  2.280   1.00 114.79 ? 15  DG B "C5'" 1 
ATOM   294 C  "C4'" . DG B 2 4  ? -14.571 -7.692  3.155   1.00 126.56 ? 15  DG B "C4'" 1 
ATOM   295 O  "O4'" . DG B 2 4  ? -13.167 -7.618  2.796   1.00 117.38 ? 15  DG B "O4'" 1 
ATOM   296 C  "C3'" . DG B 2 4  ? -15.070 -6.257  3.107   1.00 141.61 ? 15  DG B "C3'" 1 
ATOM   297 O  "O3'" . DG B 2 4  ? -14.790 -5.732  4.405   1.00 164.98 ? 15  DG B "O3'" 1 
ATOM   298 C  "C2'" . DG B 2 4  ? -14.238 -5.656  1.990   1.00 137.73 ? 15  DG B "C2'" 1 
ATOM   299 C  "C1'" . DG B 2 4  ? -12.909 -6.407  2.098   1.00 112.20 ? 15  DG B "C1'" 1 
ATOM   300 N  N9    . DG B 2 4  ? -12.257 -6.758  0.841   1.00 93.59  ? 15  DG B N9    1 
ATOM   301 C  C8    . DG B 2 4  ? -12.825 -7.243  -0.315  1.00 103.42 ? 15  DG B C8    1 
ATOM   302 N  N7    . DG B 2 4  ? -11.951 -7.475  -1.257  1.00 87.39  ? 15  DG B N7    1 
ATOM   303 C  C5    . DG B 2 4  ? -10.737 -7.131  -0.684  1.00 76.31  ? 15  DG B C5    1 
ATOM   304 C  C6    . DG B 2 4  ? -9.433  -7.182  -1.217  1.00 72.67  ? 15  DG B C6    1 
ATOM   305 O  O6    . DG B 2 4  ? -9.077  -7.555  -2.337  1.00 93.35  ? 15  DG B O6    1 
ATOM   306 N  N1    . DG B 2 4  ? -8.488  -6.742  -0.299  1.00 68.57  ? 15  DG B N1    1 
ATOM   307 C  C2    . DG B 2 4  ? -8.769  -6.315  0.977   1.00 77.28  ? 15  DG B C2    1 
ATOM   308 N  N2    . DG B 2 4  ? -7.722  -5.936  1.716   1.00 84.11  ? 15  DG B N2    1 
ATOM   309 N  N3    . DG B 2 4  ? -9.986  -6.265  1.490   1.00 66.47  ? 15  DG B N3    1 
ATOM   310 C  C4    . DG B 2 4  ? -10.911 -6.700  0.615   1.00 77.17  ? 15  DG B C4    1 
ATOM   311 P  P     . DC B 2 5  ? -15.481 -4.407  4.915   1.00 167.26 ? 16  DC B P     1 
ATOM   312 O  OP1   . DC B 2 5  ? -15.947 -4.643  6.316   1.00 154.81 ? 16  DC B OP1   1 
ATOM   313 O  OP2   . DC B 2 5  ? -16.435 -3.947  3.862   1.00 160.42 ? 16  DC B OP2   1 
ATOM   314 O  "O5'" . DC B 2 5  ? -14.253 -3.398  4.981   1.00 153.84 ? 16  DC B "O5'" 1 
ATOM   315 C  "C5'" . DC B 2 5  ? -12.901 -3.853  5.187   1.00 140.03 ? 16  DC B "C5'" 1 
ATOM   316 C  "C4'" . DC B 2 5  ? -11.928 -2.814  4.685   1.00 138.78 ? 16  DC B "C4'" 1 
ATOM   317 O  "O4'" . DC B 2 5  ? -11.451 -3.139  3.361   1.00 135.85 ? 16  DC B "O4'" 1 
ATOM   318 C  "C3'" . DC B 2 5  ? -12.515 -1.413  4.546   1.00 138.26 ? 16  DC B "C3'" 1 
ATOM   319 O  "O3'" . DC B 2 5  ? -11.438 -0.514  4.757   1.00 144.45 ? 16  DC B "O3'" 1 
ATOM   320 C  "C2'" . DC B 2 5  ? -12.916 -1.359  3.089   1.00 118.71 ? 16  DC B "C2'" 1 
ATOM   321 C  "C1'" . DC B 2 5  ? -11.685 -2.017  2.528   1.00 108.59 ? 16  DC B "C1'" 1 
ATOM   322 N  N1    . DC B 2 5  ? -11.748 -2.494  1.163   1.00 97.86  ? 16  DC B N1    1 
ATOM   323 C  C2    . DC B 2 5  ? -10.538 -2.736  0.501   1.00 97.64  ? 16  DC B C2    1 
ATOM   324 O  O2    . DC B 2 5  ? -9.476  -2.506  1.095   1.00 92.67  ? 16  DC B O2    1 
ATOM   325 N  N3    . DC B 2 5  ? -10.560 -3.197  -0.768  1.00 91.91  ? 16  DC B N3    1 
ATOM   326 C  C4    . DC B 2 5  ? -11.730 -3.434  -1.370  1.00 121.40 ? 16  DC B C4    1 
ATOM   327 N  N4    . DC B 2 5  ? -11.708 -3.886  -2.624  1.00 143.32 ? 16  DC B N4    1 
ATOM   328 C  C5    . DC B 2 5  ? -12.978 -3.207  -0.713  1.00 111.14 ? 16  DC B C5    1 
ATOM   329 C  C6    . DC B 2 5  ? -12.940 -2.754  0.546   1.00 95.18  ? 16  DC B C6    1 
ATOM   330 P  P     . DA B 2 6  ? -11.747 0.824   5.461   1.00 137.15 ? 17  DA B P     1 
ATOM   331 O  OP1   . DA B 2 6  ? -11.840 0.552   6.926   1.00 127.10 ? 17  DA B OP1   1 
ATOM   332 O  OP2   . DA B 2 6  ? -12.886 1.432   4.714   1.00 127.18 ? 17  DA B OP2   1 
ATOM   333 O  "O5'" . DA B 2 6  ? -10.419 1.662   5.231   1.00 113.12 ? 17  DA B "O5'" 1 
ATOM   334 C  "C5'" . DA B 2 6  ? -9.283  1.508   6.084   1.00 104.35 ? 17  DA B "C5'" 1 
ATOM   335 C  "C4'" . DA B 2 6  ? -8.065  1.880   5.275   1.00 115.55 ? 17  DA B "C4'" 1 
ATOM   336 O  "O4'" . DA B 2 6  ? -8.118  1.219   3.985   1.00 124.28 ? 17  DA B "O4'" 1 
ATOM   337 C  "C3'" . DA B 2 6  ? -7.935  3.364   4.959   1.00 112.49 ? 17  DA B "C3'" 1 
ATOM   338 O  "O3'" . DA B 2 6  ? -6.537  3.653   4.992   1.00 120.74 ? 17  DA B "O3'" 1 
ATOM   339 C  "C2'" . DA B 2 6  ? -8.599  3.479   3.594   1.00 106.65 ? 17  DA B "C2'" 1 
ATOM   340 C  "C1'" . DA B 2 6  ? -8.253  2.164   2.931   1.00 98.10  ? 17  DA B "C1'" 1 
ATOM   341 N  N9    . DA B 2 6  ? -9.261  1.643   2.005   1.00 106.39 ? 17  DA B N9    1 
ATOM   342 C  C8    . DA B 2 6  ? -10.625 1.525   2.167   1.00 106.13 ? 17  DA B C8    1 
ATOM   343 N  N7    . DA B 2 6  ? -11.236 0.982   1.139   1.00 97.73  ? 17  DA B N7    1 
ATOM   344 C  C5    . DA B 2 6  ? -10.206 0.707   0.249   1.00 94.35  ? 17  DA B C5    1 
ATOM   345 C  C6    . DA B 2 6  ? -10.195 0.134   -1.032  1.00 101.36 ? 17  DA B C6    1 
ATOM   346 N  N6    . DA B 2 6  ? -11.296 -0.285  -1.663  1.00 103.04 ? 17  DA B N6    1 
ATOM   347 N  N1    . DA B 2 6  ? -8.998  0.005   -1.653  1.00 107.17 ? 17  DA B N1    1 
ATOM   348 C  C2    . DA B 2 6  ? -7.892  0.426   -1.016  1.00 97.50  ? 17  DA B C2    1 
ATOM   349 N  N3    . DA B 2 6  ? -7.777  0.986   0.187   1.00 88.12  ? 17  DA B N3    1 
ATOM   350 C  C4    . DA B 2 6  ? -8.983  1.094   0.777   1.00 99.83  ? 17  DA B C4    1 
ATOM   351 P  P     . DC B 2 7  ? -5.997  5.053   4.499   1.00 149.31 ? 18  DC B P     1 
ATOM   352 O  OP1   . DC B 2 7  ? -4.559  5.175   4.918   1.00 136.44 ? 18  DC B OP1   1 
ATOM   353 O  OP2   . DC B 2 7  ? -6.972  6.077   4.933   1.00 165.39 ? 18  DC B OP2   1 
ATOM   354 O  "O5'" . DC B 2 7  ? -6.099  4.933   2.915   1.00 118.66 ? 18  DC B "O5'" 1 
ATOM   355 C  "C5'" . DC B 2 7  ? -4.891  4.715   2.201   1.00 113.50 ? 18  DC B "C5'" 1 
ATOM   356 C  "C4'" . DC B 2 7  ? -5.139  4.384   0.751   1.00 112.95 ? 18  DC B "C4'" 1 
ATOM   357 O  "O4'" . DC B 2 7  ? -6.471  3.927   0.449   1.00 102.71 ? 18  DC B "O4'" 1 
ATOM   358 C  "C3'" . DC B 2 7  ? -4.895  5.525   -0.231  1.00 111.37 ? 18  DC B "C3'" 1 
ATOM   359 O  "O3'" . DC B 2 7  ? -3.473  5.709   -0.357  1.00 116.86 ? 18  DC B "O3'" 1 
ATOM   360 C  "C2'" . DC B 2 7  ? -5.681  5.081   -1.464  1.00 98.24  ? 18  DC B "C2'" 1 
ATOM   361 C  "C1'" . DC B 2 7  ? -6.479  3.859   -0.982  1.00 96.10  ? 18  DC B "C1'" 1 
ATOM   362 N  N1    . DC B 2 7  ? -7.877  3.670   -1.433  1.00 84.56  ? 18  DC B N1    1 
ATOM   363 C  C2    . DC B 2 7  ? -8.140  3.224   -2.746  1.00 88.24  ? 18  DC B C2    1 
ATOM   364 O  O2    . DC B 2 7  ? -7.197  3.093   -3.544  1.00 80.92  ? 18  DC B O2    1 
ATOM   365 N  N3    . DC B 2 7  ? -9.421  2.975   -3.113  1.00 84.61  ? 18  DC B N3    1 
ATOM   366 C  C4    . DC B 2 7  ? -10.414 3.148   -2.231  1.00 103.66 ? 18  DC B C4    1 
ATOM   367 N  N4    . DC B 2 7  ? -11.666 2.910   -2.634  1.00 128.43 ? 18  DC B N4    1 
ATOM   368 C  C5    . DC B 2 7  ? -10.171 3.589   -0.898  1.00 92.07  ? 18  DC B C5    1 
ATOM   369 C  C6    . DC B 2 7  ? -8.901  3.819   -0.539  1.00 82.31  ? 18  DC B C6    1 
ATOM   370 P  P     . DT B 2 8  ? -2.846  7.120   -0.820  1.00 153.08 ? 19  DT B P     1 
ATOM   371 O  OP1   . DT B 2 8  ? -1.349  7.030   -0.764  1.00 132.93 ? 19  DT B OP1   1 
ATOM   372 O  OP2   . DT B 2 8  ? -3.524  8.207   -0.071  1.00 166.57 ? 19  DT B OP2   1 
ATOM   373 O  "O5'" . DT B 2 8  ? -3.208  7.139   -2.367  1.00 120.14 ? 19  DT B "O5'" 1 
ATOM   374 C  "C5'" . DT B 2 8  ? -2.365  6.378   -3.218  1.00 108.19 ? 19  DT B "C5'" 1 
ATOM   375 C  "C4'" . DT B 2 8  ? -3.122  5.981   -4.454  1.00 109.35 ? 19  DT B "C4'" 1 
ATOM   376 O  "O4'" . DT B 2 8  ? -4.536  5.913   -4.207  1.00 106.11 ? 19  DT B "O4'" 1 
ATOM   377 C  "C3'" . DT B 2 8  ? -2.963  6.977   -5.591  1.00 114.58 ? 19  DT B "C3'" 1 
ATOM   378 O  "O3'" . DT B 2 8  ? -1.858  6.499   -6.348  1.00 122.77 ? 19  DT B "O3'" 1 
ATOM   379 C  "C2'" . DT B 2 8  ? -4.348  7.022   -6.233  1.00 123.42 ? 19  DT B "C2'" 1 
ATOM   380 C  "C1'" . DT B 2 8  ? -5.117  5.940   -5.495  1.00 113.10 ? 19  DT B "C1'" 1 
ATOM   381 N  N1    . DT B 2 8  ? -6.593  6.070   -5.338  1.00 111.25 ? 19  DT B N1    1 
ATOM   382 C  C2    . DT B 2 8  ? -7.416  5.649   -6.370  1.00 114.63 ? 19  DT B C2    1 
ATOM   383 O  O2    . DT B 2 8  ? -6.992  5.233   -7.438  1.00 138.96 ? 19  DT B O2    1 
ATOM   384 N  N3    . DT B 2 8  ? -8.762  5.743   -6.106  1.00 96.20  ? 19  DT B N3    1 
ATOM   385 C  C4    . DT B 2 8  ? -9.351  6.163   -4.927  1.00 94.12  ? 19  DT B C4    1 
ATOM   386 O  O4    . DT B 2 8  ? -10.577 6.159   -4.821  1.00 89.14  ? 19  DT B O4    1 
ATOM   387 C  C5    . DT B 2 8  ? -8.434  6.581   -3.888  1.00 85.55  ? 19  DT B C5    1 
ATOM   388 C  C7    . DT B 2 8  ? -8.990  7.056   -2.584  1.00 79.93  ? 19  DT B C7    1 
ATOM   389 C  C6    . DT B 2 8  ? -7.119  6.514   -4.141  1.00 87.67  ? 19  DT B C6    1 
ATOM   390 P  P     . DC B 2 9  ? -1.052  7.498   -7.258  1.00 173.98 ? 20  DC B P     1 
ATOM   391 O  OP1   . DC B 2 9  ? 0.124   6.782   -7.815  1.00 196.71 ? 20  DC B OP1   1 
ATOM   392 O  OP2   . DC B 2 9  ? -0.824  8.741   -6.471  1.00 180.66 ? 20  DC B OP2   1 
ATOM   393 O  "O5'" . DC B 2 9  ? -2.071  7.680   -8.468  1.00 174.56 ? 20  DC B "O5'" 1 
ATOM   394 C  "C5'" . DC B 2 9  ? -2.585  6.516   -9.156  1.00 168.48 ? 20  DC B "C5'" 1 
ATOM   395 C  "C4'" . DC B 2 9  ? -3.516  6.922   -10.273 1.00 179.40 ? 20  DC B "C4'" 1 
ATOM   396 O  "O4'" . DC B 2 9  ? -4.874  7.083   -9.794  1.00 182.22 ? 20  DC B "O4'" 1 
ATOM   397 C  "C3'" . DC B 2 9  ? -3.160  8.237   -10.962 1.00 179.95 ? 20  DC B "C3'" 1 
ATOM   398 O  "O3'" . DC B 2 9  ? -3.348  7.996   -12.351 1.00 188.05 ? 20  DC B "O3'" 1 
ATOM   399 C  "C2'" . DC B 2 9  ? -4.113  9.233   -10.323 1.00 172.81 ? 20  DC B "C2'" 1 
ATOM   400 C  "C1'" . DC B 2 9  ? -5.355  8.384   -10.117 1.00 179.24 ? 20  DC B "C1'" 1 
ATOM   401 N  N1    . DC B 2 9  ? -6.254  8.809   -9.027  1.00 176.60 ? 20  DC B N1    1 
ATOM   402 C  C2    . DC B 2 9  ? -7.601  8.410   -9.049  1.00 168.13 ? 20  DC B C2    1 
ATOM   403 O  O2    . DC B 2 9  ? -8.018  7.746   -10.013 1.00 173.41 ? 20  DC B O2    1 
ATOM   404 N  N3    . DC B 2 9  ? -8.413  8.766   -8.023  1.00 133.25 ? 20  DC B N3    1 
ATOM   405 C  C4    . DC B 2 9  ? -7.924  9.480   -7.003  1.00 136.36 ? 20  DC B C4    1 
ATOM   406 N  N4    . DC B 2 9  ? -8.754  9.814   -6.012  1.00 119.95 ? 20  DC B N4    1 
ATOM   407 C  C5    . DC B 2 9  ? -6.561  9.895   -6.957  1.00 148.37 ? 20  DC B C5    1 
ATOM   408 C  C6    . DC B 2 9  ? -5.768  9.537   -7.974  1.00 159.34 ? 20  DC B C6    1 
ATOM   409 P  P     . DA B 2 10 ? -3.681  9.182   -13.320 1.00 197.07 ? 21  DA B P     1 
ATOM   410 O  OP1   . DA B 2 10 ? -3.200  8.799   -14.667 1.00 205.13 ? 21  DA B OP1   1 
ATOM   411 O  OP2   . DA B 2 10 ? -3.206  10.448  -12.686 1.00 176.05 ? 21  DA B OP2   1 
ATOM   412 O  "O5'" . DA B 2 10 ? -5.269  9.149   -13.352 1.00 196.39 ? 21  DA B "O5'" 1 
ATOM   413 C  "C5'" . DA B 2 10 ? -5.984  8.185   -14.150 1.00 197.36 ? 21  DA B "C5'" 1 
ATOM   414 C  "C4'" . DA B 2 10 ? -7.345  8.744   -14.487 1.00 204.85 ? 21  DA B "C4'" 1 
ATOM   415 O  "O4'" . DA B 2 10 ? -7.967  9.202   -13.265 1.00 200.88 ? 21  DA B "O4'" 1 
ATOM   416 C  "C3'" . DA B 2 10 ? -7.319  9.967   -15.405 1.00 208.13 ? 21  DA B "C3'" 1 
ATOM   417 O  "O3'" . DA B 2 10 ? -8.527  10.010  -16.174 1.00 216.13 ? 21  DA B "O3'" 1 
ATOM   418 C  "C2'" . DA B 2 10 ? -7.270  11.122  -14.423 1.00 197.00 ? 21  DA B "C2'" 1 
ATOM   419 C  "C1'" . DA B 2 10 ? -8.224  10.594  -13.379 1.00 180.91 ? 21  DA B "C1'" 1 
ATOM   420 N  N9    . DA B 2 10 ? -8.178  11.178  -12.043 1.00 152.19 ? 21  DA B N9    1 
ATOM   421 C  C8    . DA B 2 10 ? -7.208  11.861  -11.345 1.00 125.61 ? 21  DA B C8    1 
ATOM   422 N  N7    . DA B 2 10 ? -7.589  12.237  -10.147 1.00 112.61 ? 21  DA B N7    1 
ATOM   423 C  C5    . DA B 2 10 ? -8.899  11.779  -10.055 1.00 131.26 ? 21  DA B C5    1 
ATOM   424 C  C6    . DA B 2 10 ? -9.869  11.863  -9.036  1.00 127.25 ? 21  DA B C6    1 
ATOM   425 N  N6    . DA B 2 10 ? -9.657  12.461  -7.861  1.00 126.41 ? 21  DA B N6    1 
ATOM   426 N  N1    . DA B 2 10 ? -11.081 11.306  -9.274  1.00 118.40 ? 21  DA B N1    1 
ATOM   427 C  C2    . DA B 2 10 ? -11.295 10.706  -10.456 1.00 119.00 ? 21  DA B C2    1 
ATOM   428 N  N3    . DA B 2 10 ? -10.463 10.556  -11.484 1.00 125.48 ? 21  DA B N3    1 
ATOM   429 C  C4    . DA B 2 10 ? -9.270  11.123  -11.216 1.00 144.80 ? 21  DA B C4    1 
ATOM   430 P  P     . DC C 3 1  ? 1.172   -7.328  -10.709 1.00 108.95 ? 1   DC C P     1 
ATOM   431 O  OP1   . DC C 3 1  ? -0.029  -6.788  -10.000 1.00 121.21 ? 1   DC C OP1   1 
ATOM   432 O  OP2   . DC C 3 1  ? 2.347   -6.434  -10.894 1.00 85.46  ? 1   DC C OP2   1 
ATOM   433 O  "O5'" . DC C 3 1  ? 1.682   -8.583  -9.872  1.00 77.82  ? 1   DC C "O5'" 1 
ATOM   434 C  "C5'" . DC C 3 1  ? 2.207   -8.367  -8.556  1.00 84.33  ? 1   DC C "C5'" 1 
ATOM   435 C  "C4'" . DC C 3 1  ? 1.785   -9.480  -7.621  1.00 89.78  ? 1   DC C "C4'" 1 
ATOM   436 O  "O4'" . DC C 3 1  ? 2.920   -10.291 -7.232  1.00 82.71  ? 1   DC C "O4'" 1 
ATOM   437 C  "C3'" . DC C 3 1  ? 1.193   -8.983  -6.307  1.00 87.56  ? 1   DC C "C3'" 1 
ATOM   438 O  "O3'" . DC C 3 1  ? 0.229   -9.891  -5.774  1.00 91.24  ? 1   DC C "O3'" 1 
ATOM   439 C  "C2'" . DC C 3 1  ? 2.412   -8.878  -5.411  1.00 75.55  ? 1   DC C "C2'" 1 
ATOM   440 C  "C1'" . DC C 3 1  ? 3.275   -10.027 -5.880  1.00 75.56  ? 1   DC C "C1'" 1 
ATOM   441 N  N1    . DC C 3 1  ? 4.706   -9.748  -5.857  1.00 70.82  ? 1   DC C N1    1 
ATOM   442 C  C2    . DC C 3 1  ? 5.510   -10.390 -4.917  1.00 90.01  ? 1   DC C C2    1 
ATOM   443 O  O2    . DC C 3 1  ? 4.980   -11.141 -4.087  1.00 129.06 ? 1   DC C O2    1 
ATOM   444 N  N3    . DC C 3 1  ? 6.844   -10.172 -4.929  1.00 77.98  ? 1   DC C N3    1 
ATOM   445 C  C4    . DC C 3 1  ? 7.374   -9.354  -5.837  1.00 76.63  ? 1   DC C C4    1 
ATOM   446 N  N4    . DC C 3 1  ? 8.692   -9.166  -5.817  1.00 84.44  ? 1   DC C N4    1 
ATOM   447 C  C5    . DC C 3 1  ? 6.574   -8.691  -6.809  1.00 75.03  ? 1   DC C C5    1 
ATOM   448 C  C6    . DC C 3 1  ? 5.258   -8.917  -6.785  1.00 67.23  ? 1   DC C C6    1 
ATOM   449 P  P     . DT C 3 2  ? -0.628  -9.419  -4.532  1.00 84.86  ? 2   DT C P     1 
ATOM   450 O  OP1   . DT C 3 2  ? -1.789  -10.348 -4.364  1.00 84.60  ? 2   DT C OP1   1 
ATOM   451 O  OP2   . DT C 3 2  ? -0.949  -8.002  -4.792  1.00 78.45  ? 2   DT C OP2   1 
ATOM   452 O  "O5'" . DT C 3 2  ? 0.404   -9.655  -3.328  1.00 60.68  ? 2   DT C "O5'" 1 
ATOM   453 C  "C5'" . DT C 3 2  ? 0.026   -10.537 -2.222  1.00 66.40  ? 2   DT C "C5'" 1 
ATOM   454 C  "C4'" . DT C 3 2  ? 1.145   -10.701 -1.224  1.00 62.47  ? 2   DT C "C4'" 1 
ATOM   455 O  "O4'" . DT C 3 2  ? 2.337   -10.197 -1.839  1.00 77.71  ? 2   DT C "O4'" 1 
ATOM   456 C  "C3'" . DT C 3 2  ? 0.982   -9.806  -0.019  1.00 70.85  ? 2   DT C "C3'" 1 
ATOM   457 O  "O3'" . DT C 3 2  ? -0.053  -10.190 0.860   1.00 72.03  ? 2   DT C "O3'" 1 
ATOM   458 C  "C2'" . DT C 3 2  ? 2.405   -9.541  0.441   1.00 71.87  ? 2   DT C "C2'" 1 
ATOM   459 C  "C1'" . DT C 3 2  ? 3.234   -9.855  -0.791  1.00 75.89  ? 2   DT C "C1'" 1 
ATOM   460 N  N1    . DT C 3 2  ? 4.265   -8.939  -1.349  1.00 71.88  ? 2   DT C N1    1 
ATOM   461 C  C2    . DT C 3 2  ? 5.551   -9.161  -0.907  1.00 73.73  ? 2   DT C C2    1 
ATOM   462 O  O2    . DT C 3 2  ? 5.812   -9.898  0.024   1.00 88.83  ? 2   DT C O2    1 
ATOM   463 N  N3    . DT C 3 2  ? 6.526   -8.477  -1.590  1.00 68.66  ? 2   DT C N3    1 
ATOM   464 C  C4    . DT C 3 2  ? 6.346   -7.629  -2.660  1.00 65.89  ? 2   DT C C4    1 
ATOM   465 O  O4    . DT C 3 2  ? 7.314   -7.074  -3.168  1.00 59.98  ? 2   DT C O4    1 
ATOM   466 C  C5    . DT C 3 2  ? 4.983   -7.482  -3.108  1.00 71.95  ? 2   DT C C5    1 
ATOM   467 C  C7    . DT C 3 2  ? 4.706   -6.564  -4.256  1.00 83.27  ? 2   DT C C7    1 
ATOM   468 C  C6    . DT C 3 2  ? 4.023   -8.162  -2.461  1.00 65.36  ? 2   DT C C6    1 
ATOM   469 P  P     . DG C 3 3  ? -0.154  -11.584 1.450   1.00 97.22  ? 3   DG C P     1 
ATOM   470 O  OP1   . DG C 3 3  ? 1.207   -12.019 1.840   1.00 94.40  ? 3   DG C OP1   1 
ATOM   471 O  OP2   . DG C 3 3  ? -1.012  -12.411 0.553   1.00 105.85 ? 3   DG C OP2   1 
ATOM   472 O  "O5'" . DG C 3 3  ? -1.039  -11.254 2.721   1.00 90.84  ? 3   DG C "O5'" 1 
ATOM   473 C  "C5'" . DG C 3 3  ? -0.999  -9.896  3.217   1.00 84.63  ? 3   DG C "C5'" 1 
ATOM   474 C  "C4'" . DG C 3 3  ? -2.366  -9.299  3.498   1.00 86.58  ? 3   DG C "C4'" 1 
ATOM   475 O  "O4'" . DG C 3 3  ? -2.919  -8.673  2.334   1.00 65.10  ? 3   DG C "O4'" 1 
ATOM   476 C  "C3'" . DG C 3 3  ? -3.494  -10.195 3.990   1.00 82.19  ? 3   DG C "C3'" 1 
ATOM   477 O  "O3'" . DG C 3 3  ? -3.271  -10.639 5.328   1.00 77.20  ? 3   DG C "O3'" 1 
ATOM   478 C  "C2'" . DG C 3 3  ? -4.712  -9.322  3.758   1.00 63.74  ? 3   DG C "C2'" 1 
ATOM   479 C  "C1'" . DG C 3 3  ? -4.337  -8.630  2.447   1.00 60.33  ? 3   DG C "C1'" 1 
ATOM   480 N  N9    . DG C 3 3  ? -4.845  -9.232  1.238   1.00 54.92  ? 3   DG C N9    1 
ATOM   481 C  C8    . DG C 3 3  ? -4.092  -9.562  0.137   1.00 63.45  ? 3   DG C C8    1 
ATOM   482 N  N7    . DG C 3 3  ? -4.791  -10.111 -0.816  1.00 56.61  ? 3   DG C N7    1 
ATOM   483 C  C5    . DG C 3 3  ? -6.079  -10.136 -0.315  1.00 55.00  ? 3   DG C C5    1 
ATOM   484 C  C6    . DG C 3 3  ? -7.253  -10.610 -0.896  1.00 64.64  ? 3   DG C C6    1 
ATOM   485 O  O6    . DG C 3 3  ? -7.401  -11.113 -2.006  1.00 93.03  ? 3   DG C O6    1 
ATOM   486 N  N1    . DG C 3 3  ? -8.340  -10.480 -0.042  1.00 63.87  ? 3   DG C N1    1 
ATOM   487 C  C2    . DG C 3 3  ? -8.300  -9.912  1.198   1.00 72.48  ? 3   DG C C2    1 
ATOM   488 N  N2    . DG C 3 3  ? -9.470  -9.840  1.843   1.00 92.29  ? 3   DG C N2    1 
ATOM   489 N  N3    . DG C 3 3  ? -7.193  -9.456  1.764   1.00 58.11  ? 3   DG C N3    1 
ATOM   490 C  C4    . DG C 3 3  ? -6.128  -9.597  0.951   1.00 56.38  ? 3   DG C C4    1 
ATOM   491 P  P     . DG C 3 4  ? -3.536  -12.175 5.650   1.00 101.56 ? 4   DG C P     1 
ATOM   492 O  OP1   . DG C 3 4  ? -3.067  -12.387 7.053   1.00 82.63  ? 4   DG C OP1   1 
ATOM   493 O  OP2   . DG C 3 4  ? -2.936  -13.034 4.554   1.00 87.26  ? 4   DG C OP2   1 
ATOM   494 O  "O5'" . DG C 3 4  ? -5.126  -12.218 5.504   1.00 68.71  ? 4   DG C "O5'" 1 
ATOM   495 C  "C5'" . DG C 3 4  ? -5.862  -11.426 6.442   1.00 84.21  ? 4   DG C "C5'" 1 
ATOM   496 C  "C4'" . DG C 3 4  ? -7.352  -11.595 6.284   1.00 93.06  ? 4   DG C "C4'" 1 
ATOM   497 O  "O4'" . DG C 3 4  ? -7.808  -11.008 5.050   1.00 107.69 ? 4   DG C "O4'" 1 
ATOM   498 C  "C3'" . DG C 3 4  ? -7.872  -13.021 6.252   1.00 90.05  ? 4   DG C "C3'" 1 
ATOM   499 O  "O3'" . DG C 3 4  ? -8.158  -13.417 7.583   1.00 98.06  ? 4   DG C "O3'" 1 
ATOM   500 C  "C2'" . DG C 3 4  ? -9.142  -12.889 5.436   1.00 81.98  ? 4   DG C "C2'" 1 
ATOM   501 C  "C1'" . DG C 3 4  ? -8.702  -11.899 4.401   1.00 78.02  ? 4   DG C "C1'" 1 
ATOM   502 N  N9    . DG C 3 4  ? -7.972  -12.489 3.308   1.00 63.37  ? 4   DG C N9    1 
ATOM   503 C  C8    . DG C 3 4  ? -6.615  -12.416 3.113   1.00 78.52  ? 4   DG C C8    1 
ATOM   504 N  N7    . DG C 3 4  ? -6.229  -12.945 1.985   1.00 90.10  ? 4   DG C N7    1 
ATOM   505 C  C5    . DG C 3 4  ? -7.405  -13.362 1.388   1.00 65.08  ? 4   DG C C5    1 
ATOM   506 C  C6    . DG C 3 4  ? -7.603  -14.070 0.191   1.00 79.37  ? 4   DG C C6    1 
ATOM   507 O  O6    . DG C 3 4  ? -6.743  -14.453 -0.625  1.00 76.26  ? 4   DG C O6    1 
ATOM   508 N  N1    . DG C 3 4  ? -8.958  -14.326 -0.029  1.00 76.04  ? 4   DG C N1    1 
ATOM   509 C  C2    . DG C 3 4  ? -9.978  -13.974 0.830   1.00 70.11  ? 4   DG C C2    1 
ATOM   510 N  N2    . DG C 3 4  ? -11.209 -14.315 0.454   1.00 72.47  ? 4   DG C N2    1 
ATOM   511 N  N3    . DG C 3 4  ? -9.794  -13.356 1.985   1.00 51.32  ? 4   DG C N3    1 
ATOM   512 C  C4    . DG C 3 4  ? -8.493  -13.081 2.195   1.00 57.83  ? 4   DG C C4    1 
ATOM   513 P  P     . DT C 3 5  ? -9.003  -14.742 7.835   1.00 114.69 ? 5   DT C P     1 
ATOM   514 O  OP1   . DT C 3 5  ? -8.686  -15.229 9.213   1.00 98.55  ? 5   DT C OP1   1 
ATOM   515 O  OP2   . DT C 3 5  ? -8.891  -15.650 6.647   1.00 74.49  ? 5   DT C OP2   1 
ATOM   516 O  "O5'" . DT C 3 5  ? -10.503 -14.236 7.728   1.00 95.33  ? 5   DT C "O5'" 1 
ATOM   517 C  "C5'" . DT C 3 5  ? -11.556 -15.190 7.874   1.00 95.42  ? 5   DT C "C5'" 1 
ATOM   518 C  "C4'" . DT C 3 5  ? -12.245 -15.348 6.545   1.00 87.04  ? 5   DT C "C4'" 1 
ATOM   519 O  "O4'" . DT C 3 5  ? -11.248 -15.411 5.521   1.00 82.02  ? 5   DT C "O4'" 1 
ATOM   520 C  "C3'" . DT C 3 5  ? -13.079 -16.617 6.378   1.00 93.00  ? 5   DT C "C3'" 1 
ATOM   521 O  "O3'" . DT C 3 5  ? -14.472 -16.332 6.554   1.00 95.92  ? 5   DT C "O3'" 1 
ATOM   522 C  "C2'" . DT C 3 5  ? -12.792 -17.064 4.955   1.00 88.31  ? 5   DT C "C2'" 1 
ATOM   523 C  "C1'" . DT C 3 5  ? -11.896 -15.975 4.404   1.00 89.81  ? 5   DT C "C1'" 1 
ATOM   524 N  N1    . DT C 3 5  ? -10.871 -16.428 3.460   1.00 79.61  ? 5   DT C N1    1 
ATOM   525 C  C2    . DT C 3 5  ? -11.296 -17.068 2.321   1.00 81.64  ? 5   DT C C2    1 
ATOM   526 O  O2    . DT C 3 5  ? -12.468 -17.337 2.103   1.00 87.43  ? 5   DT C O2    1 
ATOM   527 N  N3    . DT C 3 5  ? -10.293 -17.408 1.454   1.00 83.84  ? 5   DT C N3    1 
ATOM   528 C  C4    . DT C 3 5  ? -8.942  -17.197 1.620   1.00 81.83  ? 5   DT C C4    1 
ATOM   529 O  O4    . DT C 3 5  ? -8.153  -17.587 0.764   1.00 100.92 ? 5   DT C O4    1 
ATOM   530 C  C5    . DT C 3 5  ? -8.570  -16.516 2.836   1.00 72.61  ? 5   DT C C5    1 
ATOM   531 C  C7    . DT C 3 5  ? -7.126  -16.232 3.095   1.00 90.54  ? 5   DT C C7    1 
ATOM   532 C  C6    . DT C 3 5  ? -9.538  -16.180 3.687   1.00 64.44  ? 5   DT C C6    1 
ATOM   533 O  "O5'" . DT D 4 1  ? -10.513 22.084  -2.618  1.00 147.39 ? 1   DT D "O5'" 1 
ATOM   534 C  "C5'" . DT D 4 1  ? -11.213 21.418  -1.543  1.00 159.49 ? 1   DT D "C5'" 1 
ATOM   535 C  "C4'" . DT D 4 1  ? -12.629 21.064  -1.946  1.00 168.44 ? 1   DT D "C4'" 1 
ATOM   536 O  "O4'" . DT D 4 1  ? -12.773 21.116  -3.388  1.00 174.06 ? 1   DT D "O4'" 1 
ATOM   537 C  "C3'" . DT D 4 1  ? -13.079 19.660  -1.543  1.00 160.32 ? 1   DT D "C3'" 1 
ATOM   538 O  "O3'" . DT D 4 1  ? -14.484 19.546  -1.311  1.00 178.74 ? 1   DT D "O3'" 1 
ATOM   539 C  "C2'" . DT D 4 1  ? -12.818 18.851  -2.792  1.00 152.50 ? 1   DT D "C2'" 1 
ATOM   540 C  "C1'" . DT D 4 1  ? -13.153 19.840  -3.888  1.00 145.83 ? 1   DT D "C1'" 1 
ATOM   541 N  N1    . DT D 4 1  ? -12.373 19.581  -5.103  1.00 130.87 ? 1   DT D N1    1 
ATOM   542 C  C2    . DT D 4 1  ? -12.986 18.967  -6.175  1.00 128.21 ? 1   DT D C2    1 
ATOM   543 O  O2    . DT D 4 1  ? -14.168 18.651  -6.181  1.00 105.42 ? 1   DT D O2    1 
ATOM   544 N  N3    . DT D 4 1  ? -12.155 18.728  -7.247  1.00 124.49 ? 1   DT D N3    1 
ATOM   545 C  C4    . DT D 4 1  ? -10.805 19.026  -7.340  1.00 124.76 ? 1   DT D C4    1 
ATOM   546 O  O4    . DT D 4 1  ? -10.190 18.754  -8.367  1.00 122.39 ? 1   DT D O4    1 
ATOM   547 C  C5    . DT D 4 1  ? -10.228 19.655  -6.171  1.00 121.30 ? 1   DT D C5    1 
ATOM   548 C  C7    . DT D 4 1  ? -8.773  20.002  -6.170  1.00 119.68 ? 1   DT D C7    1 
ATOM   549 C  C6    . DT D 4 1  ? -11.031 19.897  -5.127  1.00 117.03 ? 1   DT D C6    1 
ATOM   550 P  P     . DC D 4 2  ? -15.080 18.199  -0.670  1.00 204.13 ? 2   DC D P     1 
ATOM   551 O  OP1   . DC D 4 2  ? -16.027 18.574  0.417   1.00 230.05 ? 2   DC D OP1   1 
ATOM   552 O  OP2   . DC D 4 2  ? -13.954 17.286  -0.379  1.00 221.83 ? 2   DC D OP2   1 
ATOM   553 O  "O5'" . DC D 4 2  ? -15.896 17.529  -1.859  1.00 161.22 ? 2   DC D "O5'" 1 
ATOM   554 C  "C5'" . DC D 4 2  ? -16.963 16.612  -1.542  1.00 146.58 ? 2   DC D "C5'" 1 
ATOM   555 C  "C4'" . DC D 4 2  ? -17.720 16.252  -2.796  1.00 143.23 ? 2   DC D "C4'" 1 
ATOM   556 O  "O4'" . DC D 4 2  ? -16.931 16.653  -3.949  1.00 135.09 ? 2   DC D "O4'" 1 
ATOM   557 C  "C3'" . DC D 4 2  ? -17.965 14.755  -2.957  1.00 141.78 ? 2   DC D "C3'" 1 
ATOM   558 O  "O3'" . DC D 4 2  ? -19.233 14.476  -3.564  1.00 168.28 ? 2   DC D "O3'" 1 
ATOM   559 C  "C2'" . DC D 4 2  ? -16.782 14.344  -3.805  1.00 137.80 ? 2   DC D "C2'" 1 
ATOM   560 C  "C1'" . DC D 4 2  ? -16.656 15.522  -4.750  1.00 127.42 ? 2   DC D "C1'" 1 
ATOM   561 N  N1    . DC D 4 2  ? -15.284 15.647  -5.257  1.00 131.61 ? 2   DC D N1    1 
ATOM   562 C  C2    . DC D 4 2  ? -14.975 15.151  -6.534  1.00 140.38 ? 2   DC D C2    1 
ATOM   563 O  O2    . DC D 4 2  ? -15.891 14.702  -7.244  1.00 129.81 ? 2   DC D O2    1 
ATOM   564 N  N3    . DC D 4 2  ? -13.688 15.196  -6.966  1.00 131.87 ? 2   DC D N3    1 
ATOM   565 C  C4    . DC D 4 2  ? -12.731 15.674  -6.165  1.00 130.09 ? 2   DC D C4    1 
ATOM   566 N  N4    . DC D 4 2  ? -11.477 15.704  -6.627  1.00 112.89 ? 2   DC D N4    1 
ATOM   567 C  C5    . DC D 4 2  ? -13.017 16.154  -4.851  1.00 129.37 ? 2   DC D C5    1 
ATOM   568 C  C6    . DC D 4 2  ? -14.292 16.118  -4.441  1.00 122.77 ? 2   DC D C6    1 
ATOM   569 P  P     . DT D 4 3  ? -19.763 12.959  -3.669  1.00 202.32 ? 3   DT D P     1 
ATOM   570 O  OP1   . DT D 4 3  ? -21.095 12.973  -4.320  1.00 202.81 ? 3   DT D OP1   1 
ATOM   571 O  OP2   . DT D 4 3  ? -19.626 12.320  -2.331  1.00 197.69 ? 3   DT D OP2   1 
ATOM   572 O  "O5'" . DT D 4 3  ? -18.750 12.323  -4.721  1.00 186.85 ? 3   DT D "O5'" 1 
ATOM   573 C  "C5'" . DT D 4 3  ? -18.593 12.891  -6.042  1.00 183.41 ? 3   DT D "C5'" 1 
ATOM   574 C  "C4'" . DT D 4 3  ? -18.835 11.827  -7.083  1.00 196.69 ? 3   DT D "C4'" 1 
ATOM   575 O  "O4'" . DT D 4 3  ? -17.656 11.650  -7.901  1.00 186.59 ? 3   DT D "O4'" 1 
ATOM   576 C  "C3'" . DT D 4 3  ? -19.135 10.446  -6.514  1.00 199.31 ? 3   DT D "C3'" 1 
ATOM   577 O  "O3'" . DT D 4 3  ? -20.039 9.821   -7.422  1.00 245.15 ? 3   DT D "O3'" 1 
ATOM   578 C  "C2'" . DT D 4 3  ? -17.753 9.832   -6.370  1.00 180.57 ? 3   DT D "C2'" 1 
ATOM   579 C  "C1'" . DT D 4 3  ? -16.951 10.478  -7.506  1.00 167.31 ? 3   DT D "C1'" 1 
ATOM   580 N  N1    . DT D 4 3  ? -15.560 10.878  -7.204  1.00 149.88 ? 3   DT D N1    1 
ATOM   581 C  C2    . DT D 4 3  ? -14.638 10.864  -8.233  1.00 141.02 ? 3   DT D C2    1 
ATOM   582 O  O2    . DT D 4 3  ? -14.906 10.504  -9.370  1.00 141.01 ? 3   DT D O2    1 
ATOM   583 N  N3    . DT D 4 3  ? -13.377 11.281  -7.874  1.00 130.50 ? 3   DT D N3    1 
ATOM   584 C  C4    . DT D 4 3  ? -12.960 11.711  -6.625  1.00 134.37 ? 3   DT D C4    1 
ATOM   585 O  O4    . DT D 4 3  ? -11.792 12.062  -6.451  1.00 109.00 ? 3   DT D O4    1 
ATOM   586 C  C5    . DT D 4 3  ? -13.979 11.709  -5.603  1.00 136.57 ? 3   DT D C5    1 
ATOM   587 C  C7    . DT D 4 3  ? -13.617 12.159  -4.223  1.00 134.23 ? 3   DT D C7    1 
ATOM   588 C  C6    . DT D 4 3  ? -15.214 11.310  -5.940  1.00 142.37 ? 3   DT D C6    1 
ATOM   589 P  P     . DG D 4 4  ? -20.366 8.284   -7.283  1.00 279.80 ? 4   DG D P     1 
ATOM   590 O  OP1   . DG D 4 4  ? -21.625 8.010   -8.020  1.00 303.23 ? 4   DG D OP1   1 
ATOM   591 O  OP2   . DG D 4 4  ? -20.262 7.923   -5.843  1.00 279.11 ? 4   DG D OP2   1 
ATOM   592 O  "O5'" . DG D 4 4  ? -19.162 7.629   -8.089  1.00 249.07 ? 4   DG D "O5'" 1 
ATOM   593 C  "C5'" . DG D 4 4  ? -18.778 8.064   -9.414  1.00 208.41 ? 4   DG D "C5'" 1 
ATOM   594 C  "C4'" . DG D 4 4  ? -17.703 7.138   -9.934  1.00 189.41 ? 4   DG D "C4'" 1 
ATOM   595 O  "O4'" . DG D 4 4  ? -16.388 7.582   -9.517  1.00 176.62 ? 4   DG D "O4'" 1 
ATOM   596 C  "C3'" . DG D 4 4  ? -17.843 5.718   -9.387  1.00 176.55 ? 4   DG D "C3'" 1 
ATOM   597 O  "O3'" . DG D 4 4  ? -17.478 4.754   -10.372 1.00 175.31 ? 4   DG D "O3'" 1 
ATOM   598 C  "C2'" . DG D 4 4  ? -16.890 5.711   -8.211  1.00 160.55 ? 4   DG D "C2'" 1 
ATOM   599 C  "C1'" . DG D 4 4  ? -15.760 6.517   -8.806  1.00 151.24 ? 4   DG D "C1'" 1 
ATOM   600 N  N9    . DG D 4 4  ? -14.806 7.092   -7.864  1.00 130.11 ? 4   DG D N9    1 
ATOM   601 C  C8    . DG D 4 4  ? -15.003 7.453   -6.549  1.00 109.78 ? 4   DG D C8    1 
ATOM   602 N  N7    . DG D 4 4  ? -13.928 7.934   -5.984  1.00 95.05  ? 4   DG D N7    1 
ATOM   603 C  C5    . DG D 4 4  ? -12.963 7.883   -6.983  1.00 111.10 ? 4   DG D C5    1 
ATOM   604 C  C6    . DG D 4 4  ? -11.591 8.269   -6.964  1.00 105.17 ? 4   DG D C6    1 
ATOM   605 O  O6    . DG D 4 4  ? -10.942 8.760   -6.033  1.00 111.27 ? 4   DG D O6    1 
ATOM   606 N  N1    . DG D 4 4  ? -10.975 8.041   -8.194  1.00 104.28 ? 4   DG D N1    1 
ATOM   607 C  C2    . DG D 4 4  ? -11.597 7.517   -9.308  1.00 122.59 ? 4   DG D C2    1 
ATOM   608 N  N2    . DG D 4 4  ? -10.835 7.377   -10.411 1.00 107.26 ? 4   DG D N2    1 
ATOM   609 N  N3    . DG D 4 4  ? -12.874 7.152   -9.337  1.00 116.91 ? 4   DG D N3    1 
ATOM   610 C  C4    . DG D 4 4  ? -13.489 7.363   -8.149  1.00 124.25 ? 4   DG D C4    1 
ATOM   611 P  P     . DA D 4 5  ? -18.563 3.698   -10.845 1.00 194.84 ? 5   DA D P     1 
ATOM   612 O  OP1   . DA D 4 5  ? -19.387 4.340   -11.897 1.00 213.38 ? 5   DA D OP1   1 
ATOM   613 O  OP2   . DA D 4 5  ? -19.243 3.172   -9.632  1.00 188.06 ? 5   DA D OP2   1 
ATOM   614 O  "O5'" . DA D 4 5  ? -17.672 2.535   -11.475 1.00 196.81 ? 5   DA D "O5'" 1 
ATOM   615 C  "C5'" . DA D 4 5  ? -17.452 2.418   -12.898 1.00 196.04 ? 5   DA D "C5'" 1 
ATOM   616 C  "C4'" . DA D 4 5  ? -15.979 2.259   -13.197 1.00 184.78 ? 5   DA D "C4'" 1 
ATOM   617 O  "O4'" . DA D 4 5  ? -15.203 3.069   -12.278 1.00 169.85 ? 5   DA D "O4'" 1 
ATOM   618 C  "C3'" . DA D 4 5  ? -15.438 0.836   -13.047 1.00 172.91 ? 5   DA D "C3'" 1 
ATOM   619 O  "O3'" . DA D 4 5  ? -14.382 0.622   -13.984 1.00 183.95 ? 5   DA D "O3'" 1 
ATOM   620 C  "C2'" . DA D 4 5  ? -14.904 0.839   -11.632 1.00 160.75 ? 5   DA D "C2'" 1 
ATOM   621 C  "C1'" . DA D 4 5  ? -14.317 2.233   -11.553 1.00 148.66 ? 5   DA D "C1'" 1 
ATOM   622 N  N9    . DA D 4 5  ? -14.230 2.740   -10.192 1.00 126.03 ? 5   DA D N9    1 
ATOM   623 C  C8    . DA D 4 5  ? -15.210 2.775   -9.229  1.00 122.01 ? 5   DA D C8    1 
ATOM   624 N  N7    . DA D 4 5  ? -14.807 3.264   -8.081  1.00 111.96 ? 5   DA D N7    1 
ATOM   625 C  C5    . DA D 4 5  ? -13.477 3.586   -8.308  1.00 104.80 ? 5   DA D C5    1 
ATOM   626 C  C6    . DA D 4 5  ? -12.491 4.156   -7.482  1.00 95.49  ? 5   DA D C6    1 
ATOM   627 N  N6    . DA D 4 5  ? -12.716 4.525   -6.217  1.00 93.01  ? 5   DA D N6    1 
ATOM   628 N  N1    . DA D 4 5  ? -11.251 4.330   -8.005  1.00 80.33  ? 5   DA D N1    1 
ATOM   629 C  C2    . DA D 4 5  ? -11.036 3.956   -9.281  1.00 100.82 ? 5   DA D C2    1 
ATOM   630 N  N3    . DA D 4 5  ? -11.886 3.404   -10.155 1.00 94.86  ? 5   DA D N3    1 
ATOM   631 C  C4    . DA D 4 5  ? -13.104 3.251   -9.600  1.00 110.77 ? 5   DA D C4    1 
ATOM   632 P  P     . DG D 4 6  ? -13.699 -0.817  -14.127 1.00 186.36 ? 6   DG D P     1 
ATOM   633 O  OP1   . DG D 4 6  ? -13.853 -1.266  -15.535 1.00 205.10 ? 6   DG D OP1   1 
ATOM   634 O  OP2   . DG D 4 6  ? -14.202 -1.685  -13.034 1.00 194.32 ? 6   DG D OP2   1 
ATOM   635 O  "O5'" . DG D 4 6  ? -12.160 -0.492  -13.887 1.00 158.01 ? 6   DG D "O5'" 1 
ATOM   636 C  "C5'" . DG D 4 6  ? -11.785 0.614   -13.067 1.00 137.16 ? 6   DG D "C5'" 1 
ATOM   637 C  "C4'" . DG D 4 6  ? -10.324 0.560   -12.703 1.00 147.36 ? 6   DG D "C4'" 1 
ATOM   638 O  "O4'" . DG D 4 6  ? -10.205 1.227   -11.425 1.00 149.51 ? 6   DG D "O4'" 1 
ATOM   639 C  "C3'" . DG D 4 6  ? -9.760  -0.841  -12.467 1.00 149.33 ? 6   DG D "C3'" 1 
ATOM   640 O  "O3'" . DG D 4 6  ? -8.332  -0.837  -12.640 1.00 159.34 ? 6   DG D "O3'" 1 
ATOM   641 C  "C2'" . DG D 4 6  ? -10.160 -1.088  -11.029 1.00 131.25 ? 6   DG D "C2'" 1 
ATOM   642 C  "C1'" . DG D 4 6  ? -9.845  0.269   -10.436 1.00 126.85 ? 6   DG D "C1'" 1 
ATOM   643 N  N9    . DG D 4 6  ? -10.571 0.579   -9.213  1.00 111.72 ? 6   DG D N9    1 
ATOM   644 C  C8    . DG D 4 6  ? -11.916 0.420   -8.966  1.00 100.68 ? 6   DG D C8    1 
ATOM   645 N  N7    . DG D 4 6  ? -12.258 0.755   -7.749  1.00 82.32  ? 6   DG D N7    1 
ATOM   646 C  C5    . DG D 4 6  ? -11.066 1.154   -7.155  1.00 81.73  ? 6   DG D C5    1 
ATOM   647 C  C6    . DG D 4 6  ? -10.811 1.639   -5.847  1.00 81.76  ? 6   DG D C6    1 
ATOM   648 O  O6    . DG D 4 6  ? -11.615 1.808   -4.922  1.00 80.22  ? 6   DG D O6    1 
ATOM   649 N  N1    . DG D 4 6  ? -9.459  1.937   -5.662  1.00 76.22  ? 6   DG D N1    1 
ATOM   650 C  C2    . DG D 4 6  ? -8.476  1.780   -6.617  1.00 86.30  ? 6   DG D C2    1 
ATOM   651 N  N2    . DG D 4 6  ? -7.226  2.110   -6.248  1.00 79.16  ? 6   DG D N2    1 
ATOM   652 N  N3    . DG D 4 6  ? -8.704  1.329   -7.843  1.00 85.77  ? 6   DG D N3    1 
ATOM   653 C  C4    . DG D 4 6  ? -10.014 1.044   -8.044  1.00 96.17  ? 6   DG D C4    1 
ATOM   654 P  P     . DT D 4 7  ? -7.455  -2.160  -12.330 1.00 152.28 ? 7   DT D P     1 
ATOM   655 O  OP1   . DT D 4 7  ? -6.367  -2.280  -13.345 1.00 138.83 ? 7   DT D OP1   1 
ATOM   656 O  OP2   . DT D 4 7  ? -8.386  -3.296  -12.112 1.00 160.03 ? 7   DT D OP2   1 
ATOM   657 O  "O5'" . DT D 4 7  ? -6.696  -1.781  -10.989 1.00 124.83 ? 7   DT D "O5'" 1 
ATOM   658 C  "C5'" . DT D 4 7  ? -5.269  -1.821  -11.000 1.00 116.00 ? 7   DT D "C5'" 1 
ATOM   659 C  "C4'" . DT D 4 7  ? -4.736  -1.510  -9.625  1.00 121.75 ? 7   DT D "C4'" 1 
ATOM   660 O  "O4'" . DT D 4 7  ? -5.796  -1.194  -8.685  1.00 116.63 ? 7   DT D "O4'" 1 
ATOM   661 C  "C3'" . DT D 4 7  ? -3.924  -2.641  -8.987  1.00 122.50 ? 7   DT D "C3'" 1 
ATOM   662 O  "O3'" . DT D 4 7  ? -2.684  -2.010  -8.666  1.00 119.51 ? 7   DT D "O3'" 1 
ATOM   663 C  "C2'" . DT D 4 7  ? -4.788  -3.067  -7.808  1.00 117.47 ? 7   DT D "C2'" 1 
ATOM   664 C  "C1'" . DT D 4 7  ? -5.405  -1.737  -7.441  1.00 107.41 ? 7   DT D "C1'" 1 
ATOM   665 N  N1    . DT D 4 7  ? -6.575  -1.709  -6.534  1.00 103.71 ? 7   DT D N1    1 
ATOM   666 C  C2    . DT D 4 7  ? -6.369  -1.297  -5.231  1.00 114.62 ? 7   DT D C2    1 
ATOM   667 O  O2    . DT D 4 7  ? -5.269  -1.021  -4.786  1.00 131.75 ? 7   DT D O2    1 
ATOM   668 N  N3    . DT D 4 7  ? -7.504  -1.232  -4.461  1.00 104.36 ? 7   DT D N3    1 
ATOM   669 C  C4    . DT D 4 7  ? -8.795  -1.525  -4.852  1.00 100.09 ? 7   DT D C4    1 
ATOM   670 O  O4    . DT D 4 7  ? -9.720  -1.407  -4.050  1.00 88.30  ? 7   DT D O4    1 
ATOM   671 C  C5    . DT D 4 7  ? -8.941  -1.943  -6.233  1.00 90.48  ? 7   DT D C5    1 
ATOM   672 C  C7    . DT D 4 7  ? -10.304 -2.275  -6.750  1.00 91.39  ? 7   DT D C7    1 
ATOM   673 C  C6    . DT D 4 7  ? -7.838  -2.009  -6.995  1.00 86.06  ? 7   DT D C6    1 
ATOM   674 P  P     . DG D 4 8  ? -1.362  -2.846  -8.360  1.00 144.71 ? 8   DG D P     1 
ATOM   675 O  OP1   . DG D 4 8  ? -0.309  -2.388  -9.310  1.00 133.04 ? 8   DG D OP1   1 
ATOM   676 O  OP2   . DG D 4 8  ? -1.719  -4.297  -8.274  1.00 137.04 ? 8   DG D OP2   1 
ATOM   677 O  "O5'" . DG D 4 8  ? -0.987  -2.304  -6.912  1.00 121.08 ? 8   DG D "O5'" 1 
ATOM   678 C  "C5'" . DG D 4 8  ? -2.029  -1.767  -6.080  1.00 98.96  ? 8   DG D "C5'" 1 
ATOM   679 C  "C4'" . DG D 4 8  ? -1.559  -1.645  -4.656  1.00 94.56  ? 8   DG D "C4'" 1 
ATOM   680 O  "O4'" . DG D 4 8  ? -2.665  -1.827  -3.739  1.00 108.56 ? 8   DG D "O4'" 1 
ATOM   681 C  "C3'" . DG D 4 8  ? -0.565  -2.696  -4.231  1.00 88.27  ? 8   DG D "C3'" 1 
ATOM   682 O  "O3'" . DG D 4 8  ? 0.061   -2.066  -3.125  1.00 87.50  ? 8   DG D "O3'" 1 
ATOM   683 C  "C2'" . DG D 4 8  ? -1.479  -3.847  -3.847  1.00 96.28  ? 8   DG D "C2'" 1 
ATOM   684 C  "C1'" . DG D 4 8  ? -2.647  -3.136  -3.180  1.00 94.59  ? 8   DG D "C1'" 1 
ATOM   685 N  N9    . DG D 4 8  ? -3.974  -3.704  -3.401  1.00 88.54  ? 8   DG D N9    1 
ATOM   686 C  C8    . DG D 4 8  ? -4.449  -4.298  -4.545  1.00 90.23  ? 8   DG D C8    1 
ATOM   687 N  N7    . DG D 4 8  ? -5.713  -4.616  -4.470  1.00 75.96  ? 8   DG D N7    1 
ATOM   688 C  C5    . DG D 4 8  ? -6.099  -4.183  -3.213  1.00 78.43  ? 8   DG D C5    1 
ATOM   689 C  C6    . DG D 4 8  ? -7.355  -4.254  -2.574  1.00 90.06  ? 8   DG D C6    1 
ATOM   690 O  O6    . DG D 4 8  ? -8.408  -4.724  -3.013  1.00 92.18  ? 8   DG D O6    1 
ATOM   691 N  N1    . DG D 4 8  ? -7.315  -3.686  -1.300  1.00 75.16  ? 8   DG D N1    1 
ATOM   692 C  C2    . DG D 4 8  ? -6.197  -3.125  -0.722  1.00 80.37  ? 8   DG D C2    1 
ATOM   693 N  N2    . DG D 4 8  ? -6.347  -2.615  0.503   1.00 93.19  ? 8   DG D N2    1 
ATOM   694 N  N3    . DG D 4 8  ? -5.012  -3.072  -1.306  1.00 80.03  ? 8   DG D N3    1 
ATOM   695 C  C4    . DG D 4 8  ? -5.038  -3.609  -2.544  1.00 83.82  ? 8   DG D C4    1 
ATOM   696 P  P     . DC D 4 9  ? 1.140   -2.850  -2.308  1.00 105.02 ? 9   DC D P     1 
ATOM   697 O  OP1   . DC D 4 9  ? 2.377   -2.011  -2.200  1.00 101.31 ? 9   DC D OP1   1 
ATOM   698 O  OP2   . DC D 4 9  ? 1.217   -4.208  -2.881  1.00 117.18 ? 9   DC D OP2   1 
ATOM   699 O  "O5'" . DC D 4 9  ? 0.456   -3.004  -0.885  1.00 99.99  ? 9   DC D "O5'" 1 
ATOM   700 C  "C5'" . DC D 4 9  ? 0.789   -4.060  0.029   1.00 73.09  ? 9   DC D "C5'" 1 
ATOM   701 C  "C4'" . DC D 4 9  ? -0.506  -4.614  0.561   1.00 73.34  ? 9   DC D "C4'" 1 
ATOM   702 O  "O4'" . DC D 4 9  ? -1.510  -4.878  -0.465  1.00 78.68  ? 9   DC D "O4'" 1 
ATOM   703 C  "C3'" . DC D 4 9  ? -0.339  -5.929  1.298   1.00 73.80  ? 9   DC D "C3'" 1 
ATOM   704 O  "O3'" . DC D 4 9  ? -0.609  -5.667  2.657   1.00 81.91  ? 9   DC D "O3'" 1 
ATOM   705 C  "C2'" . DC D 4 9  ? -1.426  -6.814  0.717   1.00 71.45  ? 9   DC D "C2'" 1 
ATOM   706 C  "C1'" . DC D 4 9  ? -2.364  -5.788  0.193   1.00 69.55  ? 9   DC D "C1'" 1 
ATOM   707 N  N1    . DC D 4 9  ? -3.367  -6.310  -0.737  1.00 62.22  ? 9   DC D N1    1 
ATOM   708 C  C2    . DC D 4 9  ? -4.653  -6.532  -0.237  1.00 64.79  ? 9   DC D C2    1 
ATOM   709 O  O2    . DC D 4 9  ? -4.895  -6.235  0.936   1.00 74.12  ? 9   DC D O2    1 
ATOM   710 N  N3    . DC D 4 9  ? -5.599  -7.052  -1.045  1.00 58.72  ? 9   DC D N3    1 
ATOM   711 C  C4    . DC D 4 9  ? -5.299  -7.356  -2.308  1.00 79.28  ? 9   DC D C4    1 
ATOM   712 N  N4    . DC D 4 9  ? -6.264  -7.863  -3.073  1.00 97.68  ? 9   DC D N4    1 
ATOM   713 C  C5    . DC D 4 9  ? -3.992  -7.153  -2.843  1.00 68.97  ? 9   DC D C5    1 
ATOM   714 C  C6    . DC D 4 9  ? -3.063  -6.637  -2.025  1.00 66.68  ? 9   DC D C6    1 
ATOM   715 P  P     . DC D 4 10 ? 0.581   -5.590  3.666   1.00 104.23 ? 10  DC D P     1 
ATOM   716 O  OP1   . DC D 4 10 ? 0.383   -6.611  4.729   1.00 110.46 ? 10  DC D OP1   1 
ATOM   717 O  OP2   . DC D 4 10 ? 0.774   -4.182  4.038   1.00 123.28 ? 10  DC D OP2   1 
ATOM   718 O  "O5'" . DC D 4 10 ? 1.844   -5.895  2.760   1.00 90.64  ? 10  DC D "O5'" 1 
ATOM   719 C  "C5'" . DC D 4 10 ? 3.090   -5.945  3.439   1.00 103.70 ? 10  DC D "C5'" 1 
ATOM   720 C  "C4'" . DC D 4 10 ? 3.415   -7.358  3.867   1.00 95.72  ? 10  DC D "C4'" 1 
ATOM   721 O  "O4'" . DC D 4 10 ? 3.820   -8.150  2.743   1.00 90.63  ? 10  DC D "O4'" 1 
ATOM   722 C  "C3'" . DC D 4 10 ? 4.597   -7.357  4.819   1.00 108.07 ? 10  DC D "C3'" 1 
ATOM   723 O  "O3'" . DC D 4 10 ? 4.186   -7.819  6.085   1.00 135.77 ? 10  DC D "O3'" 1 
ATOM   724 C  "C2'" . DC D 4 10 ? 5.609   -8.303  4.216   1.00 88.40  ? 10  DC D "C2'" 1 
ATOM   725 C  "C1'" . DC D 4 10 ? 5.222   -8.361  2.771   1.00 80.97  ? 10  DC D "C1'" 1 
ATOM   726 N  N1    . DC D 4 10 ? 5.880   -7.417  1.827   1.00 67.23  ? 10  DC D N1    1 
ATOM   727 C  C2    . DC D 4 10 ? 7.281   -7.458  1.673   1.00 80.94  ? 10  DC D C2    1 
ATOM   728 O  O2    . DC D 4 10 ? 7.946   -8.235  2.375   1.00 114.27 ? 10  DC D O2    1 
ATOM   729 N  N3    . DC D 4 10 ? 7.871   -6.648  0.762   1.00 72.91  ? 10  DC D N3    1 
ATOM   730 C  C4    . DC D 4 10 ? 7.122   -5.835  0.013   1.00 65.57  ? 10  DC D C4    1 
ATOM   731 N  N4    . DC D 4 10 ? 7.740   -5.051  -0.870  1.00 59.87  ? 10  DC D N4    1 
ATOM   732 C  C5    . DC D 4 10 ? 5.702   -5.787  0.137   1.00 64.77  ? 10  DC D C5    1 
ATOM   733 C  C6    . DC D 4 10 ? 5.127   -6.610  1.025   1.00 61.72  ? 10  DC D C6    1 
ATOM   734 P  P     . DG D 4 11 ? 4.707   -7.040  7.312   1.00 137.99 ? 11  DG D P     1 
ATOM   735 O  OP1   . DG D 4 11 ? 4.317   -7.840  8.505   1.00 140.06 ? 11  DG D OP1   1 
ATOM   736 O  OP2   . DG D 4 11 ? 4.267   -5.624  7.145   1.00 125.37 ? 11  DG D OP2   1 
ATOM   737 O  "O5'" . DG D 4 11 ? 6.285   -7.001  7.074   1.00 105.86 ? 11  DG D "O5'" 1 
ATOM   738 C  "C5'" . DG D 4 11 ? 7.090   -8.157  7.387   1.00 115.37 ? 11  DG D "C5'" 1 
ATOM   739 C  "C4'" . DG D 4 11 ? 8.566   -7.864  7.242   1.00 125.69 ? 11  DG D "C4'" 1 
ATOM   740 O  "O4'" . DG D 4 11 ? 8.936   -7.806  5.849   1.00 138.23 ? 11  DG D "O4'" 1 
ATOM   741 C  "C3'" . DG D 4 11 ? 9.041   -6.548  7.845   1.00 144.91 ? 11  DG D "C3'" 1 
ATOM   742 O  "O3'" . DG D 4 11 ? 9.537   -6.814  9.152   1.00 155.82 ? 11  DG D "O3'" 1 
ATOM   743 C  "C2'" . DG D 4 11 ? 10.175  -6.132  6.931   1.00 144.55 ? 11  DG D "C2'" 1 
ATOM   744 C  "C1'" . DG D 4 11 ? 9.766   -6.680  5.592   1.00 125.57 ? 11  DG D "C1'" 1 
ATOM   745 N  N9    . DG D 4 11 ? 9.005   -5.740  4.783   1.00 104.83 ? 11  DG D N9    1 
ATOM   746 C  C8    . DG D 4 11 ? 7.646   -5.529  4.816   1.00 92.38  ? 11  DG D C8    1 
ATOM   747 N  N7    . DG D 4 11 ? 7.243   -4.652  3.935   1.00 112.75 ? 11  DG D N7    1 
ATOM   748 C  C5    . DG D 4 11 ? 8.407   -4.254  3.286   1.00 102.42 ? 11  DG D C5    1 
ATOM   749 C  C6    . DG D 4 11 ? 8.605   -3.306  2.243   1.00 87.48  ? 11  DG D C6    1 
ATOM   750 O  O6    . DG D 4 11 ? 7.759   -2.611  1.658   1.00 80.31  ? 11  DG D O6    1 
ATOM   751 N  N1    . DG D 4 11 ? 9.949   -3.199  1.895   1.00 86.54  ? 11  DG D N1    1 
ATOM   752 C  C2    . DG D 4 11 ? 10.972  -3.927  2.459   1.00 102.90 ? 11  DG D C2    1 
ATOM   753 N  N2    . DG D 4 11 ? 12.201  -3.695  1.971   1.00 112.48 ? 11  DG D N2    1 
ATOM   754 N  N3    . DG D 4 11 ? 10.804  -4.809  3.436   1.00 93.70  ? 11  DG D N3    1 
ATOM   755 C  C4    . DG D 4 11 ? 9.505   -4.918  3.799   1.00 106.13 ? 11  DG D C4    1 
ATOM   756 P  P     . DT D 4 12 ? 10.125  -5.637  10.010  1.00 156.38 ? 12  DT D P     1 
ATOM   757 O  OP1   . DT D 4 12 ? 10.585  -6.206  11.309  1.00 165.50 ? 12  DT D OP1   1 
ATOM   758 O  OP2   . DT D 4 12 ? 9.181   -4.494  9.937   1.00 155.74 ? 12  DT D OP2   1 
ATOM   759 O  "O5'" . DT D 4 12 ? 11.394  -5.188  9.181   1.00 121.64 ? 12  DT D "O5'" 1 
ATOM   760 C  "C5'" . DT D 4 12 ? 12.578  -5.970  9.252   1.00 121.56 ? 12  DT D "C5'" 1 
ATOM   761 C  "C4'" . DT D 4 12 ? 13.616  -5.237  8.450   1.00 129.30 ? 12  DT D "C4'" 1 
ATOM   762 O  "O4'" . DT D 4 12 ? 12.979  -4.711  7.262   1.00 126.11 ? 12  DT D "O4'" 1 
ATOM   763 C  "C3'" . DT D 4 12 ? 14.182  -4.023  9.191   1.00 149.88 ? 12  DT D "C3'" 1 
ATOM   764 O  "O3'" . DT D 4 12 ? 15.597  -3.985  9.042   1.00 172.44 ? 12  DT D "O3'" 1 
ATOM   765 C  "C2'" . DT D 4 12 ? 13.555  -2.848  8.472   1.00 140.20 ? 12  DT D "C2'" 1 
ATOM   766 C  "C1'" . DT D 4 12 ? 13.482  -3.417  7.082   1.00 123.43 ? 12  DT D "C1'" 1 
ATOM   767 N  N1    . DT D 4 12 ? 12.571  -2.678  6.229   1.00 117.75 ? 12  DT D N1    1 
ATOM   768 C  C2    . DT D 4 12 ? 13.137  -1.964  5.201   1.00 125.18 ? 12  DT D C2    1 
ATOM   769 O  O2    . DT D 4 12 ? 14.327  -2.014  4.936   1.00 132.98 ? 12  DT D O2    1 
ATOM   770 N  N3    . DT D 4 12 ? 12.250  -1.216  4.466   1.00 125.52 ? 12  DT D N3    1 
ATOM   771 C  C4    . DT D 4 12 ? 10.890  -1.089  4.679   1.00 123.59 ? 12  DT D C4    1 
ATOM   772 O  O4    . DT D 4 12 ? 10.218  -0.372  3.939   1.00 126.35 ? 12  DT D O4    1 
ATOM   773 C  C5    . DT D 4 12 ? 10.370  -1.838  5.800   1.00 125.25 ? 12  DT D C5    1 
ATOM   774 C  C7    . DT D 4 12 ? 8.909   -1.756  6.110   1.00 121.13 ? 12  DT D C7    1 
ATOM   775 C  C6    . DT D 4 12 ? 11.229  -2.574  6.520   1.00 121.23 ? 12  DT D C6    1 
ATOM   776 P  P     . DC D 4 13 ? 16.463  -3.056  9.983   1.00 169.42 ? 13  DC D P     1 
ATOM   777 O  OP1   . DC D 4 13 ? 17.319  -3.931  10.828  1.00 197.79 ? 13  DC D OP1   1 
ATOM   778 O  OP2   . DC D 4 13 ? 15.551  -2.067  10.611  1.00 177.57 ? 13  DC D OP2   1 
ATOM   779 O  "O5'" . DC D 4 13 ? 17.361  -2.264  8.943   1.00 141.01 ? 13  DC D "O5'" 1 
ATOM   780 C  "C5'" . DC D 4 13 ? 16.705  -1.427  8.010   1.00 132.35 ? 13  DC D "C5'" 1 
ATOM   781 C  "C4'" . DC D 4 13 ? 17.725  -0.786  7.111   1.00 157.13 ? 13  DC D "C4'" 1 
ATOM   782 O  "O4'" . DC D 4 13 ? 17.000  -0.180  6.024   1.00 172.85 ? 13  DC D "O4'" 1 
ATOM   783 C  "C3'" . DC D 4 13 ? 18.502  0.352   7.759   1.00 182.24 ? 13  DC D "C3'" 1 
ATOM   784 O  "O3'" . DC D 4 13 ? 19.789  0.454   7.123   1.00 196.84 ? 13  DC D "O3'" 1 
ATOM   785 C  "C2'" . DC D 4 13 ? 17.555  1.526   7.574   1.00 190.98 ? 13  DC D "C2'" 1 
ATOM   786 C  "C1'" . DC D 4 13 ? 16.886  1.224   6.232   1.00 181.20 ? 13  DC D "C1'" 1 
ATOM   787 N  N1    . DC D 4 13 ? 15.457  1.581   6.113   1.00 160.64 ? 13  DC D N1    1 
ATOM   788 C  C2    . DC D 4 13 ? 15.055  2.477   5.107   1.00 150.12 ? 13  DC D C2    1 
ATOM   789 O  O2    . DC D 4 13 ? 15.914  2.971   4.361   1.00 156.54 ? 13  DC D O2    1 
ATOM   790 N  N3    . DC D 4 13 ? 13.743  2.786   4.982   1.00 132.92 ? 13  DC D N3    1 
ATOM   791 C  C4    . DC D 4 13 ? 12.847  2.233   5.801   1.00 139.83 ? 13  DC D C4    1 
ATOM   792 N  N4    . DC D 4 13 ? 11.562  2.565   5.642   1.00 134.27 ? 13  DC D N4    1 
ATOM   793 C  C5    . DC D 4 13 ? 13.227  1.311   6.825   1.00 135.90 ? 13  DC D C5    1 
ATOM   794 C  C6    . DC D 4 13 ? 14.526  1.009   6.937   1.00 135.75 ? 13  DC D C6    1 
ATOM   795 P  P     . DT D 4 14 ? 20.874  1.551   7.595   1.00 207.90 ? 14  DT D P     1 
ATOM   796 O  OP1   . DT D 4 14 ? 22.225  1.008   7.292   1.00 207.95 ? 14  DT D OP1   1 
ATOM   797 O  OP2   . DT D 4 14 ? 20.554  1.962   8.985   1.00 218.90 ? 14  DT D OP2   1 
ATOM   798 O  "O5'" . DT D 4 14 ? 20.586  2.781   6.619   1.00 181.63 ? 14  DT D "O5'" 1 
ATOM   799 C  "C5'" . DT D 4 14 ? 20.320  4.109   7.112   1.00 166.43 ? 14  DT D "C5'" 1 
ATOM   800 C  "C4'" . DT D 4 14 ? 19.743  4.957   6.002   1.00 169.24 ? 14  DT D "C4'" 1 
ATOM   801 O  "O4'" . DT D 4 14 ? 18.306  4.769   5.942   1.00 164.09 ? 14  DT D "O4'" 1 
ATOM   802 C  "C3'" . DT D 4 14 ? 19.961  6.468   6.158   1.00 180.06 ? 14  DT D "C3'" 1 
ATOM   803 O  "O3'" . DT D 4 14 ? 20.318  7.100   4.923   1.00 196.80 ? 14  DT D "O3'" 1 
ATOM   804 C  "C2'" . DT D 4 14 ? 18.579  6.982   6.498   1.00 171.15 ? 14  DT D "C2'" 1 
ATOM   805 C  "C1'" . DT D 4 14 ? 17.740  6.038   5.687   1.00 159.67 ? 14  DT D "C1'" 1 
ATOM   806 N  N1    . DT D 4 14 ? 16.322  6.019   6.071   1.00 148.24 ? 14  DT D N1    1 
ATOM   807 C  C2    . DT D 4 14 ? 15.413  6.600   5.213   1.00 156.92 ? 14  DT D C2    1 
ATOM   808 O  O2    . DT D 4 14 ? 15.727  7.088   4.139   1.00 178.02 ? 14  DT D O2    1 
ATOM   809 N  N3    . DT D 4 14 ? 14.112  6.571   5.650   1.00 152.11 ? 14  DT D N3    1 
ATOM   810 C  C4    . DT D 4 14 ? 13.643  6.044   6.837   1.00 148.89 ? 14  DT D C4    1 
ATOM   811 O  O4    . DT D 4 14 ? 12.441  6.084   7.092   1.00 143.55 ? 14  DT D O4    1 
ATOM   812 C  C5    . DT D 4 14 ? 14.656  5.468   7.699   1.00 141.98 ? 14  DT D C5    1 
ATOM   813 C  C7    . DT D 4 14 ? 14.244  4.870   9.005   1.00 144.94 ? 14  DT D C7    1 
ATOM   814 C  C6    . DT D 4 14 ? 15.928  5.495   7.282   1.00 138.01 ? 14  DT D C6    1 
ATOM   815 P  P     . DG D 4 15 ? 21.091  8.515   4.917   1.00 212.07 ? 15  DG D P     1 
ATOM   816 O  OP1   . DG D 4 15 ? 21.080  9.042   3.527   1.00 206.85 ? 15  DG D OP1   1 
ATOM   817 O  OP2   . DG D 4 15 ? 22.374  8.338   5.644   1.00 239.04 ? 15  DG D OP2   1 
ATOM   818 O  "O5'" . DG D 4 15 ? 20.188  9.470   5.815   1.00 202.26 ? 15  DG D "O5'" 1 
ATOM   819 C  "C5'" . DG D 4 15 ? 20.201  10.900  5.633   1.00 194.69 ? 15  DG D "C5'" 1 
ATOM   820 C  "C4'" . DG D 4 15 ? 19.191  11.299  4.581   1.00 205.46 ? 15  DG D "C4'" 1 
ATOM   821 O  "O4'" . DG D 4 15 ? 18.292  10.197  4.307   1.00 193.84 ? 15  DG D "O4'" 1 
ATOM   822 C  "C3'" . DG D 4 15 ? 18.286  12.480  4.943   1.00 215.15 ? 15  DG D "C3'" 1 
ATOM   823 O  "O3'" . DG D 4 15 ? 18.855  13.757  4.615   1.00 244.44 ? 15  DG D "O3'" 1 
ATOM   824 C  "C2'" . DG D 4 15 ? 16.989  12.143  4.230   1.00 201.60 ? 15  DG D "C2'" 1 
ATOM   825 C  "C1'" . DG D 4 15 ? 16.944  10.644  4.392   1.00 193.34 ? 15  DG D "C1'" 1 
ATOM   826 N  N9    . DG D 4 15 ? 16.409  10.210  5.675   1.00 179.31 ? 15  DG D N9    1 
ATOM   827 C  C8    . DG D 4 15 ? 17.124  9.797   6.774   1.00 178.77 ? 15  DG D C8    1 
ATOM   828 N  N7    . DG D 4 15 ? 16.365  9.435   7.771   1.00 178.90 ? 15  DG D N7    1 
ATOM   829 C  C5    . DG D 4 15 ? 15.073  9.647   7.313   1.00 174.83 ? 15  DG D C5    1 
ATOM   830 C  C6    . DG D 4 15 ? 13.829  9.445   7.960   1.00 171.12 ? 15  DG D C6    1 
ATOM   831 O  O6    . DG D 4 15 ? 13.615  9.026   9.104   1.00 159.52 ? 15  DG D O6    1 
ATOM   832 N  N1    . DG D 4 15 ? 12.761  9.781   7.131   1.00 172.97 ? 15  DG D N1    1 
ATOM   833 C  C2    . DG D 4 15 ? 12.877  10.253  5.845   1.00 179.93 ? 15  DG D C2    1 
ATOM   834 N  N2    . DG D 4 15 ? 11.727  10.524  5.204   1.00 174.76 ? 15  DG D N2    1 
ATOM   835 N  N3    . DG D 4 15 ? 14.035  10.452  5.233   1.00 174.53 ? 15  DG D N3    1 
ATOM   836 C  C4    . DG D 4 15 ? 15.084  10.129  6.021   1.00 174.14 ? 15  DG D C4    1 
ATOM   837 P  P     . DC D 4 16 ? 18.994  14.264  3.091   1.00 280.84 ? 16  DC D P     1 
ATOM   838 O  OP1   . DC D 4 16 ? 19.423  13.124  2.245   1.00 305.06 ? 16  DC D OP1   1 
ATOM   839 O  OP2   . DC D 4 16 ? 19.802  15.508  3.098   1.00 308.94 ? 16  DC D OP2   1 
ATOM   840 O  "O5'" . DC D 4 16 ? 17.502  14.640  2.683   1.00 219.81 ? 16  DC D "O5'" 1 
ATOM   841 C  "C5'" . DC D 4 16 ? 16.857  15.772  3.265   1.00 191.75 ? 16  DC D "C5'" 1 
ATOM   842 C  "C4'" . DC D 4 16 ? 15.365  15.659  3.081   1.00 185.04 ? 16  DC D "C4'" 1 
ATOM   843 O  "O4'" . DC D 4 16 ? 14.902  14.432  3.676   1.00 176.53 ? 16  DC D "O4'" 1 
ATOM   844 C  "C3'" . DC D 4 16 ? 14.585  16.769  3.772   1.00 188.96 ? 16  DC D "C3'" 1 
ATOM   845 O  "O3'" . DC D 4 16 ? 14.414  17.859  2.860   1.00 194.80 ? 16  DC D "O3'" 1 
ATOM   846 C  "C2'" . DC D 4 16 ? 13.275  16.102  4.152   1.00 186.32 ? 16  DC D "C2'" 1 
ATOM   847 C  "C1'" . DC D 4 16 ? 13.591  14.608  4.208   1.00 189.44 ? 16  DC D "C1'" 1 
ATOM   848 N  N1    . DC D 4 16 ? 13.575  14.050  5.569   1.00 176.41 ? 16  DC D N1    1 
ATOM   849 C  C2    . DC D 4 16 ? 12.351  13.672  6.148   1.00 170.31 ? 16  DC D C2    1 
ATOM   850 O  O2    . DC D 4 16 ? 11.306  13.796  5.489   1.00 176.46 ? 16  DC D O2    1 
ATOM   851 N  N3    . DC D 4 16 ? 12.344  13.169  7.403   1.00 153.87 ? 16  DC D N3    1 
ATOM   852 C  C4    . DC D 4 16 ? 13.491  13.044  8.077   1.00 162.36 ? 16  DC D C4    1 
ATOM   853 N  N4    . DC D 4 16 ? 13.441  12.553  9.316   1.00 165.80 ? 16  DC D N4    1 
ATOM   854 C  C5    . DC D 4 16 ? 14.744  13.430  7.517   1.00 162.09 ? 16  DC D C5    1 
ATOM   855 C  C6    . DC D 4 16 ? 14.740  13.927  6.276   1.00 160.03 ? 16  DC D C6    1 
HETATM 856 CO CO    . CO E 5 .  ? -3.728  -14.603 -0.915  1.00 68.78  ? 101 CO C CO    1 
HETATM 857 CO CO    . CO F 5 .  ? 5.413   -0.758  1.902   1.00 141.18 ? 101 CO D CO    1 
# 
loop_
_pdbx_poly_seq_scheme.asym_id 
_pdbx_poly_seq_scheme.entity_id 
_pdbx_poly_seq_scheme.seq_id 
_pdbx_poly_seq_scheme.mon_id 
_pdbx_poly_seq_scheme.ndb_seq_num 
_pdbx_poly_seq_scheme.pdb_seq_num 
_pdbx_poly_seq_scheme.auth_seq_num 
_pdbx_poly_seq_scheme.pdb_mon_id 
_pdbx_poly_seq_scheme.auth_mon_id 
_pdbx_poly_seq_scheme.pdb_strand_id 
_pdbx_poly_seq_scheme.pdb_ins_code 
_pdbx_poly_seq_scheme.hetero 
A 1 1  DG 1  1  1  DG DG A . n 
A 1 2  DA 2  2  2  DA DA A . n 
A 1 3  DG 3  3  3  DG DG A . n 
A 1 4  DC 4  4  4  DC DC A . n 
A 1 5  DA 5  5  5  DA DA A . n 
A 1 6  DG 6  6  6  DG DG A . n 
A 1 7  DA 7  7  7  DA DA A . n 
A 1 8  DC 8  8  8  DC DC A . n 
A 1 9  DG 9  9  9  DG DG A . n 
A 1 10 DA 10 10 10 DA DA A . n 
A 1 11 DG 11 11 11 DG DG A . n 
B 2 1  DA 1  12 12 DA DA B . n 
B 2 2  DC 2  13 13 DC DC B . n 
B 2 3  DC 3  14 14 DC DC B . n 
B 2 4  DG 4  15 15 DG DG B . n 
B 2 5  DC 5  16 16 DC DC B . n 
B 2 6  DA 6  17 17 DA DA B . n 
B 2 7  DC 7  18 18 DC DC B . n 
B 2 8  DT 8  19 19 DT DT B . n 
B 2 9  DC 9  20 20 DC DC B . n 
B 2 10 DA 10 21 21 DA DA B . n 
C 3 1  DC 1  1  1  DC DC C . n 
C 3 2  DT 2  2  2  DT DT C . n 
C 3 3  DG 3  3  3  DG DG C . n 
C 3 4  DG 4  4  4  DG DG C . n 
C 3 5  DT 5  5  5  DT DT C . n 
D 4 1  DT 1  1  1  DT DT D . n 
D 4 2  DC 2  2  2  DC DC D . n 
D 4 3  DT 3  3  3  DT DT D . n 
D 4 4  DG 4  4  4  DG DG D . n 
D 4 5  DA 5  5  5  DA DA D . n 
D 4 6  DG 6  6  6  DG DG D . n 
D 4 7  DT 7  7  7  DT DT D . n 
D 4 8  DG 8  8  8  DG DG D . n 
D 4 9  DC 9  9  9  DC DC D . n 
D 4 10 DC 10 10 10 DC DC D . n 
D 4 11 DG 11 11 11 DG DG D . n 
D 4 12 DT 12 12 12 DT DT D . n 
D 4 13 DC 13 13 13 DC DC D . n 
D 4 14 DT 14 14 14 DT DT D . n 
D 4 15 DG 15 15 15 DG DG D . n 
D 4 16 DC 16 16 16 DC DC D . n 
# 
loop_
_pdbx_nonpoly_scheme.asym_id 
_pdbx_nonpoly_scheme.entity_id 
_pdbx_nonpoly_scheme.mon_id 
_pdbx_nonpoly_scheme.ndb_seq_num 
_pdbx_nonpoly_scheme.pdb_seq_num 
_pdbx_nonpoly_scheme.auth_seq_num 
_pdbx_nonpoly_scheme.pdb_mon_id 
_pdbx_nonpoly_scheme.auth_mon_id 
_pdbx_nonpoly_scheme.pdb_strand_id 
_pdbx_nonpoly_scheme.pdb_ins_code 
E 5 CO 1 101 2 CO CO C . 
F 5 CO 1 101 1 CO CO D . 
# 
_pdbx_struct_assembly.id                   1 
_pdbx_struct_assembly.details              author_and_software_defined_assembly 
_pdbx_struct_assembly.method_details       PISA 
_pdbx_struct_assembly.oligomeric_details   tetrameric 
_pdbx_struct_assembly.oligomeric_count     4 
# 
_pdbx_struct_assembly_gen.assembly_id       1 
_pdbx_struct_assembly_gen.oper_expression   1 
_pdbx_struct_assembly_gen.asym_id_list      A,B,C,D,E,F 
# 
loop_
_pdbx_struct_assembly_prop.biol_id 
_pdbx_struct_assembly_prop.type 
_pdbx_struct_assembly_prop.value 
_pdbx_struct_assembly_prop.details 
1 'ABSA (A^2)' 2660 ? 
1 MORE         -25  ? 
1 'SSA (A^2)'  7880 ? 
# 
_pdbx_struct_oper_list.id                   1 
_pdbx_struct_oper_list.type                 'identity operation' 
_pdbx_struct_oper_list.name                 1_555 
_pdbx_struct_oper_list.symmetry_operation   x,y,z 
_pdbx_struct_oper_list.matrix[1][1]         1.0000000000 
_pdbx_struct_oper_list.matrix[1][2]         0.0000000000 
_pdbx_struct_oper_list.matrix[1][3]         0.0000000000 
_pdbx_struct_oper_list.vector[1]            0.0000000000 
_pdbx_struct_oper_list.matrix[2][1]         0.0000000000 
_pdbx_struct_oper_list.matrix[2][2]         1.0000000000 
_pdbx_struct_oper_list.matrix[2][3]         0.0000000000 
_pdbx_struct_oper_list.vector[2]            0.0000000000 
_pdbx_struct_oper_list.matrix[3][1]         0.0000000000 
_pdbx_struct_oper_list.matrix[3][2]         0.0000000000 
_pdbx_struct_oper_list.matrix[3][3]         1.0000000000 
_pdbx_struct_oper_list.vector[3]            0.0000000000 
# 
loop_
_pdbx_audit_revision_history.ordinal 
_pdbx_audit_revision_history.data_content_type 
_pdbx_audit_revision_history.major_revision 
_pdbx_audit_revision_history.minor_revision 
_pdbx_audit_revision_history.revision_date 
1 'Structure model' 1 0 2021-07-14 
2 'Structure model' 1 1 2022-07-06 
3 'Structure model' 1 2 2023-10-18 
# 
_pdbx_audit_revision_details.ordinal             1 
_pdbx_audit_revision_details.revision_ordinal    1 
_pdbx_audit_revision_details.data_content_type   'Structure model' 
_pdbx_audit_revision_details.provider            repository 
_pdbx_audit_revision_details.type                'Initial release' 
_pdbx_audit_revision_details.description         ? 
_pdbx_audit_revision_details.details             ? 
# 
loop_
_pdbx_audit_revision_group.ordinal 
_pdbx_audit_revision_group.revision_ordinal 
_pdbx_audit_revision_group.data_content_type 
_pdbx_audit_revision_group.group 
1 2 'Structure model' 'Database references'    
2 3 'Structure model' 'Data collection'        
3 3 'Structure model' 'Refinement description' 
# 
loop_
_pdbx_audit_revision_category.ordinal 
_pdbx_audit_revision_category.revision_ordinal 
_pdbx_audit_revision_category.data_content_type 
_pdbx_audit_revision_category.category 
1 2 'Structure model' citation                      
2 2 'Structure model' citation_author               
3 2 'Structure model' database_2                    
4 3 'Structure model' chem_comp_atom                
5 3 'Structure model' chem_comp_bond                
6 3 'Structure model' pdbx_initial_refinement_model 
# 
loop_
_pdbx_audit_revision_item.ordinal 
_pdbx_audit_revision_item.revision_ordinal 
_pdbx_audit_revision_item.data_content_type 
_pdbx_audit_revision_item.item 
1  2 'Structure model' '_citation.country'                   
2  2 'Structure model' '_citation.journal_abbrev'            
3  2 'Structure model' '_citation.journal_id_CSD'            
4  2 'Structure model' '_citation.journal_id_ISSN'           
5  2 'Structure model' '_citation.journal_volume'            
6  2 'Structure model' '_citation.page_first'                
7  2 'Structure model' '_citation.page_last'                 
8  2 'Structure model' '_citation.pdbx_database_id_DOI'      
9  2 'Structure model' '_citation.pdbx_database_id_PubMed'   
10 2 'Structure model' '_citation.title'                     
11 2 'Structure model' '_citation.year'                      
12 2 'Structure model' '_database_2.pdbx_DOI'                
13 2 'Structure model' '_database_2.pdbx_database_accession' 
# 
loop_
_software.citation_id 
_software.classification 
_software.compiler_name 
_software.compiler_version 
_software.contact_author 
_software.contact_author_email 
_software.date 
_software.description 
_software.dependencies 
_software.hardware 
_software.language 
_software.location 
_software.mods 
_software.name 
_software.os 
_software.os_version 
_software.type 
_software.version 
_software.pdbx_ordinal 
? refinement        ? ? ? ? ? ? ? ? ? ? ? PHENIX      ? ? ? 1.11.1_2575 1 
? 'data reduction'  ? ? ? ? ? ? ? ? ? ? ? HKL-2000    ? ? ? .           2 
? 'data scaling'    ? ? ? ? ? ? ? ? ? ? ? HKL-2000    ? ? ? .           3 
? 'data extraction' ? ? ? ? ? ? ? ? ? ? ? PDB_EXTRACT ? ? ? 3.25        4 
? phasing           ? ? ? ? ? ? ? ? ? ? ? PHASER      ? ? ? .           5 
# 
_pdbx_entry_details.entry_id                 6XGM 
_pdbx_entry_details.has_ligand_of_interest   N 
_pdbx_entry_details.compound_details         ? 
_pdbx_entry_details.source_details           ? 
_pdbx_entry_details.nonpolymer_details       ? 
_pdbx_entry_details.sequence_details         ? 
# 
_pdbx_validate_symm_contact.id                1 
_pdbx_validate_symm_contact.PDB_model_num     1 
_pdbx_validate_symm_contact.auth_atom_id_1    "O5'" 
_pdbx_validate_symm_contact.auth_asym_id_1    C 
_pdbx_validate_symm_contact.auth_comp_id_1    DC 
_pdbx_validate_symm_contact.auth_seq_id_1     1 
_pdbx_validate_symm_contact.PDB_ins_code_1    ? 
_pdbx_validate_symm_contact.label_alt_id_1    ? 
_pdbx_validate_symm_contact.site_symmetry_1   1_555 
_pdbx_validate_symm_contact.auth_atom_id_2    "O3'" 
_pdbx_validate_symm_contact.auth_asym_id_2    C 
_pdbx_validate_symm_contact.auth_comp_id_2    DT 
_pdbx_validate_symm_contact.auth_seq_id_2     5 
_pdbx_validate_symm_contact.PDB_ins_code_2    ? 
_pdbx_validate_symm_contact.label_alt_id_2    ? 
_pdbx_validate_symm_contact.site_symmetry_2   2_554 
_pdbx_validate_symm_contact.dist              2.05 
# 
_pdbx_validate_rmsd_bond.id                        1 
_pdbx_validate_rmsd_bond.PDB_model_num             1 
_pdbx_validate_rmsd_bond.auth_atom_id_1            "O3'" 
_pdbx_validate_rmsd_bond.auth_asym_id_1            C 
_pdbx_validate_rmsd_bond.auth_comp_id_1            DT 
_pdbx_validate_rmsd_bond.auth_seq_id_1             2 
_pdbx_validate_rmsd_bond.PDB_ins_code_1            ? 
_pdbx_validate_rmsd_bond.label_alt_id_1            ? 
_pdbx_validate_rmsd_bond.auth_atom_id_2            P 
_pdbx_validate_rmsd_bond.auth_asym_id_2            C 
_pdbx_validate_rmsd_bond.auth_comp_id_2            DG 
_pdbx_validate_rmsd_bond.auth_seq_id_2             3 
_pdbx_validate_rmsd_bond.PDB_ins_code_2            ? 
_pdbx_validate_rmsd_bond.label_alt_id_2            ? 
_pdbx_validate_rmsd_bond.bond_value                1.517 
_pdbx_validate_rmsd_bond.bond_target_value         1.607 
_pdbx_validate_rmsd_bond.bond_deviation            -0.090 
_pdbx_validate_rmsd_bond.bond_standard_deviation   0.012 
_pdbx_validate_rmsd_bond.linker_flag               Y 
# 
loop_
_pdbx_validate_rmsd_angle.id 
_pdbx_validate_rmsd_angle.PDB_model_num 
_pdbx_validate_rmsd_angle.auth_atom_id_1 
_pdbx_validate_rmsd_angle.auth_asym_id_1 
_pdbx_validate_rmsd_angle.auth_comp_id_1 
_pdbx_validate_rmsd_angle.auth_seq_id_1 
_pdbx_validate_rmsd_angle.PDB_ins_code_1 
_pdbx_validate_rmsd_angle.label_alt_id_1 
_pdbx_validate_rmsd_angle.auth_atom_id_2 
_pdbx_validate_rmsd_angle.auth_asym_id_2 
_pdbx_validate_rmsd_angle.auth_comp_id_2 
_pdbx_validate_rmsd_angle.auth_seq_id_2 
_pdbx_validate_rmsd_angle.PDB_ins_code_2 
_pdbx_validate_rmsd_angle.label_alt_id_2 
_pdbx_validate_rmsd_angle.auth_atom_id_3 
_pdbx_validate_rmsd_angle.auth_asym_id_3 
_pdbx_validate_rmsd_angle.auth_comp_id_3 
_pdbx_validate_rmsd_angle.auth_seq_id_3 
_pdbx_validate_rmsd_angle.PDB_ins_code_3 
_pdbx_validate_rmsd_angle.label_alt_id_3 
_pdbx_validate_rmsd_angle.angle_value 
_pdbx_validate_rmsd_angle.angle_target_value 
_pdbx_validate_rmsd_angle.angle_deviation 
_pdbx_validate_rmsd_angle.angle_standard_deviation 
_pdbx_validate_rmsd_angle.linker_flag 
1 1 "C3'" B DC 16 ? ? "C2'" B DC 16 ? ? "C1'" B DC 16 ? ? 97.22  102.40 -5.18 0.80 N 
2 1 "C1'" B DC 18 ? ? "O4'" B DC 18 ? ? "C4'" B DC 18 ? ? 103.29 110.10 -6.81 1.00 N 
3 1 N1    C DT 2  ? ? "C1'" C DT 2  ? ? "C2'" C DT 2  ? ? 123.75 114.30 9.45  1.40 N 
4 1 "C1'" D DC 9  ? ? "O4'" D DC 9  ? ? "C4'" D DC 9  ? ? 101.89 110.10 -8.21 1.00 N 
5 1 "O4'" D DC 9  ? ? "C1'" D DC 9  ? ? N1    D DC 9  ? ? 110.44 108.30 2.14  0.30 N 
# 
loop_
_chem_comp_atom.comp_id 
_chem_comp_atom.atom_id 
_chem_comp_atom.type_symbol 
_chem_comp_atom.pdbx_aromatic_flag 
_chem_comp_atom.pdbx_stereo_config 
_chem_comp_atom.pdbx_ordinal 
CO CO     CO N N 1   
DA OP3    O  N N 2   
DA P      P  N N 3   
DA OP1    O  N N 4   
DA OP2    O  N N 5   
DA "O5'"  O  N N 6   
DA "C5'"  C  N N 7   
DA "C4'"  C  N R 8   
DA "O4'"  O  N N 9   
DA "C3'"  C  N S 10  
DA "O3'"  O  N N 11  
DA "C2'"  C  N N 12  
DA "C1'"  C  N R 13  
DA N9     N  Y N 14  
DA C8     C  Y N 15  
DA N7     N  Y N 16  
DA C5     C  Y N 17  
DA C6     C  Y N 18  
DA N6     N  N N 19  
DA N1     N  Y N 20  
DA C2     C  Y N 21  
DA N3     N  Y N 22  
DA C4     C  Y N 23  
DA HOP3   H  N N 24  
DA HOP2   H  N N 25  
DA "H5'"  H  N N 26  
DA "H5''" H  N N 27  
DA "H4'"  H  N N 28  
DA "H3'"  H  N N 29  
DA "HO3'" H  N N 30  
DA "H2'"  H  N N 31  
DA "H2''" H  N N 32  
DA "H1'"  H  N N 33  
DA H8     H  N N 34  
DA H61    H  N N 35  
DA H62    H  N N 36  
DA H2     H  N N 37  
DC OP3    O  N N 38  
DC P      P  N N 39  
DC OP1    O  N N 40  
DC OP2    O  N N 41  
DC "O5'"  O  N N 42  
DC "C5'"  C  N N 43  
DC "C4'"  C  N R 44  
DC "O4'"  O  N N 45  
DC "C3'"  C  N S 46  
DC "O3'"  O  N N 47  
DC "C2'"  C  N N 48  
DC "C1'"  C  N R 49  
DC N1     N  N N 50  
DC C2     C  N N 51  
DC O2     O  N N 52  
DC N3     N  N N 53  
DC C4     C  N N 54  
DC N4     N  N N 55  
DC C5     C  N N 56  
DC C6     C  N N 57  
DC HOP3   H  N N 58  
DC HOP2   H  N N 59  
DC "H5'"  H  N N 60  
DC "H5''" H  N N 61  
DC "H4'"  H  N N 62  
DC "H3'"  H  N N 63  
DC "HO3'" H  N N 64  
DC "H2'"  H  N N 65  
DC "H2''" H  N N 66  
DC "H1'"  H  N N 67  
DC H41    H  N N 68  
DC H42    H  N N 69  
DC H5     H  N N 70  
DC H6     H  N N 71  
DG OP3    O  N N 72  
DG P      P  N N 73  
DG OP1    O  N N 74  
DG OP2    O  N N 75  
DG "O5'"  O  N N 76  
DG "C5'"  C  N N 77  
DG "C4'"  C  N R 78  
DG "O4'"  O  N N 79  
DG "C3'"  C  N S 80  
DG "O3'"  O  N N 81  
DG "C2'"  C  N N 82  
DG "C1'"  C  N R 83  
DG N9     N  Y N 84  
DG C8     C  Y N 85  
DG N7     N  Y N 86  
DG C5     C  Y N 87  
DG C6     C  N N 88  
DG O6     O  N N 89  
DG N1     N  N N 90  
DG C2     C  N N 91  
DG N2     N  N N 92  
DG N3     N  N N 93  
DG C4     C  Y N 94  
DG HOP3   H  N N 95  
DG HOP2   H  N N 96  
DG "H5'"  H  N N 97  
DG "H5''" H  N N 98  
DG "H4'"  H  N N 99  
DG "H3'"  H  N N 100 
DG "HO3'" H  N N 101 
DG "H2'"  H  N N 102 
DG "H2''" H  N N 103 
DG "H1'"  H  N N 104 
DG H8     H  N N 105 
DG H1     H  N N 106 
DG H21    H  N N 107 
DG H22    H  N N 108 
DT OP3    O  N N 109 
DT P      P  N N 110 
DT OP1    O  N N 111 
DT OP2    O  N N 112 
DT "O5'"  O  N N 113 
DT "C5'"  C  N N 114 
DT "C4'"  C  N R 115 
DT "O4'"  O  N N 116 
DT "C3'"  C  N S 117 
DT "O3'"  O  N N 118 
DT "C2'"  C  N N 119 
DT "C1'"  C  N R 120 
DT N1     N  N N 121 
DT C2     C  N N 122 
DT O2     O  N N 123 
DT N3     N  N N 124 
DT C4     C  N N 125 
DT O4     O  N N 126 
DT C5     C  N N 127 
DT C7     C  N N 128 
DT C6     C  N N 129 
DT HOP3   H  N N 130 
DT HOP2   H  N N 131 
DT "H5'"  H  N N 132 
DT "H5''" H  N N 133 
DT "H4'"  H  N N 134 
DT "H3'"  H  N N 135 
DT "HO3'" H  N N 136 
DT "H2'"  H  N N 137 
DT "H2''" H  N N 138 
DT "H1'"  H  N N 139 
DT H3     H  N N 140 
DT H71    H  N N 141 
DT H72    H  N N 142 
DT H73    H  N N 143 
DT H6     H  N N 144 
# 
loop_
_chem_comp_bond.comp_id 
_chem_comp_bond.atom_id_1 
_chem_comp_bond.atom_id_2 
_chem_comp_bond.value_order 
_chem_comp_bond.pdbx_aromatic_flag 
_chem_comp_bond.pdbx_stereo_config 
_chem_comp_bond.pdbx_ordinal 
DA OP3   P      sing N N 1   
DA OP3   HOP3   sing N N 2   
DA P     OP1    doub N N 3   
DA P     OP2    sing N N 4   
DA P     "O5'"  sing N N 5   
DA OP2   HOP2   sing N N 6   
DA "O5'" "C5'"  sing N N 7   
DA "C5'" "C4'"  sing N N 8   
DA "C5'" "H5'"  sing N N 9   
DA "C5'" "H5''" sing N N 10  
DA "C4'" "O4'"  sing N N 11  
DA "C4'" "C3'"  sing N N 12  
DA "C4'" "H4'"  sing N N 13  
DA "O4'" "C1'"  sing N N 14  
DA "C3'" "O3'"  sing N N 15  
DA "C3'" "C2'"  sing N N 16  
DA "C3'" "H3'"  sing N N 17  
DA "O3'" "HO3'" sing N N 18  
DA "C2'" "C1'"  sing N N 19  
DA "C2'" "H2'"  sing N N 20  
DA "C2'" "H2''" sing N N 21  
DA "C1'" N9     sing N N 22  
DA "C1'" "H1'"  sing N N 23  
DA N9    C8     sing Y N 24  
DA N9    C4     sing Y N 25  
DA C8    N7     doub Y N 26  
DA C8    H8     sing N N 27  
DA N7    C5     sing Y N 28  
DA C5    C6     sing Y N 29  
DA C5    C4     doub Y N 30  
DA C6    N6     sing N N 31  
DA C6    N1     doub Y N 32  
DA N6    H61    sing N N 33  
DA N6    H62    sing N N 34  
DA N1    C2     sing Y N 35  
DA C2    N3     doub Y N 36  
DA C2    H2     sing N N 37  
DA N3    C4     sing Y N 38  
DC OP3   P      sing N N 39  
DC OP3   HOP3   sing N N 40  
DC P     OP1    doub N N 41  
DC P     OP2    sing N N 42  
DC P     "O5'"  sing N N 43  
DC OP2   HOP2   sing N N 44  
DC "O5'" "C5'"  sing N N 45  
DC "C5'" "C4'"  sing N N 46  
DC "C5'" "H5'"  sing N N 47  
DC "C5'" "H5''" sing N N 48  
DC "C4'" "O4'"  sing N N 49  
DC "C4'" "C3'"  sing N N 50  
DC "C4'" "H4'"  sing N N 51  
DC "O4'" "C1'"  sing N N 52  
DC "C3'" "O3'"  sing N N 53  
DC "C3'" "C2'"  sing N N 54  
DC "C3'" "H3'"  sing N N 55  
DC "O3'" "HO3'" sing N N 56  
DC "C2'" "C1'"  sing N N 57  
DC "C2'" "H2'"  sing N N 58  
DC "C2'" "H2''" sing N N 59  
DC "C1'" N1     sing N N 60  
DC "C1'" "H1'"  sing N N 61  
DC N1    C2     sing N N 62  
DC N1    C6     sing N N 63  
DC C2    O2     doub N N 64  
DC C2    N3     sing N N 65  
DC N3    C4     doub N N 66  
DC C4    N4     sing N N 67  
DC C4    C5     sing N N 68  
DC N4    H41    sing N N 69  
DC N4    H42    sing N N 70  
DC C5    C6     doub N N 71  
DC C5    H5     sing N N 72  
DC C6    H6     sing N N 73  
DG OP3   P      sing N N 74  
DG OP3   HOP3   sing N N 75  
DG P     OP1    doub N N 76  
DG P     OP2    sing N N 77  
DG P     "O5'"  sing N N 78  
DG OP2   HOP2   sing N N 79  
DG "O5'" "C5'"  sing N N 80  
DG "C5'" "C4'"  sing N N 81  
DG "C5'" "H5'"  sing N N 82  
DG "C5'" "H5''" sing N N 83  
DG "C4'" "O4'"  sing N N 84  
DG "C4'" "C3'"  sing N N 85  
DG "C4'" "H4'"  sing N N 86  
DG "O4'" "C1'"  sing N N 87  
DG "C3'" "O3'"  sing N N 88  
DG "C3'" "C2'"  sing N N 89  
DG "C3'" "H3'"  sing N N 90  
DG "O3'" "HO3'" sing N N 91  
DG "C2'" "C1'"  sing N N 92  
DG "C2'" "H2'"  sing N N 93  
DG "C2'" "H2''" sing N N 94  
DG "C1'" N9     sing N N 95  
DG "C1'" "H1'"  sing N N 96  
DG N9    C8     sing Y N 97  
DG N9    C4     sing Y N 98  
DG C8    N7     doub Y N 99  
DG C8    H8     sing N N 100 
DG N7    C5     sing Y N 101 
DG C5    C6     sing N N 102 
DG C5    C4     doub Y N 103 
DG C6    O6     doub N N 104 
DG C6    N1     sing N N 105 
DG N1    C2     sing N N 106 
DG N1    H1     sing N N 107 
DG C2    N2     sing N N 108 
DG C2    N3     doub N N 109 
DG N2    H21    sing N N 110 
DG N2    H22    sing N N 111 
DG N3    C4     sing N N 112 
DT OP3   P      sing N N 113 
DT OP3   HOP3   sing N N 114 
DT P     OP1    doub N N 115 
DT P     OP2    sing N N 116 
DT P     "O5'"  sing N N 117 
DT OP2   HOP2   sing N N 118 
DT "O5'" "C5'"  sing N N 119 
DT "C5'" "C4'"  sing N N 120 
DT "C5'" "H5'"  sing N N 121 
DT "C5'" "H5''" sing N N 122 
DT "C4'" "O4'"  sing N N 123 
DT "C4'" "C3'"  sing N N 124 
DT "C4'" "H4'"  sing N N 125 
DT "O4'" "C1'"  sing N N 126 
DT "C3'" "O3'"  sing N N 127 
DT "C3'" "C2'"  sing N N 128 
DT "C3'" "H3'"  sing N N 129 
DT "O3'" "HO3'" sing N N 130 
DT "C2'" "C1'"  sing N N 131 
DT "C2'" "H2'"  sing N N 132 
DT "C2'" "H2''" sing N N 133 
DT "C1'" N1     sing N N 134 
DT "C1'" "H1'"  sing N N 135 
DT N1    C2     sing N N 136 
DT N1    C6     sing N N 137 
DT C2    O2     doub N N 138 
DT C2    N3     sing N N 139 
DT N3    C4     sing N N 140 
DT N3    H3     sing N N 141 
DT C4    O4     doub N N 142 
DT C4    C5     sing N N 143 
DT C5    C7     sing N N 144 
DT C5    C6     doub N N 145 
DT C7    H71    sing N N 146 
DT C7    H72    sing N N 147 
DT C7    H73    sing N N 148 
DT C6    H6     sing N N 149 
# 
loop_
_ndb_struct_conf_na.entry_id 
_ndb_struct_conf_na.feature 
6XGM 'double helix'        
6XGM 'a-form double helix' 
6XGM 'b-form double helix' 
# 
loop_
_ndb_struct_na_base_pair.model_number 
_ndb_struct_na_base_pair.i_label_asym_id 
_ndb_struct_na_base_pair.i_label_comp_id 
_ndb_struct_na_base_pair.i_label_seq_id 
_ndb_struct_na_base_pair.i_symmetry 
_ndb_struct_na_base_pair.j_label_asym_id 
_ndb_struct_na_base_pair.j_label_comp_id 
_ndb_struct_na_base_pair.j_label_seq_id 
_ndb_struct_na_base_pair.j_symmetry 
_ndb_struct_na_base_pair.shear 
_ndb_struct_na_base_pair.stretch 
_ndb_struct_na_base_pair.stagger 
_ndb_struct_na_base_pair.buckle 
_ndb_struct_na_base_pair.propeller 
_ndb_struct_na_base_pair.opening 
_ndb_struct_na_base_pair.pair_number 
_ndb_struct_na_base_pair.pair_name 
_ndb_struct_na_base_pair.i_auth_asym_id 
_ndb_struct_na_base_pair.i_auth_seq_id 
_ndb_struct_na_base_pair.i_PDB_ins_code 
_ndb_struct_na_base_pair.j_auth_asym_id 
_ndb_struct_na_base_pair.j_auth_seq_id 
_ndb_struct_na_base_pair.j_PDB_ins_code 
_ndb_struct_na_base_pair.hbond_type_28 
_ndb_struct_na_base_pair.hbond_type_12 
1 A DG 3  1_555 D DC 16 1_555 1.892  0.340  1.133  -1.065 -28.877 -3.920  1  A_DG3:DC16_D A 3  ? D 16 ? ?  1 
1 A DC 4  1_555 D DG 15 1_555 -1.087 0.248  1.084  3.410  -22.732 -7.265  2  A_DC4:DG15_D A 4  ? D 15 ? 19 1 
1 A DG 6  1_555 D DC 13 1_555 0.750  0.019  1.058  6.820  -3.355  -12.169 3  A_DG6:DC13_D A 6  ? D 13 ? 19 1 
1 A DA 7  1_555 D DT 12 1_555 1.304  -0.029 0.354  5.112  -9.522  -6.384  4  A_DA7:DT12_D A 7  ? D 12 ? 20 1 
1 A DC 8  1_555 D DG 11 1_555 -1.818 0.399  1.006  -3.762 0.378   9.504   5  A_DC8:DG11_D A 8  ? D 11 ? ?  1 
1 A DG 9  1_555 D DC 10 1_555 0.343  0.010  0.262  3.131  -0.682  -15.270 6  A_DG9:DC10_D A 9  ? D 10 ? 19 1 
1 A DA 10 1_555 C DT 2  1_555 0.097  0.040  1.284  7.905  1.740   -2.998  7  A_DA10:DT2_C A 10 ? C 2  ? 20 1 
1 A DG 11 1_555 C DC 1  1_555 0.405  -0.073 0.770  13.289 -9.707  -2.118  8  A_DG11:DC1_C A 11 ? C 1  ? 19 1 
1 B DA 1  1_555 C DT 5  1_555 0.580  -0.257 0.810  12.853 -6.219  -10.285 9  B_DA12:DT5_C B 12 ? C 5  ? 20 1 
1 B DC 2  1_555 C DG 4  1_555 -0.255 0.026  0.580  13.607 -15.476 10.005  10 B_DC13:DG4_C B 13 ? C 4  ? 19 1 
1 B DC 3  1_555 C DG 3  1_555 -0.547 -0.302 -0.105 10.658 -11.598 -10.574 11 B_DC14:DG3_C B 14 ? C 3  ? 19 1 
1 B DG 4  1_555 D DC 9  1_555 -0.059 -0.086 0.719  9.397  1.004   -2.017  12 B_DG15:DC9_D B 15 ? D 9  ? 19 1 
1 B DC 5  1_555 D DG 8  1_555 1.133  -0.056 0.640  8.505  -10.526 -0.447  13 B_DC16:DG8_D B 16 ? D 8  ? 19 1 
1 B DA 6  1_555 D DT 7  1_555 1.730  0.175  0.495  8.262  -0.145  -13.136 14 B_DA17:DT7_D B 17 ? D 7  ? 20 1 
1 B DC 7  1_555 D DG 6  1_555 0.555  -0.462 0.272  -2.253 -2.836  -6.596  15 B_DC18:DG6_D B 18 ? D 6  ? 19 1 
1 B DT 8  1_555 D DA 5  1_555 -0.446 0.397  0.525  -9.810 -10.438 -14.938 16 B_DT19:DA5_D B 19 ? D 5  ? 20 1 
1 B DC 9  1_555 D DG 4  1_555 0.210  -0.444 0.052  -1.721 -11.379 -7.118  17 B_DC20:DG4_D B 20 ? D 4  ? 19 1 
1 B DA 10 1_555 D DT 3  1_555 0.723  -0.305 -0.144 -1.104 -10.158 -5.043  18 B_DA21:DT3_D B 21 ? D 3  ? 20 1 
# 
loop_
_ndb_struct_na_base_pair_step.model_number 
_ndb_struct_na_base_pair_step.i_label_asym_id_1 
_ndb_struct_na_base_pair_step.i_label_comp_id_1 
_ndb_struct_na_base_pair_step.i_label_seq_id_1 
_ndb_struct_na_base_pair_step.i_symmetry_1 
_ndb_struct_na_base_pair_step.j_label_asym_id_1 
_ndb_struct_na_base_pair_step.j_label_comp_id_1 
_ndb_struct_na_base_pair_step.j_label_seq_id_1 
_ndb_struct_na_base_pair_step.j_symmetry_1 
_ndb_struct_na_base_pair_step.i_label_asym_id_2 
_ndb_struct_na_base_pair_step.i_label_comp_id_2 
_ndb_struct_na_base_pair_step.i_label_seq_id_2 
_ndb_struct_na_base_pair_step.i_symmetry_2 
_ndb_struct_na_base_pair_step.j_label_asym_id_2 
_ndb_struct_na_base_pair_step.j_label_comp_id_2 
_ndb_struct_na_base_pair_step.j_label_seq_id_2 
_ndb_struct_na_base_pair_step.j_symmetry_2 
_ndb_struct_na_base_pair_step.shift 
_ndb_struct_na_base_pair_step.slide 
_ndb_struct_na_base_pair_step.rise 
_ndb_struct_na_base_pair_step.tilt 
_ndb_struct_na_base_pair_step.roll 
_ndb_struct_na_base_pair_step.twist 
_ndb_struct_na_base_pair_step.x_displacement 
_ndb_struct_na_base_pair_step.y_displacement 
_ndb_struct_na_base_pair_step.helical_rise 
_ndb_struct_na_base_pair_step.inclination 
_ndb_struct_na_base_pair_step.tip 
_ndb_struct_na_base_pair_step.helical_twist 
_ndb_struct_na_base_pair_step.step_number 
_ndb_struct_na_base_pair_step.step_name 
_ndb_struct_na_base_pair_step.i_auth_asym_id_1 
_ndb_struct_na_base_pair_step.i_auth_seq_id_1 
_ndb_struct_na_base_pair_step.i_PDB_ins_code_1 
_ndb_struct_na_base_pair_step.j_auth_asym_id_1 
_ndb_struct_na_base_pair_step.j_auth_seq_id_1 
_ndb_struct_na_base_pair_step.j_PDB_ins_code_1 
_ndb_struct_na_base_pair_step.i_auth_asym_id_2 
_ndb_struct_na_base_pair_step.i_auth_seq_id_2 
_ndb_struct_na_base_pair_step.i_PDB_ins_code_2 
_ndb_struct_na_base_pair_step.j_auth_asym_id_2 
_ndb_struct_na_base_pair_step.j_auth_seq_id_2 
_ndb_struct_na_base_pair_step.j_PDB_ins_code_2 
1 A DG 3  1_555 D DC 16 1_555 A DC 4  1_555 D DG 15 1_555 -0.100 -1.190 2.834 -0.957 0.530  21.848 -3.315 -0.059 2.807 1.398  
2.524  21.875 1  AA_DG3DC4:DG15DC16_DD A 3  ? D 16 ? A 4  ? D 15 ? 
1 A DC 4  1_555 D DG 15 1_555 A DG 6  1_555 D DC 13 1_555 -0.085 -0.478 6.806 -2.407 -5.893 76.149 -0.025 -0.079 6.822 -4.770 
1.949  76.374 2  AA_DC4DG6:DC13DG15_DD A 4  ? D 15 ? A 6  ? D 13 ? 
1 A DG 6  1_555 D DC 13 1_555 A DA 7  1_555 D DT 12 1_555 -0.031 -1.233 3.420 3.436  2.911  44.263 -1.906 0.368  3.325 3.852  
-4.547 44.480 3  AA_DG6DA7:DT12DC13_DD A 6  ? D 13 ? A 7  ? D 12 ? 
1 A DA 7  1_555 D DT 12 1_555 A DC 8  1_555 D DG 11 1_555 0.779  -1.486 3.591 -9.566 4.448  12.897 -7.998 -8.850 1.944 16.622 
35.746 16.648 4  AA_DA7DC8:DG11DT12_DD A 7  ? D 12 ? A 8  ? D 11 ? 
1 A DC 8  1_555 D DG 11 1_555 A DG 9  1_555 D DC 10 1_555 -0.897 -0.809 3.016 0.723  -1.779 44.050 -0.923 1.257  3.030 -2.371 
-0.963 44.089 5  AA_DC8DG9:DC10DG11_DD A 8  ? D 11 ? A 9  ? D 10 ? 
1 A DG 9  1_555 D DC 10 1_555 A DA 10 1_555 C DT 2  1_555 -0.623 -0.995 3.047 -8.459 -3.521 30.648 -1.185 -0.362 3.194 -6.482 
15.572 31.957 6  AA_DG9DA10:DT2DC10_CD A 9  ? D 10 ? A 10 ? C 2  ? 
1 A DA 10 1_555 C DT 2  1_555 A DG 11 1_555 C DC 1  1_555 0.274  -0.359 3.222 3.605  -1.544 33.799 -0.370 0.102  3.246 -2.644 
-6.175 34.019 7  AA_DA10DG11:DC1DT2_CC A 10 ? C 2  ? A 11 ? C 1  ? 
1 B DA 1  1_555 C DT 5  1_555 B DC 2  1_555 C DG 4  1_555 1.516  -1.662 3.259 2.263  -2.471 22.884 -3.246 -2.958 3.547 -6.184 
-5.665 23.125 8  BB_DA12DC13:DG4DT5_CC B 12 ? C 5  ? B 13 ? C 4  ? 
1 B DC 2  1_555 C DG 4  1_555 B DC 3  1_555 C DG 3  1_555 -0.729 -1.282 3.282 2.643  -0.035 39.517 -1.888 1.385  3.229 -0.051 
-3.903 39.602 9  BB_DC13DC14:DG3DG4_CC B 13 ? C 4  ? B 14 ? C 3  ? 
1 B DC 3  1_555 C DG 3  1_555 B DG 4  1_555 D DC 9  1_555 -0.464 -1.401 3.346 -3.684 2.133  29.334 -3.198 0.117  3.271 4.185  
7.226  29.635 10 BB_DC14DG15:DC9DG3_DC B 14 ? C 3  ? B 15 ? D 9  ? 
1 B DG 4  1_555 D DC 9  1_555 B DC 5  1_555 D DG 8  1_555 -0.235 0.226  3.603 4.326  1.533  30.332 0.095  1.380  3.542 2.908  
-8.209 30.669 11 BB_DG15DC16:DG8DC9_DD B 15 ? D 9  ? B 16 ? D 8  ? 
1 B DC 5  1_555 D DG 8  1_555 B DA 6  1_555 D DT 7  1_555 -0.776 0.648  3.268 -1.115 -0.890 46.060 0.905  0.896  3.273 -1.138 
1.424  46.081 12 BB_DC16DA17:DT7DG8_DD B 16 ? D 8  ? B 17 ? D 7  ? 
1 B DA 6  1_555 D DT 7  1_555 B DC 7  1_555 D DG 6  1_555 0.840  -1.881 3.582 -2.464 0.786  27.222 -4.189 -2.436 3.439 1.664  
5.220  27.342 13 BB_DA17DC18:DG6DT7_DD B 17 ? D 7  ? B 18 ? D 6  ? 
1 B DC 7  1_555 D DG 6  1_555 B DT 8  1_555 D DA 5  1_555 -0.645 -1.300 3.395 2.046  -0.690 29.785 -2.374 1.692  3.373 -1.340 
-3.974 29.861 14 BB_DC18DT19:DA5DG6_DD B 18 ? D 6  ? B 19 ? D 5  ? 
1 B DT 8  1_555 D DA 5  1_555 B DC 9  1_555 D DG 4  1_555 0.755  1.348  3.211 7.047  -1.755 43.281 1.970  -0.346 3.235 -2.359 
-9.474 43.857 15 BB_DT19DC20:DG4DA5_DD B 19 ? D 5  ? B 20 ? D 4  ? 
1 B DC 9  1_555 D DG 4  1_555 B DA 10 1_555 D DT 3  1_555 -0.025 0.144  3.456 3.639  3.359  30.048 -0.437 0.818  3.425 6.425  
-6.960 30.444 16 BB_DC20DA21:DT3DG4_DD B 20 ? D 4  ? B 21 ? D 3  ? 
# 
loop_
_pdbx_audit_support.funding_organization 
_pdbx_audit_support.country 
_pdbx_audit_support.grant_number 
_pdbx_audit_support.ordinal 
'National Science Foundation (NSF, United States)'                                         'United States' 1360635     1 
'National Institutes of Health/National Institute of General Medical Sciences (NIH/NIGMS)' 'United States' R01GM104960 2 
'National Science Foundation (NSF, United States)'                                         'United States' NSF2004250  3 
# 
_pdbx_entity_nonpoly.entity_id   5 
_pdbx_entity_nonpoly.name        'COBALT (II) ION' 
_pdbx_entity_nonpoly.comp_id     CO 
# 
_pdbx_initial_refinement_model.id               1 
_pdbx_initial_refinement_model.entity_id_list   ? 
_pdbx_initial_refinement_model.type             'experimental model' 
_pdbx_initial_refinement_model.source_name      PDB 
_pdbx_initial_refinement_model.accession_code   6X8C 
_pdbx_initial_refinement_model.details          ? 
# 
_pdbx_struct_assembly_auth_evidence.id                     1 
_pdbx_struct_assembly_auth_evidence.assembly_id            1 
_pdbx_struct_assembly_auth_evidence.experimental_support   none 
_pdbx_struct_assembly_auth_evidence.details                ? 
# 
